data_3IR6
#
_entry.id   3IR6
#
_cell.length_a   154.142
_cell.length_b   239.825
_cell.length_c   139.873
_cell.angle_alpha   90.000
_cell.angle_beta   90.000
_cell.angle_gamma   90.000
#
_symmetry.space_group_name_H-M   'C 2 2 21'
#
loop_
_entity.id
_entity.type
_entity.pdbx_description
1 polymer 'Respiratory nitrate reductase 1 alpha chain'
2 polymer 'Respiratory nitrate reductase 1 beta chain'
3 polymer 'Respiratory nitrate reductase 1 gamma chain'
4 non-polymer "GUANOSINE-5'-DIPHOSPHATE"
5 non-polymer '(1S)-2-{[{[(2S)-2,3-DIHYDROXYPROPYL]OXY}(HYDROXY)PHOSPHORYL]OXY}-1-[(PENTANOYLOXY)METHYL]ETHYL OCTANOATE'
6 non-polymer 'IRON/SULFUR CLUSTER'
7 non-polymer 'FE3-S4 CLUSTER'
8 non-polymer 'PROTOPORPHYRIN IX CONTAINING FE'
9 water water
#
loop_
_entity_poly.entity_id
_entity_poly.type
_entity_poly.pdbx_seq_one_letter_code
_entity_poly.pdbx_strand_id
1 'polypeptide(L)'
;MSKFLDRFRYFKQKGETFADGHGQLLNTNRDWEDGYRQRWQHDKIVRSTSGVNCTGSCSWKIYVKNGLVTWETQQTDYPR
TRPDLPNHEPRGCPRGASYSWYLYSANRLKYPMMRKRLMKMWREAKALHSDPVEAWASIIEDADKAKSFKQARGRGGFVR
SSWQEVNELIAASNVYTIKNYGPDRVAGFSPIPAMSMVSYASGARYLSLIGGTCLSFYDWYCDLPPASPQTWGEQTDVPE
SADWYNSSYIIAWGSNVPQTRTPDAHFFTEVRYKGTKTVAVTPDYAEIAKLCDLWLAPKQGTDAAMALAMGHVMLREFHL
DNPSQYFTDYVRRYTDMPMLVMLEERDGYYAAGRMLRAADLVDALGQENNPEWKTVAFNTNGEMVAPNGSIGFRWGEKGK
WNLEQRDGKTGEETELQLSLLGSQDEIAEVGFPYFGGDGTEHFNKVELENVLLHKLPVKRLQLADGSTALVTTVYDLTLA
NYGLERGLNDVNCATSYDDVKAYTPAWAEQITGVSRSQIIRIAREFADNADKTHGRSMIIVGAGLNHWYHLDMNYRGLIN
MLIFCGCVGQSGGGWAHYVGQEKLRPQTGWQPLAFALDWQRPARHMNSTSYFYNHSSQWRYETVTAEELLSPMADKSRYT
GHLIDFNVRAERMGWLPSAPQLGTNPLTIAGEAEKAGMNPVDYTVKSLKEGSIRFAAEQPENGKNHPRNLFIWRSNLLGS
SGKGHEFMLKYLLGTEHGIQGKDLGQQGGVKPEEVDWQDNGLEGKLDLVVTLDFRLSSTCLYSDIILPTATWYEKDDMNT
SDMHPFIHPLSAAVDPAWEAKSDWEIYKAIAKKFSEVCVGHLGKETDIVTLPIQHDSAAELAQPLDVKDWKKGECDLIPG
KTAPHIMVVERDYPATYERFTSIGPLMEKIGNGGKGIAWNTQSEMDLLRKLNYTKAEGPAKGQPMLNTAIDAAEMILTLA
PETNGQVAVKAWAALSEFTGRDHTHLALNKEDEKIRFRDIQAQPRKIISSPTWSGLEDEHVSYNAGYTNVHELIPWRTLS
GRQQLYQDHQWMRDFGESLLVYRPPIDTRSVKEVIGQKSNGNQEKALNFLTPHQKWGIHSTYSDNLLMLTLGRGGPVVWL
SEADAKDLGIADNDWIEVFNSNGALTARAVVSQRVPAGMTMMYHAQERIVNLPGSEITQQRGGIHNSVTRITPKPTHMIG
GYAHLAYGFNYYGTVGSNRDEFVVVRKMKNIDWLDGEGNDQVQESVK
;
A
2 'polypeptide(L)'
;MKIRSQVGMVLNLDKCIGCHTCSVTCKNVWTSREGVEYAWFNNVETKPGQGFPTDWENQEKYKGGWIRKINGKLQPRMGN
RAMLLGKIFANPHLPGIDDYYEPFDFDYQNLHTAPEGSKSQPIARPRSLITGERMAKIEKGPNWEDDLGGEFDKLAKDKN
FDNIQKAMYSQFENTFMMYLPRLCEHCLNPACVATCPSGAIYKREEDGIVLIDQDKCRGWRMCITGCPYKKIYFNWKSGK
SEKCIFCYPRIEAGQPTVCSETCVGRIRYLGVLLYDADAIERAASTENEKDLYQRQLDVFLDPNDPKVIEQAIKDGIPLS
VIEAAQQSPVYKMAMEWKLALPLHPEYRTLPMVWYVPPLSPIQSAADAGELGSNGILPDVESLRIPVQYLANLLTAGDTK
PVLRALKRMLAMRHYKRAETVDGKVDTRALEEVGLTEAQAQEMYRYLAIANYEDRFVVPSSHRELAREAFPEKNGCGFTF
GDGCHGSDTKFNLFNSRRIDAIDVTSKTEPHP
;
B
3 'polypeptide(L)'
;(FME)QFLNMFFFDIYPYIAGAVFLIGSWLRYDYGQYTWRAASSQMLDRKGMNLASNLFHIGILGIFVGHFFGMLTPHWM
YEAWLPIEVKQKMAMFAGGASGVLCLIGGVLLLKRRLFSPRVRATTTGADILILSLLVIQCALGLLTIPFSAQHMDGSEM
MKLVGWAQSVVTFHGGASQHLDGVAFIFRLHLVLGMTLFLLFPFSRLIHIWSVPVEYLTRKYQLVRARH
;
C
#
loop_
_chem_comp.id
_chem_comp.type
_chem_comp.name
_chem_comp.formula
AGA non-polymer '(1S)-2-{[{[(2S)-2,3-DIHYDROXYPROPYL]OXY}(HYDROXY)PHOSPHORYL]OXY}-1-[(PENTANOYLOXY)METHYL]ETHYL OCTANOATE' 'C19 H36 O10 P -1'
F3S non-polymer 'FE3-S4 CLUSTER' 'Fe3 S4'
GDP RNA linking GUANOSINE-5'-DIPHOSPHATE 'C10 H15 N5 O11 P2'
HEM non-polymer 'PROTOPORPHYRIN IX CONTAINING FE' 'C34 H32 Fe N4 O4'
SF4 non-polymer 'IRON/SULFUR CLUSTER' 'Fe4 S4'
#
# COMPACT_ATOMS: atom_id res chain seq x y z
N SER A 2 16.37 -47.23 10.48
CA SER A 2 15.10 -47.76 9.89
C SER A 2 13.88 -47.20 10.62
N LYS A 3 13.03 -46.48 9.89
CA LYS A 3 11.82 -45.92 10.48
C LYS A 3 10.82 -47.04 10.73
N PHE A 4 10.96 -48.11 9.95
CA PHE A 4 10.11 -49.28 10.06
C PHE A 4 10.46 -50.04 11.34
N LEU A 5 11.75 -50.13 11.65
CA LEU A 5 12.18 -50.81 12.85
C LEU A 5 11.84 -49.97 14.08
N ASP A 6 11.69 -48.67 13.89
CA ASP A 6 11.35 -47.81 15.01
C ASP A 6 9.98 -48.10 15.59
N ARG A 7 9.02 -48.46 14.72
CA ARG A 7 7.68 -48.78 15.19
C ARG A 7 7.71 -49.80 16.32
N PHE A 8 8.45 -50.89 16.10
CA PHE A 8 8.59 -51.94 17.11
C PHE A 8 9.24 -51.48 18.42
N ARG A 9 9.33 -50.17 18.63
CA ARG A 9 9.95 -49.61 19.87
C ARG A 9 9.09 -48.48 20.56
N GLN A 13 9.05 -46.51 24.44
CA GLN A 13 8.94 -45.09 23.92
C GLN A 13 7.75 -44.24 24.46
N LYS A 14 6.84 -44.85 25.24
CA LYS A 14 5.70 -44.11 25.82
C LYS A 14 6.12 -43.62 27.22
N GLY A 15 6.36 -42.33 27.39
CA GLY A 15 6.72 -41.81 28.70
C GLY A 15 5.51 -41.73 29.62
N GLU A 16 5.51 -40.76 30.53
CA GLU A 16 4.40 -40.58 31.47
C GLU A 16 3.14 -40.00 30.83
N THR A 17 2.00 -40.22 31.47
CA THR A 17 0.74 -39.67 31.00
C THR A 17 0.58 -38.46 31.89
N PHE A 18 -0.37 -37.58 31.56
CA PHE A 18 -0.64 -36.38 32.37
C PHE A 18 -2.11 -36.02 32.27
N ALA A 19 -2.54 -35.05 33.07
CA ALA A 19 -3.93 -34.63 33.07
C ALA A 19 -4.88 -35.79 33.25
N ASP A 20 -4.60 -36.66 34.23
CA ASP A 20 -5.44 -37.82 34.53
C ASP A 20 -5.67 -38.74 33.35
N GLY A 21 -4.62 -39.06 32.62
CA GLY A 21 -4.80 -39.95 31.47
C GLY A 21 -5.45 -39.29 30.27
N HIS A 22 -5.53 -37.96 30.28
CA HIS A 22 -6.11 -37.23 29.16
C HIS A 22 -4.96 -37.02 28.17
N GLY A 23 -3.73 -37.11 28.67
CA GLY A 23 -2.56 -36.92 27.86
C GLY A 23 -1.48 -37.99 28.01
N GLN A 24 -0.51 -37.93 27.10
CA GLN A 24 0.59 -38.88 27.08
C GLN A 24 1.84 -38.22 26.52
N LEU A 25 2.90 -38.17 27.32
CA LEU A 25 4.18 -37.62 26.89
C LEU A 25 4.90 -38.78 26.17
N LEU A 26 5.25 -38.56 24.90
CA LEU A 26 5.93 -39.56 24.09
C LEU A 26 7.40 -39.16 23.93
N ASN A 27 8.31 -40.11 24.02
CA ASN A 27 9.73 -39.80 23.83
C ASN A 27 10.02 -40.34 22.44
N THR A 28 9.74 -39.52 21.44
CA THR A 28 9.90 -40.01 20.10
C THR A 28 10.67 -39.07 19.19
N ASN A 29 11.13 -39.61 18.07
CA ASN A 29 11.90 -38.89 17.08
C ASN A 29 11.22 -37.65 16.52
N ARG A 30 12.01 -36.58 16.33
CA ARG A 30 11.51 -35.32 15.81
C ARG A 30 12.40 -34.73 14.70
N ASP A 31 13.25 -35.55 14.09
CA ASP A 31 14.15 -35.08 13.04
C ASP A 31 13.42 -34.46 11.86
N TRP A 32 12.16 -34.82 11.68
CA TRP A 32 11.40 -34.32 10.55
C TRP A 32 11.29 -32.82 10.61
N GLU A 33 11.43 -32.26 11.81
CA GLU A 33 11.34 -30.82 12.00
C GLU A 33 12.42 -30.07 11.20
N ASP A 34 13.50 -30.74 10.82
CA ASP A 34 14.54 -30.07 10.04
C ASP A 34 13.92 -29.48 8.77
N GLY A 35 12.91 -30.16 8.23
CA GLY A 35 12.26 -29.71 7.01
C GLY A 35 11.95 -28.23 6.97
N TYR A 36 11.23 -27.71 7.95
CA TYR A 36 10.89 -26.31 7.97
C TYR A 36 12.08 -25.40 8.36
N ARG A 37 13.04 -25.94 9.10
CA ARG A 37 14.22 -25.19 9.50
C ARG A 37 15.05 -24.94 8.24
N GLN A 38 15.09 -25.93 7.35
CA GLN A 38 15.85 -25.85 6.11
C GLN A 38 15.26 -24.83 5.13
N ARG A 39 13.99 -24.48 5.32
CA ARG A 39 13.36 -23.48 4.45
C ARG A 39 13.73 -22.09 4.94
N TRP A 40 13.71 -21.90 6.25
CA TRP A 40 14.02 -20.63 6.84
C TRP A 40 15.45 -20.16 6.62
N GLN A 41 16.41 -21.09 6.65
CA GLN A 41 17.81 -20.72 6.49
C GLN A 41 18.08 -20.10 5.12
N HIS A 42 18.91 -19.06 5.12
CA HIS A 42 19.24 -18.31 3.90
C HIS A 42 20.74 -18.02 3.76
N ASP A 43 21.13 -17.67 2.54
CA ASP A 43 22.51 -17.39 2.14
C ASP A 43 23.10 -16.12 2.75
N LYS A 44 22.24 -15.16 3.04
CA LYS A 44 22.68 -13.90 3.61
C LYS A 44 21.51 -12.95 3.60
N ILE A 45 21.77 -11.73 4.04
CA ILE A 45 20.75 -10.70 4.06
C ILE A 45 21.37 -9.37 3.59
N VAL A 46 20.58 -8.60 2.85
CA VAL A 46 21.05 -7.34 2.30
C VAL A 46 20.02 -6.26 2.62
N ARG A 47 20.47 -5.04 2.89
CA ARG A 47 19.55 -3.96 3.20
C ARG A 47 19.19 -3.14 1.95
N SER A 48 17.89 -2.96 1.71
CA SER A 48 17.42 -2.21 0.56
C SER A 48 15.93 -1.87 0.76
N THR A 49 15.37 -1.00 -0.08
CA THR A 49 13.96 -0.62 0.08
C THR A 49 13.26 -0.24 -1.23
N SER A 57 9.56 4.21 1.99
CA SER A 57 10.80 4.64 2.73
C SER A 57 10.99 3.74 3.96
N CYS A 58 11.27 2.47 3.69
CA CYS A 58 11.46 1.48 4.74
C CYS A 58 12.59 0.51 4.41
N SER A 59 13.63 0.51 5.24
CA SER A 59 14.74 -0.40 5.04
C SER A 59 14.20 -1.84 5.18
N TRP A 60 14.37 -2.66 4.15
CA TRP A 60 13.93 -4.04 4.19
C TRP A 60 15.17 -4.93 4.10
N LYS A 61 15.10 -6.11 4.70
CA LYS A 61 16.19 -7.06 4.66
C LYS A 61 15.86 -7.98 3.52
N ILE A 62 16.73 -8.09 2.54
CA ILE A 62 16.50 -8.99 1.41
C ILE A 62 17.16 -10.32 1.79
N TYR A 63 16.41 -11.41 1.68
CA TYR A 63 16.97 -12.71 2.00
C TYR A 63 17.29 -13.46 0.72
N VAL A 64 18.56 -13.81 0.53
CA VAL A 64 18.90 -14.57 -0.66
C VAL A 64 19.06 -15.99 -0.18
N LYS A 65 18.69 -16.93 -1.03
CA LYS A 65 18.74 -18.35 -0.69
C LYS A 65 18.83 -19.10 -2.03
N ASN A 66 19.75 -20.05 -2.11
CA ASN A 66 19.97 -20.79 -3.35
C ASN A 66 20.37 -19.81 -4.47
N GLY A 67 20.99 -18.71 -4.05
CA GLY A 67 21.45 -17.70 -4.99
C GLY A 67 20.34 -16.86 -5.58
N LEU A 68 19.15 -17.01 -5.04
CA LEU A 68 17.97 -16.28 -5.50
C LEU A 68 17.31 -15.51 -4.37
N VAL A 69 16.69 -14.38 -4.72
CA VAL A 69 15.97 -13.59 -3.73
C VAL A 69 14.68 -14.36 -3.44
N THR A 70 14.47 -14.77 -2.20
CA THR A 70 13.27 -15.52 -1.90
C THR A 70 12.20 -14.74 -1.13
N TRP A 71 12.60 -13.86 -0.22
CA TRP A 71 11.62 -13.07 0.53
C TRP A 71 12.24 -11.87 1.23
N GLU A 72 11.43 -11.09 1.93
CA GLU A 72 11.93 -9.92 2.65
C GLU A 72 11.21 -9.63 3.97
N THR A 73 11.89 -8.95 4.88
CA THR A 73 11.30 -8.56 6.16
C THR A 73 11.83 -7.16 6.54
N GLN A 74 11.15 -6.47 7.45
CA GLN A 74 11.60 -5.15 7.82
C GLN A 74 12.86 -5.12 8.67
N GLN A 75 13.67 -4.10 8.41
CA GLN A 75 14.87 -3.88 9.20
C GLN A 75 14.33 -3.13 10.41
N THR A 76 14.81 -3.49 11.60
CA THR A 76 14.35 -2.90 12.84
C THR A 76 15.47 -2.16 13.56
N ASP A 77 16.51 -1.77 12.83
CA ASP A 77 17.65 -1.11 13.44
C ASP A 77 17.75 0.39 13.26
N TYR A 78 16.63 1.05 13.01
CA TYR A 78 16.66 2.50 12.87
C TYR A 78 17.17 3.03 14.20
N PRO A 79 17.84 4.18 14.19
CA PRO A 79 18.34 4.76 15.43
C PRO A 79 17.11 5.10 16.25
N ARG A 80 17.03 4.58 17.47
CA ARG A 80 15.89 4.81 18.35
C ARG A 80 15.65 6.28 18.68
N THR A 81 14.38 6.62 18.88
CA THR A 81 14.01 7.98 19.17
C THR A 81 14.00 8.19 20.67
N ARG A 82 14.00 9.46 21.08
CA ARG A 82 13.96 9.82 22.49
C ARG A 82 13.19 8.76 23.26
N PRO A 83 13.59 8.50 24.50
CA PRO A 83 12.93 7.49 25.32
C PRO A 83 11.41 7.68 25.48
N ASP A 84 10.96 8.93 25.46
CA ASP A 84 9.54 9.26 25.63
C ASP A 84 8.73 9.20 24.34
N LEU A 85 9.31 8.64 23.29
CA LEU A 85 8.64 8.50 22.01
C LEU A 85 8.75 7.04 21.54
N PRO A 86 7.72 6.56 20.82
CA PRO A 86 7.91 5.18 20.38
C PRO A 86 8.93 5.23 19.25
N ASN A 87 9.53 4.10 18.92
CA ASN A 87 10.52 4.05 17.86
C ASN A 87 9.85 3.76 16.52
N HIS A 88 10.61 3.91 15.44
CA HIS A 88 10.08 3.68 14.12
C HIS A 88 9.93 2.22 13.75
N GLU A 89 10.87 1.38 14.17
CA GLU A 89 10.80 -0.04 13.81
C GLU A 89 9.39 -0.53 14.00
N PRO A 90 8.91 -1.40 13.10
CA PRO A 90 9.66 -1.91 11.95
C PRO A 90 9.37 -1.16 10.64
N ARG A 91 8.27 -0.41 10.62
CA ARG A 91 7.83 0.29 9.42
C ARG A 91 7.40 -0.78 8.44
N GLY A 92 7.33 -0.45 7.15
CA GLY A 92 6.90 -1.44 6.17
C GLY A 92 5.41 -1.41 5.87
N CYS A 93 5.00 -2.17 4.86
CA CYS A 93 3.60 -2.24 4.46
C CYS A 93 3.39 -3.55 3.70
N PRO A 94 2.13 -3.88 3.37
CA PRO A 94 1.83 -5.12 2.64
C PRO A 94 2.33 -5.08 1.20
N ARG A 95 2.32 -3.90 0.60
CA ARG A 95 2.81 -3.75 -0.76
C ARG A 95 4.29 -4.04 -0.71
N GLY A 96 4.98 -3.37 0.20
CA GLY A 96 6.40 -3.55 0.36
C GLY A 96 6.79 -5.00 0.57
N ALA A 97 6.05 -5.71 1.41
CA ALA A 97 6.34 -7.11 1.72
C ALA A 97 6.17 -8.09 0.56
N SER A 98 5.59 -7.63 -0.54
CA SER A 98 5.37 -8.50 -1.67
C SER A 98 6.27 -8.22 -2.86
N TYR A 99 7.10 -7.18 -2.75
CA TYR A 99 7.98 -6.79 -3.84
C TYR A 99 8.75 -7.95 -4.44
N SER A 100 9.34 -8.77 -3.57
CA SER A 100 10.11 -9.94 -3.96
C SER A 100 9.49 -10.73 -5.12
N TRP A 101 8.17 -10.69 -5.20
CA TRP A 101 7.42 -11.42 -6.22
C TRP A 101 7.85 -11.04 -7.65
N TYR A 102 8.01 -9.74 -7.86
CA TYR A 102 8.40 -9.20 -9.16
C TYR A 102 9.64 -9.75 -9.84
N LEU A 103 10.67 -10.03 -9.06
CA LEU A 103 11.94 -10.51 -9.61
C LEU A 103 11.94 -11.60 -10.69
N TYR A 104 11.21 -12.70 -10.49
CA TYR A 104 11.18 -13.74 -11.51
C TYR A 104 9.75 -14.08 -11.90
N SER A 105 8.84 -13.12 -11.71
CA SER A 105 7.43 -13.32 -12.03
C SER A 105 7.24 -13.39 -13.53
N ALA A 106 6.07 -13.83 -13.95
CA ALA A 106 5.76 -13.95 -15.36
C ALA A 106 5.59 -12.60 -16.05
N ASN A 107 5.64 -11.52 -15.29
CA ASN A 107 5.47 -10.19 -15.88
C ASN A 107 6.75 -9.37 -15.87
N ARG A 108 7.87 -10.05 -15.59
CA ARG A 108 9.18 -9.41 -15.54
C ARG A 108 9.73 -9.14 -16.93
N LEU A 109 10.19 -7.91 -17.15
CA LEU A 109 10.78 -7.53 -18.42
C LEU A 109 12.23 -7.97 -18.40
N LYS A 110 12.59 -8.83 -19.34
CA LYS A 110 13.94 -9.36 -19.38
C LYS A 110 14.85 -8.80 -20.45
N TYR A 111 14.27 -8.34 -21.56
CA TYR A 111 15.07 -7.87 -22.66
C TYR A 111 14.58 -6.59 -23.23
N PRO A 112 15.45 -5.87 -23.93
CA PRO A 112 14.93 -4.63 -24.51
C PRO A 112 13.95 -5.12 -25.60
N MET A 113 12.77 -4.51 -25.63
CA MET A 113 11.72 -4.90 -26.58
C MET A 113 11.42 -3.75 -27.53
N MET A 114 11.02 -4.11 -28.75
CA MET A 114 10.68 -3.12 -29.75
C MET A 114 9.44 -3.58 -30.50
N ARG A 115 8.65 -2.62 -30.97
CA ARG A 115 7.43 -2.93 -31.73
C ARG A 115 7.89 -3.47 -33.08
N LYS A 116 7.43 -4.66 -33.44
CA LYS A 116 7.79 -5.31 -34.70
C LYS A 116 7.72 -4.42 -35.95
N ARG A 117 6.58 -3.76 -36.16
CA ARG A 117 6.47 -2.91 -37.33
C ARG A 117 7.62 -1.92 -37.37
N LEU A 118 7.95 -1.34 -36.22
CA LEU A 118 9.04 -0.37 -36.15
C LEU A 118 10.40 -1.00 -36.36
N MET A 119 10.55 -2.26 -35.98
CA MET A 119 11.82 -2.95 -36.14
C MET A 119 12.04 -3.34 -37.62
N LYS A 120 10.95 -3.69 -38.30
CA LYS A 120 11.02 -4.06 -39.70
C LYS A 120 11.47 -2.81 -40.49
N MET A 121 10.84 -1.67 -40.26
CA MET A 121 11.23 -0.46 -40.99
C MET A 121 12.60 0.08 -40.60
N TRP A 122 13.02 -0.21 -39.37
CA TRP A 122 14.32 0.25 -38.88
C TRP A 122 15.47 -0.48 -39.54
N ARG A 123 15.35 -1.80 -39.62
CA ARG A 123 16.41 -2.58 -40.25
C ARG A 123 16.45 -2.36 -41.74
N GLU A 124 15.28 -2.16 -42.34
CA GLU A 124 15.21 -1.92 -43.77
C GLU A 124 15.79 -0.54 -44.07
N ALA A 125 15.65 0.38 -43.12
CA ALA A 125 16.19 1.73 -43.30
C ALA A 125 17.70 1.75 -43.11
N LYS A 126 18.20 1.05 -42.10
CA LYS A 126 19.63 1.01 -41.84
C LYS A 126 20.40 0.45 -43.04
N ALA A 127 19.74 -0.42 -43.80
CA ALA A 127 20.34 -1.04 -44.97
C ALA A 127 20.42 -0.05 -46.14
N LEU A 128 19.69 1.05 -46.07
CA LEU A 128 19.70 2.05 -47.12
C LEU A 128 20.37 3.33 -46.64
N HIS A 129 20.58 3.42 -45.34
CA HIS A 129 21.21 4.60 -44.76
C HIS A 129 22.20 4.14 -43.72
N SER A 130 23.46 4.14 -44.11
CA SER A 130 24.53 3.72 -43.23
C SER A 130 24.53 4.57 -41.96
N ASP A 131 23.97 5.77 -42.05
CA ASP A 131 23.92 6.64 -40.90
C ASP A 131 22.56 6.55 -40.24
N PRO A 132 22.53 6.15 -38.95
CA PRO A 132 21.29 6.01 -38.19
C PRO A 132 20.36 7.23 -38.18
N VAL A 133 20.91 8.44 -38.13
CA VAL A 133 20.07 9.62 -38.11
C VAL A 133 19.27 9.73 -39.41
N GLU A 134 19.94 9.49 -40.52
CA GLU A 134 19.29 9.57 -41.81
C GLU A 134 18.27 8.44 -41.95
N ALA A 135 18.60 7.28 -41.40
CA ALA A 135 17.69 6.14 -41.44
C ALA A 135 16.43 6.47 -40.65
N TRP A 136 16.59 7.12 -39.50
CA TRP A 136 15.44 7.50 -38.69
C TRP A 136 14.64 8.57 -39.43
N ALA A 137 15.35 9.50 -40.06
CA ALA A 137 14.72 10.58 -40.81
C ALA A 137 13.87 10.00 -41.93
N SER A 138 14.33 8.91 -42.54
CA SER A 138 13.60 8.30 -43.64
C SER A 138 12.27 7.68 -43.24
N ILE A 139 12.20 7.15 -42.02
CA ILE A 139 10.99 6.51 -41.54
C ILE A 139 10.03 7.54 -40.99
N ILE A 140 10.53 8.40 -40.12
CA ILE A 140 9.72 9.40 -39.48
C ILE A 140 9.14 10.43 -40.42
N GLU A 141 9.86 10.72 -41.50
CA GLU A 141 9.43 11.71 -42.49
C GLU A 141 8.42 11.16 -43.50
N ASP A 142 8.15 9.86 -43.42
CA ASP A 142 7.18 9.22 -44.29
C ASP A 142 5.88 9.08 -43.48
N ALA A 143 4.77 9.60 -44.00
CA ALA A 143 3.50 9.54 -43.26
C ALA A 143 2.87 8.16 -43.15
N ASP A 144 3.22 7.25 -44.04
CA ASP A 144 2.64 5.92 -44.00
C ASP A 144 3.49 5.02 -43.13
N LYS A 145 4.73 5.41 -42.93
CA LYS A 145 5.64 4.64 -42.11
C LYS A 145 5.39 5.06 -40.68
N ALA A 146 5.47 6.36 -40.46
CA ALA A 146 5.25 6.94 -39.16
C ALA A 146 3.98 6.40 -38.51
N LYS A 147 2.89 6.49 -39.27
CA LYS A 147 1.59 6.04 -38.79
C LYS A 147 1.44 4.53 -38.68
N SER A 148 2.15 3.78 -39.52
CA SER A 148 2.02 2.33 -39.48
C SER A 148 2.53 1.73 -38.17
N PHE A 149 3.39 2.44 -37.46
CA PHE A 149 3.89 1.91 -36.21
C PHE A 149 3.31 2.67 -35.02
N LYS A 150 2.73 3.84 -35.27
CA LYS A 150 2.11 4.60 -34.20
C LYS A 150 0.75 3.96 -33.90
N GLN A 151 0.15 3.36 -34.93
CA GLN A 151 -1.13 2.69 -34.78
C GLN A 151 -0.97 1.31 -34.18
N ALA A 152 0.25 0.79 -34.23
CA ALA A 152 0.53 -0.52 -33.65
C ALA A 152 0.58 -0.40 -32.11
N ARG A 153 0.77 0.83 -31.62
CA ARG A 153 0.85 1.07 -30.18
C ARG A 153 -0.34 0.49 -29.43
N GLY A 154 -0.03 -0.26 -28.37
CA GLY A 154 -1.05 -0.88 -27.55
C GLY A 154 -1.75 -2.04 -28.22
N ARG A 155 -1.25 -2.45 -29.38
CA ARG A 155 -1.86 -3.55 -30.11
C ARG A 155 -0.94 -4.73 -30.35
N GLY A 156 -0.13 -5.06 -29.35
CA GLY A 156 0.78 -6.18 -29.45
C GLY A 156 1.93 -5.96 -30.41
N GLY A 157 2.65 -7.03 -30.73
CA GLY A 157 3.76 -6.92 -31.66
C GLY A 157 5.17 -6.78 -31.11
N PHE A 158 5.31 -6.76 -29.79
CA PHE A 158 6.64 -6.63 -29.24
C PHE A 158 7.53 -7.81 -29.58
N VAL A 159 8.78 -7.52 -29.95
CA VAL A 159 9.75 -8.56 -30.26
C VAL A 159 11.04 -8.26 -29.52
N ARG A 160 11.80 -9.32 -29.25
CA ARG A 160 13.06 -9.17 -28.54
C ARG A 160 14.04 -8.39 -29.39
N SER A 161 14.73 -7.46 -28.78
CA SER A 161 15.69 -6.63 -29.47
C SER A 161 16.98 -6.71 -28.68
N SER A 162 17.88 -5.76 -28.86
CA SER A 162 19.12 -5.78 -28.10
C SER A 162 19.46 -4.37 -27.67
N TRP A 163 20.37 -4.27 -26.70
CA TRP A 163 20.81 -2.99 -26.18
C TRP A 163 21.47 -2.23 -27.30
N GLN A 164 22.26 -2.96 -28.08
CA GLN A 164 22.98 -2.37 -29.18
C GLN A 164 22.03 -1.72 -30.16
N GLU A 165 20.92 -2.39 -30.43
CA GLU A 165 19.94 -1.87 -31.38
C GLU A 165 19.11 -0.72 -30.87
N VAL A 166 18.44 -0.92 -29.74
CA VAL A 166 17.60 0.12 -29.20
C VAL A 166 18.36 1.40 -28.84
N ASN A 167 19.55 1.26 -28.26
CA ASN A 167 20.35 2.43 -27.90
C ASN A 167 20.60 3.27 -29.14
N GLU A 168 20.99 2.63 -30.24
CA GLU A 168 21.27 3.35 -31.46
C GLU A 168 20.02 4.03 -31.98
N LEU A 169 18.92 3.29 -32.07
CA LEU A 169 17.68 3.87 -32.57
C LEU A 169 17.26 5.06 -31.71
N ILE A 170 17.42 4.93 -30.40
CA ILE A 170 17.05 6.00 -29.50
C ILE A 170 17.88 7.28 -29.70
N ALA A 171 19.19 7.12 -29.75
CA ALA A 171 20.08 8.25 -29.93
C ALA A 171 19.84 8.86 -31.30
N ALA A 172 19.70 8.00 -32.32
CA ALA A 172 19.44 8.47 -33.68
C ALA A 172 18.21 9.39 -33.67
N SER A 173 17.14 8.92 -33.03
CA SER A 173 15.91 9.68 -32.94
C SER A 173 16.09 10.97 -32.15
N ASN A 174 16.87 10.91 -31.06
CA ASN A 174 17.12 12.09 -30.24
C ASN A 174 17.90 13.18 -30.99
N VAL A 175 18.91 12.75 -31.74
CA VAL A 175 19.72 13.68 -32.51
C VAL A 175 18.84 14.31 -33.59
N TYR A 176 18.20 13.47 -34.38
CA TYR A 176 17.34 13.95 -35.45
C TYR A 176 16.30 14.94 -34.99
N THR A 177 15.79 14.73 -33.79
CA THR A 177 14.76 15.61 -33.24
C THR A 177 15.33 16.93 -32.74
N ILE A 178 16.50 16.88 -32.10
CA ILE A 178 17.14 18.09 -31.58
C ILE A 178 17.60 18.97 -32.74
N LYS A 179 18.18 18.31 -33.75
CA LYS A 179 18.71 18.95 -34.95
C LYS A 179 17.70 19.66 -35.82
N ASN A 180 16.50 19.13 -35.94
CA ASN A 180 15.51 19.78 -36.80
C ASN A 180 14.48 20.63 -36.07
N TYR A 181 13.90 20.11 -35.00
CA TYR A 181 12.90 20.87 -34.26
C TYR A 181 13.51 21.55 -33.03
N GLY A 182 14.47 20.90 -32.38
CA GLY A 182 15.09 21.52 -31.22
C GLY A 182 15.12 20.63 -29.99
N PRO A 183 16.07 20.86 -29.08
CA PRO A 183 16.19 20.04 -27.86
C PRO A 183 14.92 19.95 -27.01
N ASP A 184 14.15 21.03 -26.94
CA ASP A 184 12.93 21.01 -26.13
C ASP A 184 11.77 20.22 -26.72
N ARG A 185 12.03 19.48 -27.80
CA ARG A 185 11.00 18.63 -28.39
C ARG A 185 11.27 17.19 -27.92
N VAL A 186 12.25 17.08 -27.01
CA VAL A 186 12.65 15.82 -26.39
C VAL A 186 12.35 15.98 -24.91
N ALA A 187 11.63 15.03 -24.32
CA ALA A 187 11.31 15.14 -22.89
C ALA A 187 11.29 13.84 -22.11
N GLY A 188 11.30 13.99 -20.80
CA GLY A 188 11.25 12.83 -19.95
C GLY A 188 10.39 13.09 -18.74
N PHE A 189 9.56 12.12 -18.40
CA PHE A 189 8.71 12.23 -17.22
C PHE A 189 9.14 11.19 -16.20
N SER A 190 9.44 11.66 -14.99
CA SER A 190 9.82 10.78 -13.90
C SER A 190 9.30 11.44 -12.63
N PRO A 191 8.75 10.66 -11.70
CA PRO A 191 8.22 11.25 -10.49
C PRO A 191 9.04 11.07 -9.22
N ILE A 192 8.38 11.38 -8.11
CA ILE A 192 8.90 11.29 -6.75
C ILE A 192 10.36 10.84 -6.63
N PRO A 193 11.29 11.78 -6.82
CA PRO A 193 12.73 11.52 -6.76
C PRO A 193 13.22 10.98 -5.42
N ALA A 194 12.54 11.33 -4.33
CA ALA A 194 12.94 10.85 -3.01
C ALA A 194 13.00 9.33 -2.94
N MET A 195 12.20 8.65 -3.77
CA MET A 195 12.14 7.18 -3.80
C MET A 195 13.48 6.58 -4.28
N SER A 196 14.15 7.29 -5.18
CA SER A 196 15.43 6.81 -5.70
C SER A 196 16.12 7.95 -6.43
N MET A 197 16.71 8.84 -5.64
CA MET A 197 17.40 10.03 -6.13
C MET A 197 18.23 9.83 -7.37
N VAL A 198 19.09 8.84 -7.35
CA VAL A 198 19.96 8.59 -8.48
C VAL A 198 19.22 7.99 -9.67
N SER A 199 18.30 7.05 -9.42
CA SER A 199 17.54 6.46 -10.52
C SER A 199 16.78 7.53 -11.30
N TYR A 200 16.29 8.54 -10.59
CA TYR A 200 15.56 9.64 -11.20
C TYR A 200 16.55 10.56 -11.87
N ALA A 201 17.63 10.88 -11.17
CA ALA A 201 18.66 11.76 -11.71
C ALA A 201 19.27 11.28 -13.02
N SER A 202 19.34 9.97 -13.24
CA SER A 202 19.92 9.43 -14.47
C SER A 202 19.31 10.00 -15.75
N GLY A 203 18.03 9.76 -15.99
CA GLY A 203 17.40 10.30 -17.19
C GLY A 203 17.36 11.83 -17.17
N ALA A 204 17.19 12.41 -15.99
CA ALA A 204 17.14 13.86 -15.89
C ALA A 204 18.46 14.52 -16.30
N ARG A 205 19.57 13.92 -15.93
CA ARG A 205 20.88 14.47 -16.25
C ARG A 205 21.10 14.45 -17.74
N TYR A 206 20.75 13.33 -18.36
CA TYR A 206 20.92 13.20 -19.81
C TYR A 206 20.01 14.17 -20.55
N LEU A 207 18.80 14.35 -20.05
CA LEU A 207 17.86 15.27 -20.70
C LEU A 207 18.32 16.69 -20.50
N SER A 208 18.78 17.00 -19.30
CA SER A 208 19.21 18.36 -19.01
C SER A 208 20.38 18.75 -19.87
N LEU A 209 21.38 17.88 -19.94
CA LEU A 209 22.55 18.16 -20.76
C LEU A 209 22.20 18.45 -22.21
N ILE A 210 21.39 17.59 -22.82
CA ILE A 210 21.02 17.79 -24.22
C ILE A 210 19.92 18.83 -24.44
N GLY A 211 19.45 19.42 -23.35
CA GLY A 211 18.43 20.45 -23.45
C GLY A 211 16.99 19.98 -23.49
N GLY A 212 16.76 18.69 -23.27
CA GLY A 212 15.40 18.16 -23.26
C GLY A 212 14.64 18.70 -22.06
N THR A 213 13.32 18.65 -22.12
CA THR A 213 12.54 19.16 -20.99
C THR A 213 12.30 18.10 -19.92
N CYS A 214 12.36 18.53 -18.67
CA CYS A 214 12.13 17.65 -17.52
C CYS A 214 10.76 18.00 -16.90
N LEU A 215 9.77 17.15 -17.13
CA LEU A 215 8.42 17.38 -16.62
C LEU A 215 8.26 17.19 -15.11
N SER A 216 7.37 17.99 -14.51
CA SER A 216 7.13 17.92 -13.08
C SER A 216 6.17 16.80 -12.69
N PHE A 217 5.94 16.61 -11.40
CA PHE A 217 5.04 15.55 -10.94
C PHE A 217 4.20 15.92 -9.72
N TYR A 218 4.77 16.70 -8.80
CA TYR A 218 4.07 17.09 -7.57
C TYR A 218 2.76 17.82 -7.83
N ASP A 219 2.77 18.75 -8.77
CA ASP A 219 1.57 19.49 -9.11
C ASP A 219 0.72 18.60 -10.03
N TRP A 220 1.38 17.81 -10.87
CA TRP A 220 0.70 16.91 -11.80
C TRP A 220 -0.23 15.93 -11.07
N TYR A 221 0.27 15.27 -10.03
CA TYR A 221 -0.53 14.32 -9.29
C TYR A 221 -1.56 15.01 -8.41
N CYS A 222 -1.36 16.31 -8.19
CA CYS A 222 -2.23 17.10 -7.34
C CYS A 222 -1.84 16.78 -5.91
N ASP A 223 -0.56 16.51 -5.71
CA ASP A 223 -0.03 16.22 -4.39
C ASP A 223 0.42 17.57 -3.83
N LEU A 224 0.73 18.49 -4.74
CA LEU A 224 1.12 19.86 -4.39
C LEU A 224 -0.07 20.63 -3.82
N PRO A 225 0.05 21.15 -2.59
CA PRO A 225 -1.04 21.92 -1.99
C PRO A 225 -0.77 23.42 -2.24
N PRO A 226 -1.38 24.00 -3.29
CA PRO A 226 -1.20 25.41 -3.66
C PRO A 226 -1.35 26.38 -2.49
N ALA A 227 -2.18 25.99 -1.52
CA ALA A 227 -2.40 26.80 -0.34
C ALA A 227 -1.08 26.99 0.40
N SER A 228 -0.18 26.00 0.32
CA SER A 228 1.12 26.08 0.99
C SER A 228 1.99 27.23 0.46
N PRO A 229 2.20 27.29 -0.87
CA PRO A 229 3.01 28.37 -1.41
C PRO A 229 2.29 29.68 -1.16
N GLN A 230 0.96 29.62 -1.18
CA GLN A 230 0.15 30.81 -0.94
C GLN A 230 0.36 31.40 0.44
N THR A 231 0.25 30.54 1.46
CA THR A 231 0.39 30.93 2.85
C THR A 231 1.80 31.02 3.40
N TRP A 232 2.69 30.16 2.90
CA TRP A 232 4.06 30.16 3.41
C TRP A 232 5.15 30.28 2.35
N GLY A 233 4.76 30.27 1.09
CA GLY A 233 5.77 30.38 0.04
C GLY A 233 6.78 29.24 0.09
N GLU A 234 6.29 28.06 0.46
CA GLU A 234 7.09 26.84 0.54
C GLU A 234 6.23 25.77 -0.12
N GLN A 235 6.79 25.01 -1.06
CA GLN A 235 5.95 24.01 -1.70
C GLN A 235 5.41 23.03 -0.67
N THR A 236 6.28 22.43 0.13
CA THR A 236 5.83 21.51 1.18
C THR A 236 6.89 21.19 2.23
N ASP A 237 6.51 21.33 3.48
CA ASP A 237 7.39 21.04 4.61
C ASP A 237 6.44 20.72 5.76
N VAL A 238 6.59 19.55 6.34
CA VAL A 238 5.69 19.17 7.41
C VAL A 238 6.36 18.49 8.59
N PRO A 239 5.62 18.36 9.71
CA PRO A 239 6.22 17.71 10.86
C PRO A 239 6.37 16.22 10.54
N GLU A 240 7.31 15.53 11.18
CA GLU A 240 7.50 14.10 10.94
C GLU A 240 6.49 13.31 11.78
N SER A 241 6.19 12.08 11.37
CA SER A 241 5.23 11.27 12.10
C SER A 241 5.55 11.11 13.58
N ALA A 242 6.83 11.16 13.93
CA ALA A 242 7.20 11.04 15.33
C ALA A 242 6.56 12.21 16.07
N ASP A 243 6.57 13.38 15.44
CA ASP A 243 6.03 14.56 16.08
C ASP A 243 4.54 14.44 16.39
N TRP A 244 3.83 13.58 15.66
CA TRP A 244 2.40 13.41 15.93
C TRP A 244 2.21 13.04 17.40
N TYR A 245 3.22 12.39 17.95
CA TYR A 245 3.19 11.93 19.33
C TYR A 245 3.34 13.03 20.36
N ASN A 246 3.59 14.25 19.90
CA ASN A 246 3.74 15.39 20.79
C ASN A 246 2.49 16.25 20.71
N SER A 247 1.46 15.73 20.05
CA SER A 247 0.19 16.42 19.90
C SER A 247 -0.81 15.81 20.88
N SER A 248 -1.61 16.66 21.52
CA SER A 248 -2.60 16.21 22.48
C SER A 248 -4.01 16.23 21.87
N TYR A 249 -4.12 16.75 20.65
CA TYR A 249 -5.39 16.79 19.95
C TYR A 249 -5.15 16.66 18.44
N ILE A 250 -5.69 15.59 17.84
CA ILE A 250 -5.48 15.36 16.42
C ILE A 250 -6.73 15.10 15.60
N ILE A 251 -6.76 15.71 14.42
CA ILE A 251 -7.87 15.51 13.49
C ILE A 251 -7.27 14.97 12.21
N ALA A 252 -7.79 13.83 11.76
CA ALA A 252 -7.36 13.20 10.53
C ALA A 252 -8.45 13.64 9.57
N TRP A 253 -8.14 14.64 8.76
CA TRP A 253 -9.13 15.20 7.86
C TRP A 253 -8.85 14.88 6.39
N GLY A 254 -9.61 13.94 5.84
CA GLY A 254 -9.41 13.58 4.46
C GLY A 254 -8.08 12.87 4.30
N SER A 255 -7.70 12.11 5.31
CA SER A 255 -6.48 11.35 5.26
C SER A 255 -6.72 9.99 5.85
N ASN A 256 -6.70 8.98 5.00
CA ASN A 256 -6.91 7.61 5.44
C ASN A 256 -5.56 7.08 5.92
N VAL A 257 -5.10 7.61 7.06
CA VAL A 257 -3.80 7.27 7.64
C VAL A 257 -3.35 5.82 7.68
N PRO A 258 -4.17 4.93 8.28
CA PRO A 258 -3.74 3.53 8.33
C PRO A 258 -3.53 2.85 6.98
N GLN A 259 -4.33 3.22 5.99
CA GLN A 259 -4.23 2.61 4.67
C GLN A 259 -3.15 3.24 3.78
N THR A 260 -2.97 4.56 3.88
CA THR A 260 -2.00 5.28 3.06
C THR A 260 -0.71 5.74 3.72
N ARG A 261 -0.63 5.67 5.05
CA ARG A 261 0.56 6.06 5.78
C ARG A 261 0.88 4.94 6.76
N THR A 262 0.63 3.71 6.31
CA THR A 262 0.80 2.49 7.08
C THR A 262 2.00 2.41 8.02
N PRO A 263 3.24 2.55 7.50
CA PRO A 263 4.39 2.47 8.39
C PRO A 263 4.45 3.47 9.53
N ASP A 264 3.68 4.55 9.44
CA ASP A 264 3.68 5.57 10.49
C ASP A 264 2.43 5.56 11.38
N ALA A 265 1.36 4.95 10.89
CA ALA A 265 0.12 4.92 11.63
C ALA A 265 0.26 4.66 13.12
N HIS A 266 1.16 3.79 13.52
CA HIS A 266 1.30 3.48 14.95
C HIS A 266 1.56 4.70 15.83
N PHE A 267 2.18 5.74 15.29
CA PHE A 267 2.40 6.91 16.13
C PHE A 267 1.06 7.51 16.51
N PHE A 268 0.10 7.30 15.61
CA PHE A 268 -1.26 7.79 15.77
C PHE A 268 -2.07 6.87 16.72
N THR A 269 -1.89 5.56 16.64
CA THR A 269 -2.64 4.69 17.53
C THR A 269 -2.03 4.64 18.91
N GLU A 270 -0.76 4.98 18.98
CA GLU A 270 -0.07 4.97 20.25
C GLU A 270 -0.25 6.25 21.04
N VAL A 271 -0.29 7.38 20.36
CA VAL A 271 -0.44 8.64 21.06
C VAL A 271 -1.80 8.71 21.75
N ARG A 272 -2.76 7.91 21.29
CA ARG A 272 -4.07 7.90 21.93
C ARG A 272 -3.96 7.42 23.39
N TYR A 273 -2.86 6.73 23.71
CA TYR A 273 -2.69 6.21 25.07
C TYR A 273 -2.04 7.20 25.99
N LYS A 274 -1.58 8.30 25.44
CA LYS A 274 -0.94 9.36 26.21
C LYS A 274 -2.01 10.38 26.61
N GLY A 275 -3.26 10.09 26.22
CA GLY A 275 -4.38 10.96 26.51
C GLY A 275 -4.85 11.83 25.34
N THR A 276 -4.22 11.67 24.18
CA THR A 276 -4.59 12.47 23.02
C THR A 276 -5.93 12.07 22.43
N LYS A 277 -6.78 13.05 22.13
CA LYS A 277 -8.07 12.74 21.53
C LYS A 277 -7.91 12.82 20.00
N THR A 278 -8.60 11.93 19.32
CA THR A 278 -8.54 11.86 17.87
C THR A 278 -9.92 11.91 17.22
N VAL A 279 -9.99 12.58 16.07
CA VAL A 279 -11.24 12.72 15.33
C VAL A 279 -11.01 12.49 13.85
N ALA A 280 -11.86 11.68 13.25
CA ALA A 280 -11.79 11.36 11.83
C ALA A 280 -12.90 12.08 11.11
N VAL A 281 -12.55 12.77 10.04
CA VAL A 281 -13.53 13.46 9.23
C VAL A 281 -13.48 12.86 7.83
N THR A 282 -14.40 11.93 7.54
CA THR A 282 -14.50 11.29 6.23
C THR A 282 -15.98 11.05 5.88
N PRO A 283 -16.33 11.18 4.60
CA PRO A 283 -17.72 10.96 4.17
C PRO A 283 -18.15 9.51 4.30
N ASP A 284 -17.18 8.60 4.20
CA ASP A 284 -17.43 7.16 4.32
C ASP A 284 -16.84 6.68 5.64
N TYR A 285 -17.15 5.45 6.03
CA TYR A 285 -16.55 4.93 7.24
C TYR A 285 -15.23 4.31 6.76
N ALA A 286 -14.21 5.16 6.73
CA ALA A 286 -12.87 4.78 6.30
C ALA A 286 -12.10 4.01 7.40
N GLU A 287 -11.04 3.34 7.00
CA GLU A 287 -10.23 2.58 7.94
C GLU A 287 -9.80 3.53 9.05
N ILE A 288 -9.54 4.77 8.65
CA ILE A 288 -9.12 5.79 9.60
C ILE A 288 -10.16 5.94 10.73
N ALA A 289 -11.44 5.87 10.40
CA ALA A 289 -12.48 6.00 11.43
C ALA A 289 -12.29 4.97 12.55
N LYS A 290 -11.97 3.75 12.17
CA LYS A 290 -11.75 2.65 13.11
C LYS A 290 -10.86 2.97 14.31
N LEU A 291 -9.91 3.89 14.13
CA LEU A 291 -8.93 4.25 15.16
C LEU A 291 -9.21 5.56 15.88
N CYS A 292 -10.37 6.16 15.68
CA CYS A 292 -10.63 7.43 16.34
C CYS A 292 -11.69 7.45 17.45
N ASP A 293 -11.77 8.59 18.13
CA ASP A 293 -12.71 8.78 19.22
C ASP A 293 -14.01 9.39 18.72
N LEU A 294 -13.99 9.91 17.50
CA LEU A 294 -15.17 10.53 16.92
C LEU A 294 -15.10 10.43 15.43
N TRP A 295 -16.26 10.30 14.80
CA TRP A 295 -16.32 10.21 13.35
C TRP A 295 -17.36 11.18 12.80
N LEU A 296 -16.89 12.19 12.05
CA LEU A 296 -17.78 13.17 11.44
C LEU A 296 -17.77 12.88 9.93
N ALA A 297 -18.95 12.75 9.33
CA ALA A 297 -18.99 12.44 7.92
C ALA A 297 -19.60 13.48 7.01
N PRO A 298 -18.88 14.56 6.72
CA PRO A 298 -19.47 15.57 5.85
C PRO A 298 -19.67 15.04 4.41
N LYS A 299 -20.57 15.70 3.67
CA LYS A 299 -20.83 15.35 2.28
C LYS A 299 -19.49 15.65 1.61
N GLN A 300 -18.94 14.67 0.90
CA GLN A 300 -17.66 14.89 0.25
C GLN A 300 -17.59 16.20 -0.55
N GLY A 301 -16.44 16.87 -0.46
CA GLY A 301 -16.21 18.11 -1.17
C GLY A 301 -16.82 19.35 -0.56
N THR A 302 -17.32 19.24 0.66
CA THR A 302 -17.95 20.37 1.30
C THR A 302 -17.23 20.75 2.58
N ASP A 303 -16.00 20.26 2.73
CA ASP A 303 -15.21 20.49 3.92
C ASP A 303 -14.84 21.92 4.29
N ALA A 304 -14.50 22.74 3.30
CA ALA A 304 -14.13 24.12 3.59
C ALA A 304 -15.20 24.73 4.49
N ALA A 305 -16.46 24.43 4.19
CA ALA A 305 -17.57 24.96 4.98
C ALA A 305 -17.38 24.67 6.47
N MET A 306 -17.30 23.39 6.80
CA MET A 306 -17.11 22.94 8.17
C MET A 306 -15.91 23.61 8.81
N ALA A 307 -14.82 23.74 8.06
CA ALA A 307 -13.62 24.38 8.59
C ALA A 307 -13.89 25.85 8.89
N LEU A 308 -14.70 26.49 8.04
CA LEU A 308 -15.04 27.90 8.20
C LEU A 308 -15.84 28.13 9.48
N ALA A 309 -16.80 27.26 9.74
CA ALA A 309 -17.64 27.35 10.92
C ALA A 309 -16.83 27.09 12.19
N MET A 310 -15.82 26.24 12.08
CA MET A 310 -14.98 25.95 13.22
C MET A 310 -14.05 27.13 13.46
N GLY A 311 -13.53 27.70 12.38
CA GLY A 311 -12.67 28.87 12.52
C GLY A 311 -13.50 29.97 13.17
N HIS A 312 -14.73 30.12 12.67
CA HIS A 312 -15.69 31.11 13.17
C HIS A 312 -15.85 31.02 14.69
N VAL A 313 -16.23 29.83 15.17
CA VAL A 313 -16.42 29.59 16.60
C VAL A 313 -15.19 29.93 17.42
N MET A 314 -14.01 29.59 16.88
CA MET A 314 -12.74 29.86 17.55
C MET A 314 -12.49 31.35 17.71
N LEU A 315 -12.58 32.08 16.60
CA LEU A 315 -12.37 33.53 16.62
C LEU A 315 -13.30 34.13 17.65
N ARG A 316 -14.56 33.72 17.60
CA ARG A 316 -15.56 34.21 18.53
C ARG A 316 -15.14 33.99 19.97
N GLU A 317 -15.05 32.74 20.35
CA GLU A 317 -14.71 32.36 21.71
C GLU A 317 -13.27 32.50 22.22
N PHE A 318 -12.27 32.52 21.34
CA PHE A 318 -10.88 32.60 21.79
C PHE A 318 -10.10 33.86 21.43
N HIS A 319 -10.68 34.67 20.54
CA HIS A 319 -10.03 35.91 20.12
C HIS A 319 -10.83 37.14 20.53
N LEU A 320 -12.15 37.01 20.50
CA LEU A 320 -13.04 38.11 20.89
C LEU A 320 -13.60 37.98 22.32
N ASP A 321 -14.59 37.11 22.55
CA ASP A 321 -15.19 36.96 23.88
C ASP A 321 -14.18 36.88 25.01
N ASN A 322 -13.33 35.87 24.98
CA ASN A 322 -12.30 35.72 25.99
C ASN A 322 -10.94 35.58 25.26
N PRO A 323 -10.28 36.71 24.96
CA PRO A 323 -8.98 36.72 24.26
C PRO A 323 -7.89 35.88 24.93
N SER A 324 -7.13 35.17 24.10
CA SER A 324 -6.05 34.29 24.56
C SER A 324 -4.70 34.94 24.43
N GLN A 325 -3.97 35.05 25.54
CA GLN A 325 -2.67 35.67 25.49
C GLN A 325 -1.79 34.96 24.45
N TYR A 326 -1.81 33.63 24.46
CA TYR A 326 -1.01 32.88 23.49
C TYR A 326 -1.44 33.06 22.03
N PHE A 327 -2.73 32.89 21.73
CA PHE A 327 -3.15 33.03 20.34
C PHE A 327 -2.99 34.46 19.84
N THR A 328 -3.29 35.43 20.70
CA THR A 328 -3.18 36.84 20.30
C THR A 328 -1.76 37.26 19.97
N ASP A 329 -0.81 36.92 20.84
CA ASP A 329 0.57 37.29 20.55
C ASP A 329 1.04 36.60 19.28
N TYR A 330 0.66 35.33 19.15
CA TYR A 330 1.03 34.52 18.01
C TYR A 330 0.61 35.14 16.68
N VAL A 331 -0.68 35.47 16.54
CA VAL A 331 -1.16 36.06 15.29
C VAL A 331 -0.58 37.44 15.06
N ARG A 332 -0.22 38.12 16.14
CA ARG A 332 0.34 39.46 16.03
C ARG A 332 1.71 39.39 15.40
N ARG A 333 2.57 38.54 15.97
CA ARG A 333 3.92 38.42 15.48
C ARG A 333 4.16 37.47 14.29
N TYR A 334 3.21 36.60 13.97
CA TYR A 334 3.44 35.66 12.87
C TYR A 334 2.53 35.67 11.66
N THR A 335 1.50 36.51 11.63
CA THR A 335 0.62 36.54 10.47
C THR A 335 0.60 37.91 9.82
N ASP A 336 -0.10 38.04 8.70
CA ASP A 336 -0.17 39.31 8.03
C ASP A 336 -1.46 40.05 8.44
N MET A 337 -2.09 39.55 9.51
CA MET A 337 -3.33 40.14 10.01
C MET A 337 -3.24 41.65 10.32
N PRO A 338 -2.14 42.09 10.94
CA PRO A 338 -2.04 43.53 11.23
C PRO A 338 -1.77 44.39 9.99
N MET A 339 -1.26 43.77 8.93
CA MET A 339 -0.98 44.48 7.68
C MET A 339 -2.19 45.22 7.11
N LEU A 340 -1.93 46.40 6.54
CA LEU A 340 -2.98 47.27 6.00
C LEU A 340 -3.38 47.04 4.54
N VAL A 341 -4.65 46.75 4.33
CA VAL A 341 -5.17 46.52 2.99
C VAL A 341 -5.89 47.76 2.47
N MET A 342 -5.61 48.12 1.23
CA MET A 342 -6.24 49.27 0.61
C MET A 342 -7.63 48.88 0.11
N LEU A 343 -8.56 49.83 0.19
CA LEU A 343 -9.93 49.59 -0.29
C LEU A 343 -10.16 50.31 -1.61
N GLU A 344 -10.68 49.60 -2.59
CA GLU A 344 -10.97 50.18 -3.89
C GLU A 344 -12.40 50.66 -3.82
N GLU A 345 -12.81 51.53 -4.75
CA GLU A 345 -14.15 52.06 -4.73
C GLU A 345 -15.10 51.37 -5.71
N ARG A 346 -16.36 51.25 -5.32
CA ARG A 346 -17.37 50.60 -6.17
C ARG A 346 -18.71 51.35 -6.17
N ASP A 347 -19.75 50.69 -6.65
CA ASP A 347 -21.09 51.28 -6.74
C ASP A 347 -21.92 51.25 -5.44
N GLY A 348 -21.48 51.98 -4.43
CA GLY A 348 -22.21 52.03 -3.17
C GLY A 348 -21.53 51.32 -2.02
N TYR A 349 -20.42 50.65 -2.36
CA TYR A 349 -19.63 49.89 -1.40
C TYR A 349 -18.19 49.84 -1.88
N TYR A 350 -17.35 49.15 -1.11
CA TYR A 350 -15.95 49.00 -1.46
C TYR A 350 -15.57 47.53 -1.62
N ALA A 351 -14.41 47.32 -2.23
CA ALA A 351 -13.87 45.98 -2.44
C ALA A 351 -12.44 46.05 -1.91
N ALA A 352 -11.96 44.96 -1.31
CA ALA A 352 -10.60 44.96 -0.78
C ALA A 352 -9.63 44.93 -1.96
N GLY A 353 -8.60 45.77 -1.90
CA GLY A 353 -7.62 45.81 -2.98
C GLY A 353 -6.27 45.31 -2.51
N ARG A 354 -5.22 45.64 -3.25
CA ARG A 354 -3.87 45.19 -2.88
C ARG A 354 -3.49 45.73 -1.52
N MET A 355 -2.51 45.11 -0.89
CA MET A 355 -2.07 45.57 0.41
C MET A 355 -1.31 46.87 0.21
N LEU A 356 -1.26 47.68 1.27
CA LEU A 356 -0.57 48.97 1.22
C LEU A 356 0.94 48.76 1.27
N ARG A 357 1.65 49.29 0.29
CA ARG A 357 3.10 49.15 0.27
C ARG A 357 3.74 50.44 0.75
N ALA A 358 4.81 50.31 1.54
CA ALA A 358 5.50 51.46 2.06
C ALA A 358 5.61 52.56 1.00
N ALA A 359 5.79 52.14 -0.25
CA ALA A 359 5.89 53.06 -1.39
C ALA A 359 4.79 54.10 -1.41
N ASP A 360 3.55 53.61 -1.36
CA ASP A 360 2.37 54.46 -1.39
C ASP A 360 2.44 55.65 -0.42
N LEU A 361 3.24 55.53 0.64
CA LEU A 361 3.35 56.62 1.60
C LEU A 361 4.33 57.69 1.15
N VAL A 362 4.06 58.92 1.55
CA VAL A 362 4.87 60.06 1.20
C VAL A 362 6.37 59.87 1.45
N ASP A 363 6.76 59.77 2.71
CA ASP A 363 8.16 59.60 3.04
C ASP A 363 8.64 58.22 2.61
N ALA A 364 7.72 57.39 2.16
CA ALA A 364 8.03 56.03 1.74
C ALA A 364 8.57 55.34 2.98
N LEU A 365 8.11 55.82 4.14
CA LEU A 365 8.51 55.28 5.42
C LEU A 365 10.02 55.13 5.56
N GLY A 366 10.76 55.91 4.77
CA GLY A 366 12.21 55.87 4.83
C GLY A 366 12.83 54.75 4.03
N GLN A 367 12.03 53.76 3.68
CA GLN A 367 12.52 52.63 2.90
C GLN A 367 12.71 53.01 1.44
N GLU A 368 13.96 53.09 1.03
CA GLU A 368 14.26 53.43 -0.35
C GLU A 368 14.48 52.16 -1.18
N ASN A 369 14.85 51.07 -0.51
CA ASN A 369 15.08 49.78 -1.18
C ASN A 369 13.82 48.92 -1.19
N ASN A 370 13.26 48.74 -2.39
CA ASN A 370 12.06 47.94 -2.59
C ASN A 370 10.90 48.41 -1.70
N PRO A 371 10.60 49.71 -1.72
CA PRO A 371 9.50 50.23 -0.90
C PRO A 371 8.15 49.66 -1.33
N GLU A 372 7.98 49.44 -2.63
CA GLU A 372 6.74 48.91 -3.18
C GLU A 372 6.56 47.42 -2.87
N TRP A 373 7.58 46.82 -2.25
CA TRP A 373 7.54 45.41 -1.88
C TRP A 373 7.55 45.23 -0.37
N LYS A 374 7.25 46.29 0.37
CA LYS A 374 7.21 46.22 1.82
C LYS A 374 5.81 46.52 2.33
N THR A 375 5.32 45.67 3.22
CA THR A 375 3.98 45.83 3.77
C THR A 375 3.97 46.80 4.96
N VAL A 376 2.81 47.42 5.22
CA VAL A 376 2.70 48.39 6.31
C VAL A 376 1.57 48.13 7.30
N ALA A 377 1.85 48.35 8.58
CA ALA A 377 0.85 48.17 9.63
C ALA A 377 0.91 49.35 10.61
N PHE A 378 0.12 49.27 11.68
CA PHE A 378 0.08 50.32 12.69
C PHE A 378 0.56 49.79 14.02
N ASN A 379 1.50 50.48 14.69
CA ASN A 379 1.94 50.00 16.00
C ASN A 379 0.89 50.35 17.04
N THR A 380 1.07 49.88 18.26
CA THR A 380 0.10 50.14 19.32
C THR A 380 0.00 51.60 19.75
N ASN A 381 0.78 52.46 19.11
CA ASN A 381 0.74 53.89 19.42
C ASN A 381 0.09 54.63 18.26
N GLY A 382 -0.62 53.90 17.42
CA GLY A 382 -1.28 54.52 16.28
C GLY A 382 -0.34 54.97 15.18
N GLU A 383 0.96 54.82 15.38
CA GLU A 383 1.91 55.23 14.36
C GLU A 383 1.99 54.19 13.25
N MET A 384 2.22 54.66 12.04
CA MET A 384 2.31 53.78 10.87
C MET A 384 3.74 53.28 10.67
N VAL A 385 3.90 51.97 10.48
CA VAL A 385 5.24 51.41 10.29
C VAL A 385 5.35 50.25 9.30
N ALA A 386 6.53 50.15 8.70
CA ALA A 386 6.85 49.10 7.74
C ALA A 386 7.75 48.16 8.54
N PRO A 387 7.17 47.09 9.09
CA PRO A 387 7.90 46.11 9.89
C PRO A 387 8.85 45.18 9.13
N ASN A 388 9.73 44.53 9.88
CA ASN A 388 10.71 43.61 9.33
C ASN A 388 10.10 42.41 8.62
N GLY A 389 10.98 41.60 8.04
CA GLY A 389 10.55 40.38 7.37
C GLY A 389 9.85 40.46 6.04
N SER A 390 9.25 41.59 5.70
CA SER A 390 8.56 41.65 4.41
C SER A 390 9.56 41.25 3.32
N ILE A 391 9.05 40.70 2.23
CA ILE A 391 9.89 40.24 1.14
C ILE A 391 10.87 41.31 0.60
N GLY A 392 10.46 42.57 0.69
CA GLY A 392 11.29 43.67 0.23
C GLY A 392 12.70 43.68 0.79
N PHE A 393 12.84 43.36 2.09
CA PHE A 393 14.15 43.34 2.75
C PHE A 393 14.99 42.10 2.41
N ARG A 394 14.40 41.14 1.69
CA ARG A 394 15.12 39.93 1.38
C ARG A 394 16.30 40.16 0.45
N TRP A 395 16.06 40.86 -0.65
CA TRP A 395 17.10 41.15 -1.63
C TRP A 395 17.42 42.64 -1.61
N GLY A 396 18.59 43.00 -2.13
CA GLY A 396 18.96 44.40 -2.19
C GLY A 396 19.44 45.08 -0.92
N GLU A 397 19.36 44.39 0.21
CA GLU A 397 19.81 44.93 1.49
C GLU A 397 20.03 43.76 2.44
N LYS A 398 20.49 44.01 3.66
CA LYS A 398 20.74 42.91 4.59
C LYS A 398 20.24 43.08 6.02
N GLY A 399 20.45 42.03 6.83
CA GLY A 399 20.04 42.01 8.23
C GLY A 399 18.66 42.49 8.64
N LYS A 400 17.73 42.62 7.70
CA LYS A 400 16.39 43.07 8.03
C LYS A 400 15.29 42.10 7.65
N TRP A 401 15.66 40.96 7.09
CA TRP A 401 14.68 39.95 6.70
C TRP A 401 14.50 38.95 7.83
N ASN A 402 13.96 39.41 8.95
CA ASN A 402 13.72 38.55 10.10
C ASN A 402 12.33 38.86 10.67
N LEU A 403 11.93 38.11 11.69
CA LEU A 403 10.62 38.31 12.31
C LEU A 403 10.64 38.89 13.73
N GLU A 404 11.60 39.77 14.00
CA GLU A 404 11.67 40.45 15.30
C GLU A 404 10.69 41.59 15.12
N GLN A 405 9.78 41.80 16.06
CA GLN A 405 8.80 42.88 15.87
C GLN A 405 9.48 44.25 15.98
N ARG A 406 10.06 44.71 14.87
CA ARG A 406 10.77 45.98 14.84
C ARG A 406 10.34 46.89 13.70
N ASP A 407 10.54 48.19 13.89
CA ASP A 407 10.23 49.15 12.84
C ASP A 407 11.33 49.00 11.80
N GLY A 408 10.94 48.66 10.57
CA GLY A 408 11.93 48.49 9.53
C GLY A 408 12.67 49.77 9.20
N LYS A 409 12.15 50.90 9.69
CA LYS A 409 12.76 52.20 9.42
C LYS A 409 13.76 52.67 10.48
N THR A 410 13.38 52.56 11.76
CA THR A 410 14.24 53.00 12.85
C THR A 410 14.95 51.85 13.58
N GLY A 411 14.82 50.63 13.06
CA GLY A 411 15.44 49.48 13.68
C GLY A 411 15.15 49.42 15.17
N GLU A 412 13.89 49.70 15.53
CA GLU A 412 13.51 49.71 16.93
C GLU A 412 12.27 48.90 17.25
N GLU A 413 12.34 48.17 18.36
CA GLU A 413 11.23 47.35 18.81
C GLU A 413 9.92 48.15 18.87
N THR A 414 8.90 47.62 18.20
CA THR A 414 7.57 48.23 18.17
C THR A 414 6.55 47.14 18.48
N GLU A 415 5.29 47.40 18.17
CA GLU A 415 4.22 46.43 18.45
C GLU A 415 3.04 46.69 17.53
N LEU A 416 2.87 45.84 16.54
CA LEU A 416 1.80 45.99 15.58
C LEU A 416 0.44 45.78 16.24
N GLN A 417 -0.55 46.54 15.80
CA GLN A 417 -1.89 46.42 16.35
C GLN A 417 -2.77 45.70 15.32
N LEU A 418 -3.71 44.90 15.81
CA LEU A 418 -4.58 44.12 14.93
C LEU A 418 -5.84 44.79 14.39
N SER A 419 -6.68 45.27 15.28
CA SER A 419 -7.93 45.89 14.84
C SER A 419 -7.96 47.41 14.92
N LEU A 420 -8.49 48.04 13.88
CA LEU A 420 -8.61 49.49 13.83
C LEU A 420 -9.77 49.87 14.73
N LEU A 421 -10.78 49.01 14.76
CA LEU A 421 -11.96 49.22 15.58
C LEU A 421 -11.54 49.85 16.91
N GLY A 422 -12.19 50.95 17.27
CA GLY A 422 -11.86 51.64 18.49
C GLY A 422 -10.93 52.80 18.21
N SER A 423 -10.77 53.11 16.92
CA SER A 423 -9.92 54.20 16.52
C SER A 423 -9.98 54.43 15.02
N GLN A 424 -11.05 53.94 14.39
CA GLN A 424 -11.21 54.12 12.95
C GLN A 424 -11.77 55.51 12.71
N ASP A 425 -11.62 56.02 11.50
CA ASP A 425 -12.14 57.35 11.15
C ASP A 425 -13.61 57.26 10.80
N GLU A 426 -14.02 56.11 10.28
CA GLU A 426 -15.40 55.89 9.90
C GLU A 426 -15.68 54.41 9.64
N ILE A 427 -16.92 54.11 9.30
CA ILE A 427 -17.34 52.74 9.03
C ILE A 427 -17.74 52.54 7.58
N ALA A 428 -16.79 52.13 6.75
CA ALA A 428 -17.06 51.88 5.34
C ALA A 428 -17.66 50.50 5.20
N GLU A 429 -18.38 50.27 4.11
CA GLU A 429 -18.97 48.96 3.86
C GLU A 429 -18.18 48.28 2.76
N VAL A 430 -17.69 47.08 3.07
CA VAL A 430 -16.90 46.32 2.10
C VAL A 430 -17.68 45.11 1.60
N GLY A 431 -17.55 44.82 0.31
CA GLY A 431 -18.23 43.67 -0.24
C GLY A 431 -17.34 42.45 -0.25
N PHE A 432 -17.93 41.30 0.03
CA PHE A 432 -17.20 40.04 0.05
C PHE A 432 -17.97 39.05 -0.84
N PRO A 433 -17.25 38.25 -1.64
CA PRO A 433 -17.95 37.30 -2.51
C PRO A 433 -18.40 36.10 -1.71
N TYR A 434 -19.57 35.56 -2.08
CA TYR A 434 -20.16 34.40 -1.42
C TYR A 434 -20.67 33.40 -2.46
N PHE A 435 -20.09 32.20 -2.48
CA PHE A 435 -20.51 31.18 -3.45
C PHE A 435 -21.32 30.03 -2.87
N GLY A 436 -21.57 30.08 -1.56
CA GLY A 436 -22.33 29.02 -0.92
C GLY A 436 -23.72 28.79 -1.49
N GLY A 437 -24.09 29.57 -2.50
CA GLY A 437 -25.41 29.40 -3.10
C GLY A 437 -25.35 28.72 -4.46
N ASP A 438 -24.18 28.65 -5.06
CA ASP A 438 -24.04 28.01 -6.36
C ASP A 438 -23.84 26.50 -6.17
N GLY A 439 -23.55 25.80 -7.25
CA GLY A 439 -23.33 24.36 -7.15
C GLY A 439 -24.30 23.54 -7.98
N THR A 440 -24.08 22.23 -8.01
CA THR A 440 -24.94 21.34 -8.76
C THR A 440 -26.09 20.84 -7.89
N GLU A 441 -26.86 19.91 -8.42
CA GLU A 441 -28.01 19.38 -7.73
C GLU A 441 -27.64 18.41 -6.60
N HIS A 442 -26.48 17.79 -6.72
CA HIS A 442 -26.04 16.81 -5.74
C HIS A 442 -25.51 17.35 -4.42
N PHE A 443 -25.46 18.67 -4.28
CA PHE A 443 -24.97 19.27 -3.04
C PHE A 443 -25.95 20.30 -2.54
N ASN A 444 -26.07 20.44 -1.22
CA ASN A 444 -26.98 21.42 -0.65
C ASN A 444 -26.41 22.82 -0.87
N LYS A 445 -27.27 23.83 -0.84
CA LYS A 445 -26.85 25.22 -1.03
C LYS A 445 -27.62 26.16 -0.12
N VAL A 446 -26.93 27.19 0.35
CA VAL A 446 -27.56 28.17 1.19
C VAL A 446 -27.52 29.50 0.46
N GLU A 447 -28.70 30.02 0.12
CA GLU A 447 -28.82 31.27 -0.59
C GLU A 447 -28.80 32.48 0.34
N LEU A 448 -27.88 33.39 0.05
CA LEU A 448 -27.75 34.62 0.79
C LEU A 448 -27.66 35.70 -0.30
N GLU A 449 -26.45 36.12 -0.64
CA GLU A 449 -26.23 37.11 -1.68
C GLU A 449 -24.86 36.89 -2.32
N ASN A 450 -24.77 36.99 -3.65
CA ASN A 450 -23.50 36.81 -4.34
C ASN A 450 -22.45 37.67 -3.68
N VAL A 451 -22.87 38.84 -3.17
CA VAL A 451 -21.98 39.73 -2.46
C VAL A 451 -22.55 40.06 -1.09
N LEU A 452 -21.74 39.90 -0.07
CA LEU A 452 -22.19 40.17 1.29
C LEU A 452 -21.51 41.43 1.78
N LEU A 453 -22.31 42.42 2.14
CA LEU A 453 -21.78 43.67 2.63
C LEU A 453 -21.59 43.67 4.14
N HIS A 454 -20.37 43.99 4.56
CA HIS A 454 -20.03 44.04 5.98
C HIS A 454 -19.51 45.43 6.33
N LYS A 455 -19.74 45.85 7.57
CA LYS A 455 -19.30 47.15 8.03
C LYS A 455 -17.93 47.01 8.69
N LEU A 456 -16.90 47.48 7.98
CA LEU A 456 -15.53 47.44 8.47
C LEU A 456 -15.05 48.78 9.03
N PRO A 457 -14.29 48.76 10.14
CA PRO A 457 -13.81 50.03 10.67
C PRO A 457 -12.64 50.46 9.78
N VAL A 458 -12.75 51.63 9.16
CA VAL A 458 -11.68 52.11 8.27
C VAL A 458 -10.86 53.27 8.77
N LYS A 459 -10.08 53.85 7.87
CA LYS A 459 -9.21 54.97 8.20
C LYS A 459 -8.76 55.56 6.88
N ARG A 460 -8.61 56.88 6.85
CA ARG A 460 -8.18 57.55 5.62
C ARG A 460 -6.72 57.95 5.70
N LEU A 461 -6.00 57.73 4.60
CA LEU A 461 -4.57 58.05 4.52
C LEU A 461 -4.27 58.93 3.32
N GLN A 462 -3.19 59.70 3.41
CA GLN A 462 -2.77 60.58 2.33
C GLN A 462 -1.63 59.93 1.54
N LEU A 463 -1.98 59.37 0.38
CA LEU A 463 -1.01 58.69 -0.47
C LEU A 463 0.07 59.64 -0.99
N ALA A 464 1.25 59.09 -1.24
CA ALA A 464 2.38 59.86 -1.72
C ALA A 464 2.14 60.56 -3.05
N ASP A 465 0.94 60.43 -3.60
CA ASP A 465 0.63 61.07 -4.87
C ASP A 465 -0.57 62.01 -4.75
N GLY A 466 -0.83 62.45 -3.53
CA GLY A 466 -1.94 63.37 -3.30
C GLY A 466 -3.29 62.75 -3.04
N SER A 467 -3.64 61.71 -3.78
CA SER A 467 -4.94 61.06 -3.60
C SER A 467 -5.13 60.53 -2.17
N THR A 468 -6.39 60.43 -1.78
CA THR A 468 -6.75 59.92 -0.47
C THR A 468 -7.26 58.49 -0.67
N ALA A 469 -7.04 57.64 0.32
CA ALA A 469 -7.49 56.25 0.22
C ALA A 469 -7.86 55.65 1.58
N LEU A 470 -8.79 54.70 1.56
CA LEU A 470 -9.24 54.02 2.78
C LEU A 470 -8.53 52.69 3.02
N VAL A 471 -8.15 52.45 4.28
CA VAL A 471 -7.46 51.22 4.63
C VAL A 471 -8.10 50.51 5.82
N THR A 472 -7.76 49.23 5.97
CA THR A 472 -8.26 48.42 7.08
C THR A 472 -7.30 47.25 7.17
N THR A 473 -7.36 46.50 8.26
CA THR A 473 -6.44 45.39 8.42
C THR A 473 -6.95 44.02 7.93
N VAL A 474 -6.00 43.14 7.61
CA VAL A 474 -6.31 41.79 7.18
C VAL A 474 -7.17 41.22 8.33
N TYR A 475 -6.76 41.51 9.55
CA TYR A 475 -7.46 41.06 10.75
C TYR A 475 -8.95 41.40 10.71
N ASP A 476 -9.27 42.68 10.59
CA ASP A 476 -10.66 43.12 10.55
C ASP A 476 -11.39 42.47 9.38
N LEU A 477 -10.76 42.53 8.22
CA LEU A 477 -11.29 41.94 6.99
C LEU A 477 -11.64 40.46 7.21
N THR A 478 -10.85 39.76 8.02
CA THR A 478 -11.09 38.36 8.31
C THR A 478 -12.32 38.14 9.18
N LEU A 479 -12.33 38.74 10.37
CA LEU A 479 -13.48 38.60 11.26
C LEU A 479 -14.76 38.92 10.49
N ALA A 480 -14.65 39.87 9.57
CA ALA A 480 -15.76 40.31 8.75
C ALA A 480 -16.23 39.15 7.89
N ASN A 481 -15.28 38.60 7.12
CA ASN A 481 -15.50 37.47 6.23
C ASN A 481 -16.02 36.19 6.93
N TYR A 482 -15.71 36.05 8.22
CA TYR A 482 -16.17 34.90 8.98
C TYR A 482 -17.56 35.09 9.54
N GLY A 483 -18.02 36.34 9.55
CA GLY A 483 -19.35 36.67 10.05
C GLY A 483 -19.43 37.02 11.53
N LEU A 484 -18.34 37.53 12.08
CA LEU A 484 -18.34 37.91 13.49
C LEU A 484 -18.92 39.30 13.74
N GLU A 485 -20.02 39.37 14.50
CA GLU A 485 -20.62 40.66 14.83
C GLU A 485 -19.68 41.31 15.82
N ARG A 486 -19.28 42.54 15.53
CA ARG A 486 -18.36 43.24 16.40
C ARG A 486 -18.88 44.53 17.01
N GLY A 487 -20.19 44.77 16.90
CA GLY A 487 -20.75 45.98 17.48
C GLY A 487 -21.30 46.99 16.50
N LEU A 488 -20.81 46.95 15.27
CA LEU A 488 -21.26 47.85 14.21
C LEU A 488 -22.62 47.46 13.64
N ASN A 489 -23.35 46.63 14.36
CA ASN A 489 -24.66 46.17 13.91
C ASN A 489 -24.70 45.86 12.42
N ASP A 490 -24.14 44.71 12.07
CA ASP A 490 -24.06 44.25 10.68
C ASP A 490 -25.12 43.18 10.43
N VAL A 491 -25.98 43.44 9.44
CA VAL A 491 -27.06 42.52 9.11
C VAL A 491 -26.58 41.19 8.55
N ASN A 492 -25.33 41.12 8.12
CA ASN A 492 -24.80 39.89 7.57
C ASN A 492 -23.97 39.05 8.54
N CYS A 493 -23.67 39.62 9.70
CA CYS A 493 -22.92 38.89 10.71
C CYS A 493 -23.89 37.98 11.46
N ALA A 494 -23.37 37.18 12.38
CA ALA A 494 -24.22 36.27 13.13
C ALA A 494 -24.60 36.76 14.52
N THR A 495 -25.80 36.40 14.95
CA THR A 495 -26.28 36.79 16.27
C THR A 495 -26.02 35.62 17.23
N SER A 496 -25.99 34.42 16.65
CA SER A 496 -25.76 33.19 17.39
C SER A 496 -25.28 32.15 16.39
N TYR A 497 -24.64 31.11 16.89
CA TYR A 497 -24.17 30.06 16.01
C TYR A 497 -25.39 29.48 15.26
N ASP A 498 -26.58 29.66 15.83
CA ASP A 498 -27.83 29.17 15.24
C ASP A 498 -28.27 30.03 14.07
N ASP A 499 -27.88 31.29 14.10
CA ASP A 499 -28.22 32.25 13.07
C ASP A 499 -27.55 31.80 11.77
N VAL A 500 -28.33 31.56 10.72
CA VAL A 500 -27.77 31.12 9.45
C VAL A 500 -27.09 32.25 8.67
N LYS A 501 -25.78 32.41 8.86
CA LYS A 501 -25.08 33.47 8.16
C LYS A 501 -23.73 33.04 7.59
N ALA A 502 -23.03 34.01 7.02
CA ALA A 502 -21.72 33.80 6.42
C ALA A 502 -20.78 33.07 7.36
N TYR A 503 -20.85 31.75 7.29
CA TYR A 503 -19.99 30.81 8.02
C TYR A 503 -20.22 30.60 9.51
N THR A 504 -21.45 30.22 9.85
CA THR A 504 -21.85 29.90 11.22
C THR A 504 -22.03 28.39 11.30
N PRO A 505 -22.07 27.83 12.50
CA PRO A 505 -22.26 26.39 12.58
C PRO A 505 -23.59 25.95 11.93
N ALA A 506 -24.65 26.73 12.15
CA ALA A 506 -25.94 26.39 11.56
C ALA A 506 -25.80 26.42 10.04
N TRP A 507 -25.10 27.42 9.54
CA TRP A 507 -24.90 27.54 8.11
C TRP A 507 -24.26 26.28 7.53
N ALA A 508 -23.13 25.87 8.11
CA ALA A 508 -22.41 24.69 7.66
C ALA A 508 -23.12 23.38 7.89
N GLU A 509 -24.12 23.37 8.77
CA GLU A 509 -24.83 22.12 9.01
C GLU A 509 -25.68 21.80 7.78
N GLN A 510 -26.07 22.83 7.06
CA GLN A 510 -26.90 22.64 5.87
C GLN A 510 -26.08 22.22 4.67
N ILE A 511 -24.86 22.74 4.58
CA ILE A 511 -23.99 22.40 3.46
C ILE A 511 -23.35 21.03 3.60
N THR A 512 -22.82 20.77 4.79
CA THR A 512 -22.10 19.56 5.11
C THR A 512 -22.94 18.42 5.61
N GLY A 513 -23.95 18.73 6.41
CA GLY A 513 -24.80 17.69 6.96
C GLY A 513 -24.30 17.21 8.32
N VAL A 514 -23.33 17.94 8.86
CA VAL A 514 -22.75 17.64 10.16
C VAL A 514 -23.46 18.50 11.19
N SER A 515 -24.04 17.89 12.20
CA SER A 515 -24.76 18.65 13.23
C SER A 515 -23.93 19.84 13.70
N ARG A 516 -24.58 20.98 13.89
CA ARG A 516 -23.87 22.17 14.34
C ARG A 516 -23.27 21.96 15.72
N SER A 517 -23.95 21.21 16.57
CA SER A 517 -23.44 20.99 17.93
C SER A 517 -22.06 20.33 17.90
N GLN A 518 -21.82 19.51 16.88
CA GLN A 518 -20.54 18.83 16.70
C GLN A 518 -19.49 19.83 16.26
N ILE A 519 -19.82 20.63 15.25
CA ILE A 519 -18.90 21.64 14.74
C ILE A 519 -18.39 22.47 15.91
N ILE A 520 -19.35 22.89 16.74
CA ILE A 520 -19.06 23.69 17.92
C ILE A 520 -18.20 22.97 18.97
N ARG A 521 -18.64 21.80 19.41
CA ARG A 521 -17.91 21.06 20.42
C ARG A 521 -16.43 20.86 20.09
N ILE A 522 -16.19 20.31 18.90
CA ILE A 522 -14.83 20.03 18.47
C ILE A 522 -14.02 21.30 18.28
N ALA A 523 -14.59 22.27 17.58
CA ALA A 523 -13.86 23.52 17.40
C ALA A 523 -13.40 24.02 18.78
N ARG A 524 -14.30 23.93 19.75
CA ARG A 524 -14.01 24.39 21.08
C ARG A 524 -12.90 23.58 21.75
N GLU A 525 -12.96 22.25 21.68
CA GLU A 525 -11.93 21.41 22.29
C GLU A 525 -10.60 21.64 21.62
N PHE A 526 -10.59 21.61 20.30
CA PHE A 526 -9.37 21.81 19.52
C PHE A 526 -8.62 23.07 19.96
N ALA A 527 -9.35 24.18 20.10
CA ALA A 527 -8.75 25.45 20.49
C ALA A 527 -8.36 25.48 21.96
N ASP A 528 -9.21 24.91 22.81
CA ASP A 528 -8.93 24.89 24.23
C ASP A 528 -7.59 24.21 24.43
N ASN A 529 -7.40 23.07 23.75
CA ASN A 529 -6.16 22.28 23.82
C ASN A 529 -4.96 23.11 23.35
N ALA A 530 -5.12 23.81 22.23
CA ALA A 530 -4.03 24.63 21.70
C ALA A 530 -3.66 25.75 22.69
N ASP A 531 -4.67 26.30 23.35
CA ASP A 531 -4.43 27.34 24.33
C ASP A 531 -3.70 26.72 25.53
N LYS A 532 -4.23 25.60 26.02
CA LYS A 532 -3.65 24.87 27.16
C LYS A 532 -2.21 24.43 27.00
N THR A 533 -1.89 23.87 25.83
CA THR A 533 -0.54 23.36 25.59
C THR A 533 0.34 24.29 24.78
N HIS A 534 -0.22 25.42 24.39
CA HIS A 534 0.51 26.39 23.58
C HIS A 534 0.81 25.93 22.16
N GLY A 535 -0.25 25.55 21.44
CA GLY A 535 -0.10 25.14 20.06
C GLY A 535 0.00 23.67 19.71
N ARG A 536 -0.24 22.77 20.66
CA ARG A 536 -0.13 21.35 20.36
C ARG A 536 -1.43 20.68 19.86
N SER A 537 -1.99 21.25 18.81
CA SER A 537 -3.19 20.71 18.16
C SER A 537 -2.73 20.56 16.71
N MET A 538 -2.94 19.38 16.15
CA MET A 538 -2.47 19.11 14.81
C MET A 538 -3.58 18.62 13.92
N ILE A 539 -3.42 18.86 12.62
CA ILE A 539 -4.40 18.39 11.66
C ILE A 539 -3.70 17.64 10.52
N ILE A 540 -3.87 16.32 10.50
CA ILE A 540 -3.30 15.51 9.44
C ILE A 540 -4.32 15.59 8.31
N VAL A 541 -3.87 16.00 7.13
CA VAL A 541 -4.77 16.14 5.98
C VAL A 541 -4.19 15.50 4.71
N GLY A 542 -5.05 14.90 3.89
CA GLY A 542 -4.56 14.27 2.68
C GLY A 542 -5.40 14.47 1.44
N ALA A 543 -5.19 13.63 0.43
CA ALA A 543 -5.92 13.72 -0.85
C ALA A 543 -7.43 13.82 -0.73
N GLY A 544 -7.97 13.47 0.44
CA GLY A 544 -9.41 13.56 0.63
C GLY A 544 -9.84 14.98 0.35
N LEU A 545 -8.99 15.95 0.71
CA LEU A 545 -9.28 17.37 0.49
C LEU A 545 -8.49 17.97 -0.65
N ASN A 546 -7.26 17.53 -0.83
CA ASN A 546 -6.38 18.10 -1.84
C ASN A 546 -6.64 17.73 -3.31
N HIS A 547 -7.61 16.87 -3.57
CA HIS A 547 -7.85 16.49 -4.95
C HIS A 547 -9.13 17.02 -5.57
N TRP A 548 -9.70 18.04 -4.93
CA TRP A 548 -10.89 18.72 -5.41
C TRP A 548 -10.40 19.97 -6.11
N TYR A 549 -11.17 20.47 -7.06
CA TYR A 549 -10.78 21.66 -7.80
C TYR A 549 -10.47 22.84 -6.86
N HIS A 550 -11.24 22.96 -5.80
CA HIS A 550 -11.03 24.04 -4.84
C HIS A 550 -10.24 23.55 -3.64
N LEU A 551 -9.13 22.88 -3.91
CA LEU A 551 -8.30 22.37 -2.83
C LEU A 551 -7.81 23.52 -1.95
N ASP A 552 -7.47 24.65 -2.58
CA ASP A 552 -6.98 25.80 -1.83
C ASP A 552 -7.92 26.21 -0.73
N MET A 553 -9.21 26.14 -1.01
CA MET A 553 -10.19 26.53 -0.03
C MET A 553 -10.24 25.52 1.14
N ASN A 554 -10.17 24.23 0.82
CA ASN A 554 -10.17 23.22 1.87
C ASN A 554 -8.94 23.41 2.76
N TYR A 555 -7.77 23.51 2.15
CA TYR A 555 -6.55 23.71 2.94
C TYR A 555 -6.50 25.03 3.70
N ARG A 556 -6.94 26.12 3.08
CA ARG A 556 -6.90 27.39 3.79
C ARG A 556 -7.90 27.33 4.95
N GLY A 557 -8.94 26.52 4.78
CA GLY A 557 -9.90 26.37 5.84
C GLY A 557 -9.19 25.76 7.03
N LEU A 558 -8.50 24.64 6.78
CA LEU A 558 -7.74 23.92 7.80
C LEU A 558 -6.60 24.75 8.38
N ILE A 559 -5.91 25.49 7.52
CA ILE A 559 -4.78 26.33 7.93
C ILE A 559 -5.18 27.47 8.88
N ASN A 560 -6.29 28.15 8.59
CA ASN A 560 -6.72 29.25 9.44
C ASN A 560 -7.03 28.80 10.87
N MET A 561 -7.64 27.63 11.01
CA MET A 561 -7.95 27.08 12.32
C MET A 561 -6.66 26.89 13.11
N LEU A 562 -5.64 26.37 12.42
CA LEU A 562 -4.34 26.11 13.03
C LEU A 562 -3.60 27.38 13.39
N ILE A 563 -3.73 28.41 12.57
CA ILE A 563 -3.06 29.69 12.85
C ILE A 563 -3.77 30.44 13.96
N PHE A 564 -5.10 30.39 13.95
CA PHE A 564 -5.85 31.06 15.00
C PHE A 564 -5.51 30.45 16.37
N CYS A 565 -5.01 29.22 16.38
CA CYS A 565 -4.67 28.57 17.64
C CYS A 565 -3.16 28.45 17.84
N GLY A 566 -2.41 29.27 17.10
CA GLY A 566 -0.97 29.28 17.22
C GLY A 566 -0.32 27.90 17.22
N CYS A 567 -0.80 27.01 16.35
CA CYS A 567 -0.29 25.64 16.27
C CYS A 567 0.89 25.41 15.32
N VAL A 568 0.95 26.19 14.25
CA VAL A 568 2.04 26.07 13.30
C VAL A 568 3.38 26.52 13.92
N GLY A 569 4.43 25.72 13.70
CA GLY A 569 5.74 26.03 14.23
C GLY A 569 5.90 25.50 15.65
N GLN A 570 4.94 24.72 16.13
CA GLN A 570 4.99 24.16 17.49
C GLN A 570 5.01 22.64 17.50
N SER A 571 6.05 22.06 18.09
CA SER A 571 6.16 20.61 18.18
C SER A 571 4.86 20.05 18.73
N GLY A 572 4.23 19.18 17.95
CA GLY A 572 2.97 18.57 18.36
C GLY A 572 1.76 19.30 17.82
N GLY A 573 2.01 20.27 16.94
CA GLY A 573 0.93 21.03 16.36
C GLY A 573 1.25 21.48 14.95
N GLY A 574 0.25 21.84 14.17
CA GLY A 574 0.52 22.30 12.82
C GLY A 574 -0.32 21.68 11.70
N TRP A 575 0.14 21.92 10.48
CA TRP A 575 -0.52 21.45 9.28
C TRP A 575 0.29 20.26 8.78
N ALA A 576 -0.25 19.05 8.92
CA ALA A 576 0.44 17.85 8.50
C ALA A 576 -0.15 17.25 7.21
N HIS A 577 0.45 17.63 6.08
CA HIS A 577 0.03 17.19 4.76
C HIS A 577 0.89 16.02 4.30
N TYR A 578 0.28 14.86 4.11
CA TYR A 578 1.00 13.67 3.66
C TYR A 578 0.34 13.05 2.44
N VAL A 579 1.13 12.81 1.40
CA VAL A 579 0.62 12.23 0.17
C VAL A 579 1.71 11.39 -0.50
N GLY A 580 1.82 11.51 -1.82
CA GLY A 580 2.85 10.76 -2.53
C GLY A 580 4.24 11.33 -2.24
N GLU A 582 7.12 12.10 -1.83
CA GLU A 582 7.57 12.12 -0.40
C GLU A 582 8.39 13.41 -0.16
N LYS A 583 9.67 13.30 0.22
CA LYS A 583 10.48 14.50 0.44
C LYS A 583 11.98 14.27 0.29
N LEU A 584 12.55 14.77 -0.80
CA LEU A 584 13.97 14.65 -1.04
C LEU A 584 14.61 15.73 -0.19
N ARG A 585 15.08 15.34 0.99
CA ARG A 585 15.68 16.28 1.92
C ARG A 585 17.03 16.91 1.53
N PRO A 586 17.99 16.10 1.06
CA PRO A 586 19.32 16.62 0.68
C PRO A 586 19.28 17.27 -0.70
N GLN A 587 18.30 18.15 -0.88
CA GLN A 587 18.06 18.82 -2.14
C GLN A 587 19.22 19.41 -2.92
N THR A 588 19.78 20.52 -2.41
CA THR A 588 20.86 21.21 -3.09
C THR A 588 22.05 20.32 -3.46
N GLY A 589 22.11 19.13 -2.86
CA GLY A 589 23.21 18.22 -3.17
C GLY A 589 22.77 17.25 -4.25
N TRP A 590 21.52 17.36 -4.65
CA TRP A 590 20.92 16.50 -5.65
C TRP A 590 20.52 17.25 -6.92
N GLN A 591 20.02 18.49 -6.75
CA GLN A 591 19.57 19.29 -7.90
C GLN A 591 20.63 19.45 -9.00
N PRO A 592 21.91 19.66 -8.62
CA PRO A 592 22.96 19.81 -9.63
C PRO A 592 23.27 18.50 -10.36
N LEU A 593 23.06 17.37 -9.68
CA LEU A 593 23.32 16.07 -10.29
C LEU A 593 22.17 15.67 -11.20
N ALA A 594 20.96 15.92 -10.75
CA ALA A 594 19.78 15.56 -11.54
C ALA A 594 19.57 16.49 -12.73
N PHE A 595 19.99 17.74 -12.61
CA PHE A 595 19.77 18.65 -13.72
C PHE A 595 21.06 19.20 -14.34
N ALA A 596 22.16 18.51 -14.09
CA ALA A 596 23.47 18.88 -14.61
C ALA A 596 23.74 20.37 -14.46
N LEU A 597 23.48 20.90 -13.28
CA LEU A 597 23.73 22.30 -13.04
C LEU A 597 25.20 22.50 -12.71
N ASP A 598 25.92 21.40 -12.60
CA ASP A 598 27.34 21.49 -12.32
C ASP A 598 28.10 21.74 -13.63
N TRP A 599 27.40 21.60 -14.75
CA TRP A 599 28.00 21.82 -16.08
C TRP A 599 27.37 22.99 -16.82
N GLN A 600 26.05 23.05 -16.83
CA GLN A 600 25.34 24.11 -17.52
C GLN A 600 24.22 24.63 -16.64
N ARG A 601 23.87 25.90 -16.84
CA ARG A 601 22.81 26.55 -16.10
C ARG A 601 22.06 27.46 -17.08
N PRO A 602 20.73 27.36 -17.15
CA PRO A 602 19.82 26.47 -16.43
C PRO A 602 19.30 25.33 -17.29
N ALA A 603 18.41 24.53 -16.71
CA ALA A 603 17.82 23.42 -17.41
C ALA A 603 16.40 23.79 -17.82
N ARG A 604 15.74 22.89 -18.54
CA ARG A 604 14.37 23.12 -18.98
C ARG A 604 13.34 22.42 -18.10
N HIS A 605 12.92 23.09 -17.03
CA HIS A 605 11.92 22.53 -16.12
C HIS A 605 10.56 22.86 -16.65
N MET A 606 9.62 21.94 -16.50
CA MET A 606 8.29 22.17 -16.99
C MET A 606 7.21 21.65 -16.07
N ASN A 607 6.16 22.45 -15.90
CA ASN A 607 5.02 22.05 -15.08
C ASN A 607 4.14 21.18 -15.98
N SER A 608 4.05 19.89 -15.65
CA SER A 608 3.34 18.91 -16.45
C SER A 608 1.86 19.05 -16.75
N THR A 609 1.08 19.67 -15.88
CA THR A 609 -0.35 19.78 -16.14
C THR A 609 -0.63 20.69 -17.36
N SER A 610 0.06 21.83 -17.41
CA SER A 610 -0.11 22.75 -18.54
C SER A 610 0.37 22.04 -19.79
N TYR A 611 1.47 21.31 -19.63
CA TYR A 611 2.10 20.55 -20.68
C TYR A 611 1.17 19.54 -21.35
N PHE A 612 0.53 18.71 -20.54
CA PHE A 612 -0.37 17.70 -21.06
C PHE A 612 -1.70 18.29 -21.48
N TYR A 613 -2.15 19.31 -20.75
CA TYR A 613 -3.40 19.96 -21.07
C TYR A 613 -3.29 20.41 -22.54
N ASN A 614 -2.11 20.91 -22.87
CA ASN A 614 -1.80 21.40 -24.20
C ASN A 614 -1.53 20.36 -25.29
N HIS A 615 -0.56 19.47 -25.04
CA HIS A 615 -0.19 18.47 -26.03
C HIS A 615 -1.11 17.28 -26.17
N SER A 616 -1.81 16.89 -25.12
CA SER A 616 -2.75 15.78 -25.25
C SER A 616 -4.09 16.43 -25.65
N SER A 617 -3.97 17.72 -25.97
CA SER A 617 -5.07 18.57 -26.43
C SER A 617 -6.38 18.48 -25.67
N GLN A 618 -6.28 18.35 -24.36
CA GLN A 618 -7.46 18.26 -23.52
C GLN A 618 -8.17 19.61 -23.37
N TRP A 619 -7.55 20.67 -23.87
CA TRP A 619 -8.14 22.00 -23.82
C TRP A 619 -9.23 22.12 -24.90
N ARG A 620 -9.13 21.27 -25.93
CA ARG A 620 -10.09 21.28 -27.03
C ARG A 620 -11.43 20.66 -26.67
N TYR A 621 -11.60 20.27 -25.41
CA TYR A 621 -12.85 19.69 -24.97
C TYR A 621 -13.30 20.40 -23.72
N GLU A 622 -12.64 21.50 -23.40
CA GLU A 622 -12.97 22.21 -22.18
C GLU A 622 -14.44 22.54 -22.07
N THR A 623 -14.94 22.43 -20.85
CA THR A 623 -16.33 22.70 -20.55
C THR A 623 -16.38 23.79 -19.50
N VAL A 624 -15.26 23.97 -18.79
CA VAL A 624 -15.17 24.97 -17.74
C VAL A 624 -14.61 26.27 -18.28
N THR A 625 -15.34 27.36 -18.09
CA THR A 625 -14.94 28.68 -18.57
C THR A 625 -14.51 29.53 -17.38
N ALA A 626 -13.43 30.27 -17.54
CA ALA A 626 -12.94 31.11 -16.47
C ALA A 626 -14.01 32.03 -15.91
N GLU A 627 -14.87 32.54 -16.80
CA GLU A 627 -15.95 33.43 -16.39
C GLU A 627 -16.67 32.96 -15.12
N GLU A 628 -17.19 31.73 -15.18
CA GLU A 628 -17.93 31.15 -14.06
C GLU A 628 -17.09 30.96 -12.80
N LEU A 629 -15.86 31.46 -12.80
CA LEU A 629 -15.00 31.31 -11.63
C LEU A 629 -14.57 32.69 -11.09
N LEU A 630 -14.95 33.74 -11.82
CA LEU A 630 -14.62 35.10 -11.43
C LEU A 630 -15.38 35.53 -10.16
N SER A 631 -14.86 36.55 -9.50
CA SER A 631 -15.48 37.11 -8.31
C SER A 631 -16.65 37.92 -8.85
N PRO A 632 -17.75 38.03 -8.09
CA PRO A 632 -18.86 38.81 -8.61
C PRO A 632 -18.51 40.31 -8.67
N MET A 633 -17.37 40.64 -8.05
CA MET A 633 -16.88 42.01 -7.99
C MET A 633 -15.77 42.30 -8.99
N ALA A 634 -15.70 41.53 -10.06
CA ALA A 634 -14.62 41.71 -11.02
C ALA A 634 -15.07 42.11 -12.42
N ASP A 635 -14.18 42.81 -13.12
CA ASP A 635 -14.41 43.30 -14.48
C ASP A 635 -14.50 42.16 -15.52
N LYS A 636 -15.58 41.40 -15.45
CA LYS A 636 -15.82 40.25 -16.34
C LYS A 636 -15.20 40.36 -17.75
N SER A 637 -15.24 41.54 -18.35
CA SER A 637 -14.71 41.74 -19.69
C SER A 637 -13.24 42.18 -19.66
N ARG A 638 -12.55 41.84 -18.58
CA ARG A 638 -11.13 42.15 -18.42
C ARG A 638 -10.39 40.83 -18.23
N TYR A 639 -11.16 39.74 -18.30
CA TYR A 639 -10.66 38.38 -18.15
C TYR A 639 -11.35 37.48 -19.15
N THR A 640 -11.00 37.60 -20.43
CA THR A 640 -11.66 36.76 -21.42
C THR A 640 -10.76 35.68 -22.00
N GLY A 641 -11.40 34.75 -22.70
CA GLY A 641 -10.69 33.66 -23.34
C GLY A 641 -10.86 32.30 -22.70
N HIS A 642 -10.23 31.32 -23.32
CA HIS A 642 -10.22 29.92 -22.89
C HIS A 642 -9.24 29.87 -21.72
N LEU A 643 -9.39 28.87 -20.85
CA LEU A 643 -8.46 28.76 -19.73
C LEU A 643 -7.04 28.61 -20.27
N ILE A 644 -6.91 27.97 -21.43
CA ILE A 644 -5.60 27.78 -22.04
C ILE A 644 -4.95 29.11 -22.45
N ASP A 645 -5.78 30.15 -22.62
CA ASP A 645 -5.34 31.49 -22.99
C ASP A 645 -4.59 32.11 -21.84
N PHE A 646 -5.12 31.90 -20.65
CA PHE A 646 -4.49 32.42 -19.45
C PHE A 646 -3.13 31.77 -19.26
N ASN A 647 -3.01 30.54 -19.70
CA ASN A 647 -1.74 29.87 -19.55
C ASN A 647 -0.72 30.52 -20.48
N VAL A 648 -1.09 30.68 -21.76
CA VAL A 648 -0.20 31.29 -22.73
C VAL A 648 0.29 32.66 -22.28
N ARG A 649 -0.60 33.41 -21.61
CA ARG A 649 -0.27 34.72 -21.10
C ARG A 649 0.70 34.55 -19.96
N ALA A 650 0.36 33.65 -19.04
CA ALA A 650 1.21 33.38 -17.90
C ALA A 650 2.64 33.00 -18.35
N GLU A 651 2.73 32.28 -19.46
CA GLU A 651 4.03 31.87 -19.97
C GLU A 651 4.87 33.04 -20.48
N ARG A 652 4.27 33.87 -21.31
CA ARG A 652 4.95 35.02 -21.89
C ARG A 652 5.13 36.18 -20.92
N MET A 653 4.58 36.04 -19.71
CA MET A 653 4.74 37.08 -18.70
C MET A 653 5.81 36.66 -17.70
N GLY A 654 6.39 35.49 -17.94
CA GLY A 654 7.44 34.96 -17.07
C GLY A 654 6.96 34.24 -15.84
N TRP A 655 5.65 33.97 -15.76
CA TRP A 655 5.04 33.30 -14.61
C TRP A 655 5.19 31.78 -14.60
N LEU A 656 4.82 31.14 -15.71
CA LEU A 656 4.92 29.69 -15.86
C LEU A 656 5.92 29.35 -16.95
N PRO A 657 6.48 28.13 -16.91
CA PRO A 657 7.47 27.71 -17.92
C PRO A 657 6.81 27.24 -19.23
N SER A 658 7.61 27.09 -20.29
CA SER A 658 7.11 26.67 -21.61
C SER A 658 7.76 25.41 -22.17
N ALA A 659 7.03 24.64 -22.97
CA ALA A 659 7.60 23.42 -23.55
C ALA A 659 6.76 22.76 -24.65
N PRO A 660 7.21 22.82 -25.91
CA PRO A 660 8.45 23.51 -26.33
C PRO A 660 8.29 24.99 -26.03
N GLN A 661 9.40 25.69 -25.85
CA GLN A 661 9.34 27.11 -25.52
C GLN A 661 9.01 27.99 -26.73
N LEU A 662 9.91 28.04 -27.70
CA LEU A 662 9.72 28.87 -28.87
C LEU A 662 9.29 28.08 -30.10
N GLY A 663 8.60 28.77 -31.02
CA GLY A 663 8.12 28.14 -32.23
C GLY A 663 9.18 27.94 -33.30
N THR A 664 10.45 28.08 -32.91
CA THR A 664 11.56 27.92 -33.83
C THR A 664 12.75 27.25 -33.12
N ASN A 665 13.37 26.26 -33.77
CA ASN A 665 14.51 25.53 -33.20
C ASN A 665 15.43 26.48 -32.45
N PRO A 666 15.40 26.44 -31.11
CA PRO A 666 16.25 27.31 -30.32
C PRO A 666 17.75 27.23 -30.57
N LEU A 667 18.20 26.20 -31.28
CA LEU A 667 19.63 26.05 -31.58
C LEU A 667 20.05 26.93 -32.77
N THR A 668 19.05 27.40 -33.53
CA THR A 668 19.31 28.22 -34.70
C THR A 668 19.14 29.72 -34.46
N ILE A 669 18.67 30.09 -33.28
CA ILE A 669 18.45 31.49 -32.93
C ILE A 669 19.76 32.26 -32.79
N ALA A 670 20.76 31.63 -32.19
CA ALA A 670 22.06 32.28 -32.01
C ALA A 670 22.67 32.60 -33.37
N GLY A 671 22.68 31.63 -34.27
CA GLY A 671 23.24 31.85 -35.60
C GLY A 671 22.59 32.96 -36.40
N GLU A 672 21.29 33.18 -36.18
CA GLU A 672 20.57 34.22 -36.90
C GLU A 672 20.82 35.60 -36.32
N ALA A 673 21.12 35.65 -35.02
CA ALA A 673 21.40 36.93 -34.37
C ALA A 673 22.72 37.50 -34.88
N GLU A 674 23.71 36.62 -35.04
CA GLU A 674 25.03 37.04 -35.51
C GLU A 674 24.95 37.72 -36.87
N LYS A 675 23.99 37.29 -37.70
CA LYS A 675 23.81 37.87 -39.03
C LYS A 675 22.99 39.15 -38.91
N ALA A 676 22.44 39.40 -37.73
CA ALA A 676 21.65 40.61 -37.51
C ALA A 676 22.55 41.67 -36.91
N GLY A 677 23.76 41.27 -36.50
CA GLY A 677 24.70 42.21 -35.91
C GLY A 677 24.43 42.52 -34.45
N MET A 678 23.57 41.72 -33.83
CA MET A 678 23.22 41.91 -32.43
C MET A 678 23.34 40.57 -31.71
N ASN A 679 23.47 40.61 -30.39
CA ASN A 679 23.61 39.37 -29.64
C ASN A 679 22.33 38.54 -29.66
N PRO A 680 22.43 37.26 -29.25
CA PRO A 680 21.26 36.38 -29.22
C PRO A 680 20.16 36.84 -28.26
N VAL A 681 20.57 37.31 -27.09
CA VAL A 681 19.62 37.78 -26.10
C VAL A 681 18.73 38.91 -26.65
N ASP A 682 19.34 40.03 -27.02
CA ASP A 682 18.58 41.17 -27.54
C ASP A 682 17.88 40.85 -28.84
N TYR A 683 18.48 40.00 -29.65
CA TYR A 683 17.88 39.64 -30.92
C TYR A 683 16.59 38.86 -30.71
N THR A 684 16.52 38.08 -29.63
CA THR A 684 15.32 37.29 -29.34
C THR A 684 14.18 38.20 -28.93
N VAL A 685 14.46 39.17 -28.06
CA VAL A 685 13.43 40.10 -27.61
C VAL A 685 12.87 40.91 -28.78
N LYS A 686 13.75 41.30 -29.69
CA LYS A 686 13.34 42.08 -30.84
C LYS A 686 12.36 41.25 -31.63
N SER A 687 12.79 40.03 -31.94
CA SER A 687 11.97 39.11 -32.71
C SER A 687 10.64 38.83 -32.00
N LEU A 688 10.71 38.56 -30.70
CA LEU A 688 9.51 38.28 -29.92
C LEU A 688 8.49 39.38 -30.05
N LYS A 689 8.95 40.63 -30.03
CA LYS A 689 8.07 41.77 -30.16
C LYS A 689 7.54 41.85 -31.60
N GLU A 690 8.44 41.83 -32.56
CA GLU A 690 8.08 41.91 -33.97
C GLU A 690 7.23 40.75 -34.47
N GLY A 691 7.21 39.65 -33.73
CA GLY A 691 6.44 38.49 -34.15
C GLY A 691 7.28 37.56 -34.98
N SER A 692 8.59 37.82 -34.99
CA SER A 692 9.56 37.02 -35.73
C SER A 692 9.64 35.63 -35.09
N ILE A 693 9.83 35.64 -33.77
CA ILE A 693 9.91 34.42 -32.96
C ILE A 693 8.67 34.43 -32.04
N ARG A 694 7.90 33.35 -32.06
CA ARG A 694 6.71 33.27 -31.22
C ARG A 694 6.84 32.18 -30.17
N PHE A 695 6.04 32.27 -29.11
CA PHE A 695 6.07 31.25 -28.08
C PHE A 695 5.35 30.07 -28.70
N ALA A 696 5.96 28.88 -28.62
CA ALA A 696 5.37 27.68 -29.21
C ALA A 696 3.93 27.47 -28.75
N ALA A 697 3.67 27.85 -27.51
CA ALA A 697 2.36 27.74 -26.89
C ALA A 697 1.20 28.31 -27.74
N GLU A 698 1.48 29.39 -28.47
CA GLU A 698 0.49 30.04 -29.32
C GLU A 698 0.04 29.18 -30.50
N GLN A 699 0.87 28.22 -30.90
CA GLN A 699 0.55 27.33 -32.01
C GLN A 699 1.06 25.92 -31.75
N PRO A 700 0.35 25.18 -30.90
CA PRO A 700 0.69 23.81 -30.52
C PRO A 700 0.41 22.75 -31.56
N GLU A 701 -0.26 23.11 -32.65
CA GLU A 701 -0.57 22.12 -33.66
C GLU A 701 0.01 22.44 -35.03
N ASN A 702 0.81 23.50 -35.10
CA ASN A 702 1.38 23.88 -36.37
C ASN A 702 2.21 22.78 -37.02
N GLY A 703 2.78 21.87 -36.21
CA GLY A 703 3.57 20.77 -36.76
C GLY A 703 5.00 20.72 -36.25
N LYS A 704 5.43 21.78 -35.58
CA LYS A 704 6.79 21.84 -35.07
C LYS A 704 6.84 22.30 -33.60
N ASN A 705 5.67 22.49 -32.99
CA ASN A 705 5.65 22.95 -31.61
C ASN A 705 5.13 21.92 -30.63
N HIS A 706 5.21 20.65 -31.02
CA HIS A 706 4.76 19.57 -30.17
C HIS A 706 5.96 18.68 -29.83
N PRO A 707 5.93 18.03 -28.65
CA PRO A 707 7.06 17.17 -28.32
C PRO A 707 7.07 15.96 -29.26
N ARG A 708 8.26 15.45 -29.58
CA ARG A 708 8.37 14.32 -30.48
C ARG A 708 8.93 13.04 -29.85
N ASN A 709 9.79 13.19 -28.85
CA ASN A 709 10.38 12.03 -28.17
C ASN A 709 10.12 12.11 -26.66
N LEU A 710 9.56 11.03 -26.10
CA LEU A 710 9.27 11.00 -24.67
C LEU A 710 9.84 9.79 -23.96
N PHE A 711 10.55 10.04 -22.87
CA PHE A 711 11.15 9.00 -22.02
C PHE A 711 10.33 8.89 -20.75
N ILE A 712 9.99 7.67 -20.35
CA ILE A 712 9.24 7.49 -19.13
C ILE A 712 9.89 6.44 -18.25
N TRP A 713 10.31 6.81 -17.05
CA TRP A 713 10.90 5.83 -16.12
C TRP A 713 10.42 6.12 -14.70
N ARG A 714 10.26 5.07 -13.91
CA ARG A 714 9.79 5.20 -12.53
C ARG A 714 8.38 5.83 -12.59
N SER A 715 7.66 5.52 -13.66
CA SER A 715 6.31 6.04 -13.88
C SER A 715 5.50 5.11 -14.77
N ASN A 716 4.17 5.22 -14.68
CA ASN A 716 3.27 4.43 -15.50
C ASN A 716 2.27 5.40 -16.13
N LEU A 717 2.77 6.61 -16.37
CA LEU A 717 2.03 7.72 -16.96
C LEU A 717 0.80 7.37 -17.82
N LEU A 718 0.95 6.43 -18.74
CA LEU A 718 -0.19 6.06 -19.58
C LEU A 718 -0.87 4.81 -19.05
N GLY A 719 -1.48 4.93 -17.87
CA GLY A 719 -2.16 3.79 -17.26
C GLY A 719 -2.34 4.05 -15.77
N SER A 720 -1.91 5.20 -15.32
CA SER A 720 -2.03 5.53 -13.92
C SER A 720 -2.19 7.03 -13.74
N SER A 721 -1.09 7.72 -13.39
CA SER A 721 -1.13 9.17 -13.16
C SER A 721 -1.66 9.98 -14.33
N GLY A 722 -1.67 9.39 -15.52
CA GLY A 722 -2.13 10.12 -16.69
C GLY A 722 -3.59 10.52 -16.76
N LYS A 723 -3.94 11.65 -16.17
CA LYS A 723 -5.33 12.11 -16.22
C LYS A 723 -5.71 12.36 -17.69
N GLY A 724 -6.94 11.99 -18.07
CA GLY A 724 -7.35 12.17 -19.45
C GLY A 724 -6.67 11.14 -20.33
N HIS A 725 -6.77 9.88 -19.93
CA HIS A 725 -6.16 8.74 -20.62
C HIS A 725 -6.54 8.62 -22.11
N GLU A 726 -7.83 8.76 -22.43
CA GLU A 726 -8.24 8.62 -23.83
C GLU A 726 -7.75 9.75 -24.73
N PHE A 727 -7.70 10.96 -24.18
CA PHE A 727 -7.21 12.13 -24.92
C PHE A 727 -5.72 11.90 -25.17
N MET A 728 -5.04 11.42 -24.13
CA MET A 728 -3.63 11.13 -24.20
C MET A 728 -3.33 10.10 -25.27
N LEU A 729 -4.14 9.05 -25.32
CA LEU A 729 -4.00 7.98 -26.31
C LEU A 729 -4.30 8.44 -27.73
N LYS A 730 -5.22 9.38 -27.88
CA LYS A 730 -5.59 9.87 -29.20
C LYS A 730 -4.63 10.88 -29.83
N TYR A 731 -4.28 11.92 -29.08
CA TYR A 731 -3.42 12.96 -29.58
C TYR A 731 -1.93 12.78 -29.36
N LEU A 732 -1.55 12.18 -28.23
CA LEU A 732 -0.13 11.96 -27.99
C LEU A 732 0.39 10.68 -28.61
N LEU A 733 -0.46 9.67 -28.68
CA LEU A 733 -0.05 8.39 -29.25
C LEU A 733 -0.56 8.11 -30.66
N GLY A 734 -1.81 8.49 -30.94
CA GLY A 734 -2.37 8.27 -32.26
C GLY A 734 -2.94 6.87 -32.45
N THR A 735 -3.52 6.31 -31.39
CA THR A 735 -4.14 4.97 -31.45
C THR A 735 -5.64 5.16 -31.22
N GLU A 736 -6.39 4.06 -31.25
CA GLU A 736 -7.82 4.14 -30.99
C GLU A 736 -8.01 4.67 -29.58
N HIS A 737 -9.18 5.26 -29.31
CA HIS A 737 -9.46 5.80 -28.00
C HIS A 737 -10.96 5.69 -27.71
N GLY A 738 -11.36 5.99 -26.48
CA GLY A 738 -12.74 5.89 -26.08
C GLY A 738 -13.40 7.22 -25.72
N ILE A 739 -12.84 8.32 -26.20
CA ILE A 739 -13.42 9.65 -25.95
C ILE A 739 -14.84 9.59 -26.46
N GLN A 740 -15.78 10.12 -25.69
CA GLN A 740 -17.20 10.08 -26.06
C GLN A 740 -17.80 11.40 -26.50
N GLY A 741 -17.27 12.52 -26.00
CA GLY A 741 -17.81 13.80 -26.36
C GLY A 741 -17.23 14.41 -27.63
N LYS A 742 -17.80 15.55 -28.05
CA LYS A 742 -17.35 16.28 -29.24
C LYS A 742 -16.48 17.42 -28.76
N ASP A 743 -15.59 17.92 -29.60
CA ASP A 743 -14.73 19.03 -29.18
C ASP A 743 -15.33 20.41 -29.46
N LEU A 744 -14.72 21.45 -28.90
CA LEU A 744 -15.15 22.83 -29.11
C LEU A 744 -15.57 23.08 -30.55
N GLY A 745 -14.82 22.47 -31.47
CA GLY A 745 -15.11 22.62 -32.88
C GLY A 745 -16.44 22.00 -33.26
N GLN A 746 -16.59 20.71 -32.98
CA GLN A 746 -17.81 19.96 -33.29
C GLN A 746 -19.06 20.50 -32.58
N GLN A 747 -18.87 21.10 -31.42
CA GLN A 747 -19.98 21.66 -30.68
C GLN A 747 -20.27 23.07 -31.12
N GLY A 748 -19.22 23.82 -31.46
CA GLY A 748 -19.38 25.19 -31.90
C GLY A 748 -18.82 26.23 -30.93
N GLY A 749 -18.44 25.81 -29.71
CA GLY A 749 -17.91 26.74 -28.73
C GLY A 749 -16.90 27.77 -29.23
N VAL A 750 -16.56 28.73 -28.37
CA VAL A 750 -15.60 29.79 -28.74
C VAL A 750 -14.14 29.37 -28.62
N LYS A 751 -13.42 29.61 -29.70
CA LYS A 751 -12.00 29.29 -29.79
C LYS A 751 -11.21 30.14 -28.82
N PRO A 752 -10.03 29.68 -28.41
CA PRO A 752 -9.28 30.53 -27.48
C PRO A 752 -8.87 31.79 -28.25
N GLU A 753 -8.49 32.84 -27.55
CA GLU A 753 -8.09 34.06 -28.22
C GLU A 753 -6.58 34.24 -28.17
N GLU A 754 -5.86 33.14 -28.04
CA GLU A 754 -4.40 33.16 -27.99
C GLU A 754 -3.84 31.91 -28.64
N VAL A 755 -4.71 31.07 -29.17
CA VAL A 755 -4.29 29.80 -29.76
C VAL A 755 -4.99 29.45 -31.07
N ASP A 756 -4.22 28.98 -32.04
CA ASP A 756 -4.78 28.59 -33.33
C ASP A 756 -5.77 27.45 -33.18
N TRP A 757 -6.86 27.51 -33.95
CA TRP A 757 -7.83 26.44 -33.90
C TRP A 757 -7.79 25.63 -35.19
N GLN A 758 -8.18 24.37 -35.13
CA GLN A 758 -8.25 23.55 -36.33
C GLN A 758 -9.19 22.37 -36.14
N ASP A 759 -10.28 22.40 -36.90
CA ASP A 759 -11.32 21.40 -36.80
C ASP A 759 -10.82 19.98 -36.67
N ASN A 760 -9.67 19.68 -37.25
CA ASN A 760 -9.13 18.35 -37.13
C ASN A 760 -7.78 18.43 -36.46
N GLY A 761 -7.76 18.17 -35.16
CA GLY A 761 -6.56 18.25 -34.36
C GLY A 761 -5.46 17.26 -34.71
N LEU A 762 -4.22 17.71 -34.53
CA LEU A 762 -3.05 16.89 -34.81
C LEU A 762 -3.01 15.68 -33.88
N GLU A 763 -2.74 14.51 -34.45
CA GLU A 763 -2.67 13.25 -33.71
C GLU A 763 -1.31 12.55 -33.80
N GLY A 764 -1.08 11.59 -32.91
CA GLY A 764 0.18 10.85 -32.91
C GLY A 764 1.42 11.74 -32.94
N LYS A 765 1.46 12.76 -32.09
CA LYS A 765 2.59 13.68 -32.05
C LYS A 765 3.90 13.03 -31.60
N LEU A 766 3.83 12.13 -30.63
CA LEU A 766 5.04 11.48 -30.16
C LEU A 766 5.60 10.53 -31.22
N ASP A 767 6.82 10.82 -31.65
CA ASP A 767 7.50 10.02 -32.67
C ASP A 767 8.08 8.74 -32.09
N LEU A 768 8.53 8.84 -30.85
CA LEU A 768 9.17 7.70 -30.21
C LEU A 768 8.98 7.78 -28.69
N VAL A 769 8.33 6.75 -28.14
CA VAL A 769 8.05 6.63 -26.71
C VAL A 769 8.86 5.50 -26.08
N VAL A 770 9.81 5.85 -25.23
CA VAL A 770 10.66 4.84 -24.58
C VAL A 770 10.36 4.68 -23.12
N THR A 771 9.96 3.47 -22.72
CA THR A 771 9.66 3.23 -21.31
C THR A 771 10.63 2.27 -20.62
N LEU A 772 11.08 2.67 -19.43
CA LEU A 772 12.00 1.87 -18.62
C LEU A 772 11.17 1.24 -17.49
N ASP A 773 11.29 -0.07 -17.31
CA ASP A 773 10.54 -0.77 -16.27
C ASP A 773 11.03 -2.19 -16.03
N PHE A 774 10.58 -2.82 -14.95
CA PHE A 774 10.95 -4.19 -14.65
C PHE A 774 9.72 -5.09 -14.83
N ARG A 775 8.60 -4.47 -15.14
CA ARG A 775 7.37 -5.20 -15.36
C ARG A 775 6.71 -4.61 -16.57
N LEU A 776 6.07 -5.44 -17.37
CA LEU A 776 5.40 -4.93 -18.55
C LEU A 776 4.15 -4.25 -18.05
N SER A 777 4.23 -2.93 -17.87
CA SER A 777 3.11 -2.12 -17.38
C SER A 777 2.17 -1.65 -18.49
N SER A 778 1.13 -0.93 -18.11
CA SER A 778 0.18 -0.41 -19.07
C SER A 778 0.92 0.56 -19.97
N THR A 779 1.81 1.33 -19.37
CA THR A 779 2.57 2.28 -20.15
C THR A 779 3.45 1.55 -21.18
N CYS A 780 4.17 0.51 -20.74
CA CYS A 780 5.01 -0.27 -21.65
C CYS A 780 4.21 -0.82 -22.83
N LEU A 781 3.01 -1.34 -22.53
CA LEU A 781 2.12 -1.92 -23.54
C LEU A 781 1.88 -1.00 -24.72
N TYR A 782 1.79 0.31 -24.45
CA TYR A 782 1.56 1.32 -25.48
C TYR A 782 2.85 2.02 -25.84
N SER A 783 3.97 1.33 -25.70
CA SER A 783 5.25 1.94 -26.01
C SER A 783 5.85 1.43 -27.31
N ASP A 784 6.94 2.07 -27.74
CA ASP A 784 7.60 1.67 -28.97
C ASP A 784 8.84 0.86 -28.60
N ILE A 785 9.41 1.20 -27.45
CA ILE A 785 10.61 0.52 -26.93
C ILE A 785 10.55 0.32 -25.41
N ILE A 786 10.67 -0.93 -24.98
CA ILE A 786 10.67 -1.23 -23.54
C ILE A 786 12.11 -1.58 -23.12
N LEU A 787 12.66 -0.81 -22.19
CA LEU A 787 14.01 -1.06 -21.72
C LEU A 787 13.91 -1.80 -20.40
N PRO A 788 14.48 -3.00 -20.31
CA PRO A 788 14.41 -3.77 -19.06
C PRO A 788 15.30 -3.20 -17.93
N THR A 789 14.66 -2.54 -16.98
CA THR A 789 15.40 -1.96 -15.87
C THR A 789 15.46 -2.93 -14.67
N ALA A 790 16.34 -2.62 -13.72
CA ALA A 790 16.53 -3.42 -12.52
C ALA A 790 15.57 -3.05 -11.38
N THR A 791 15.16 -4.06 -10.61
CA THR A 791 14.28 -3.84 -9.47
C THR A 791 15.05 -3.12 -8.37
N TRP A 792 14.37 -2.73 -7.29
CA TRP A 792 15.04 -2.03 -6.21
C TRP A 792 15.95 -2.96 -5.44
N TYR A 793 15.85 -4.26 -5.70
CA TYR A 793 16.70 -5.24 -5.04
C TYR A 793 17.97 -5.58 -5.86
N GLU A 794 18.16 -4.90 -7.00
CA GLU A 794 19.30 -5.18 -7.86
C GLU A 794 20.07 -3.92 -8.24
N LYS A 795 19.98 -2.88 -7.41
CA LYS A 795 20.70 -1.65 -7.70
C LYS A 795 20.94 -0.82 -6.46
N ASP A 796 21.89 0.11 -6.55
CA ASP A 796 22.26 0.98 -5.45
C ASP A 796 21.71 2.38 -5.64
N ASP A 797 21.08 2.92 -4.59
CA ASP A 797 20.51 4.25 -4.63
C ASP A 797 20.16 4.72 -3.22
N MET A 798 19.59 5.92 -3.09
CA MET A 798 19.25 6.41 -1.77
C MET A 798 17.80 6.86 -1.61
N ASN A 799 17.39 7.00 -0.35
CA ASN A 799 16.02 7.37 -0.02
C ASN A 799 15.91 8.30 1.21
N THR A 800 14.98 9.27 1.17
CA THR A 800 14.70 10.16 2.31
C THR A 800 13.18 10.25 2.39
N SER A 801 12.65 10.89 3.43
CA SER A 801 11.19 10.98 3.56
C SER A 801 10.66 12.15 4.38
N ASP A 802 9.35 12.41 4.27
CA ASP A 802 8.70 13.49 5.01
C ASP A 802 8.36 12.93 6.37
N MET A 803 8.12 11.62 6.40
CA MET A 803 7.71 10.95 7.62
C MET A 803 8.79 10.85 8.67
N HIS A 804 10.05 10.79 8.24
CA HIS A 804 11.15 10.70 9.21
C HIS A 804 12.41 11.35 8.66
N PRO A 805 13.44 11.51 9.51
CA PRO A 805 14.71 12.12 9.13
C PRO A 805 15.82 11.17 8.71
N PHE A 806 15.51 9.90 8.51
CA PHE A 806 16.55 8.93 8.14
C PHE A 806 16.83 8.86 6.64
N ILE A 807 18.10 8.75 6.27
CA ILE A 807 18.44 8.57 4.86
C ILE A 807 19.05 7.17 4.74
N HIS A 808 18.39 6.28 4.02
CA HIS A 808 18.93 4.93 3.85
C HIS A 808 19.08 4.56 2.38
N PRO A 809 19.75 3.43 2.09
CA PRO A 809 19.97 3.00 0.71
C PRO A 809 19.08 1.93 0.11
N LEU A 810 19.41 1.68 -1.16
CA LEU A 810 18.82 0.65 -2.00
C LEU A 810 20.11 -0.07 -2.35
N SER A 811 20.15 -1.39 -2.24
CA SER A 811 21.37 -2.12 -2.58
C SER A 811 21.08 -3.32 -3.44
N ALA A 812 21.99 -3.63 -4.34
CA ALA A 812 21.79 -4.78 -5.18
C ALA A 812 22.01 -6.04 -4.34
N ALA A 813 20.95 -6.81 -4.13
CA ALA A 813 21.08 -8.04 -3.36
C ALA A 813 21.80 -9.02 -4.27
N VAL A 814 21.52 -8.91 -5.55
CA VAL A 814 22.12 -9.76 -6.58
C VAL A 814 22.21 -8.82 -7.80
N ASP A 815 22.87 -9.27 -8.88
CA ASP A 815 22.99 -8.44 -10.08
C ASP A 815 21.69 -8.51 -10.86
N PRO A 816 21.31 -7.41 -11.53
CA PRO A 816 20.07 -7.42 -12.31
C PRO A 816 20.03 -8.72 -13.10
N ALA A 817 18.89 -9.40 -13.08
CA ALA A 817 18.75 -10.67 -13.79
C ALA A 817 18.46 -10.48 -15.27
N TRP A 818 18.74 -11.53 -16.05
CA TRP A 818 18.54 -11.50 -17.49
C TRP A 818 19.25 -10.28 -18.01
N GLU A 819 18.64 -9.49 -18.89
CA GLU A 819 19.38 -8.33 -19.40
C GLU A 819 19.05 -6.98 -18.77
N ALA A 820 18.48 -6.99 -17.57
CA ALA A 820 18.12 -5.74 -16.92
C ALA A 820 19.37 -4.89 -16.61
N LYS A 821 19.17 -3.59 -16.45
CA LYS A 821 20.23 -2.64 -16.13
C LYS A 821 19.63 -1.55 -15.26
N SER A 822 20.43 -1.00 -14.36
CA SER A 822 19.96 0.07 -13.48
C SER A 822 19.60 1.29 -14.34
N ASP A 823 18.70 2.15 -13.85
CA ASP A 823 18.29 3.32 -14.62
C ASP A 823 19.52 4.14 -14.94
N TRP A 824 20.46 4.17 -13.99
CA TRP A 824 21.70 4.90 -14.15
C TRP A 824 22.55 4.35 -15.31
N GLU A 825 22.69 3.04 -15.37
CA GLU A 825 23.49 2.41 -16.40
C GLU A 825 22.81 2.51 -17.75
N ILE A 826 21.48 2.55 -17.72
CA ILE A 826 20.70 2.65 -18.94
C ILE A 826 20.87 3.99 -19.62
N TYR A 827 20.84 5.06 -18.85
CA TYR A 827 21.00 6.39 -19.42
C TYR A 827 22.46 6.68 -19.71
N LYS A 828 23.36 6.00 -18.99
CA LYS A 828 24.77 6.20 -19.21
C LYS A 828 25.11 5.69 -20.62
N ALA A 829 24.60 4.49 -20.95
CA ALA A 829 24.84 3.89 -22.25
C ALA A 829 24.15 4.68 -23.37
N ILE A 830 22.97 5.22 -23.10
CA ILE A 830 22.27 6.00 -24.12
C ILE A 830 23.09 7.27 -24.34
N ALA A 831 23.63 7.82 -23.26
CA ALA A 831 24.43 9.00 -23.39
C ALA A 831 25.67 8.67 -24.21
N LYS A 832 26.33 7.57 -23.90
CA LYS A 832 27.53 7.20 -24.63
C LYS A 832 27.24 7.07 -26.12
N LYS A 833 26.15 6.40 -26.47
CA LYS A 833 25.82 6.22 -27.88
C LYS A 833 25.36 7.52 -28.53
N PHE A 834 24.70 8.38 -27.77
CA PHE A 834 24.25 9.65 -28.31
C PHE A 834 25.47 10.48 -28.68
N SER A 835 26.52 10.36 -27.87
CA SER A 835 27.73 11.11 -28.10
C SER A 835 28.42 10.76 -29.40
N GLU A 836 28.36 9.51 -29.83
CA GLU A 836 29.02 9.18 -31.09
C GLU A 836 28.09 9.37 -32.29
N VAL A 837 26.83 8.97 -32.15
CA VAL A 837 25.86 9.11 -33.23
C VAL A 837 25.60 10.57 -33.61
N CYS A 838 25.87 11.48 -32.69
CA CYS A 838 25.62 12.91 -32.93
C CYS A 838 26.78 13.59 -33.65
N VAL A 839 27.91 12.91 -33.76
CA VAL A 839 29.06 13.48 -34.45
C VAL A 839 28.72 13.81 -35.90
N GLY A 840 28.87 15.09 -36.26
CA GLY A 840 28.56 15.50 -37.62
C GLY A 840 27.16 16.07 -37.75
N HIS A 841 26.41 16.12 -36.66
CA HIS A 841 25.05 16.63 -36.66
C HIS A 841 24.93 17.77 -35.65
N LEU A 842 25.46 17.55 -34.45
CA LEU A 842 25.44 18.56 -33.41
C LEU A 842 26.85 18.59 -32.84
N GLY A 843 27.39 19.79 -32.66
CA GLY A 843 28.73 19.92 -32.11
C GLY A 843 28.65 20.73 -30.83
N LYS A 844 29.29 21.88 -30.86
CA LYS A 844 29.27 22.77 -29.70
C LYS A 844 28.27 23.85 -30.10
N GLU A 845 27.01 23.63 -29.79
CA GLU A 845 25.95 24.56 -30.13
C GLU A 845 25.65 25.62 -29.08
N THR A 846 24.91 26.63 -29.48
CA THR A 846 24.51 27.68 -28.56
C THR A 846 22.98 27.60 -28.52
N ASP A 847 22.45 27.59 -27.31
CA ASP A 847 21.02 27.45 -27.11
C ASP A 847 20.35 28.63 -26.38
N ILE A 848 19.24 29.11 -26.94
CA ILE A 848 18.49 30.18 -26.30
C ILE A 848 17.48 29.45 -25.44
N VAL A 849 17.54 29.74 -24.14
CA VAL A 849 16.67 29.10 -23.18
C VAL A 849 15.84 30.07 -22.37
N THR A 850 14.53 30.04 -22.54
CA THR A 850 13.65 30.91 -21.77
C THR A 850 13.61 30.28 -20.36
N LEU A 851 13.38 31.11 -19.34
CA LEU A 851 13.32 30.64 -17.96
C LEU A 851 12.34 31.53 -17.18
N PRO A 852 11.28 30.94 -16.62
CA PRO A 852 10.30 31.73 -15.87
C PRO A 852 10.87 32.37 -14.61
N ILE A 853 10.30 33.50 -14.22
CA ILE A 853 10.75 34.23 -13.04
C ILE A 853 10.74 33.29 -11.84
N GLN A 854 11.93 33.02 -11.30
CA GLN A 854 12.10 32.11 -10.18
C GLN A 854 11.76 32.61 -8.77
N HIS A 855 11.17 31.72 -7.97
CA HIS A 855 10.82 32.02 -6.58
C HIS A 855 12.17 31.97 -5.87
N ASP A 856 12.24 32.45 -4.65
CA ASP A 856 13.49 32.45 -3.90
C ASP A 856 14.68 33.08 -4.66
N SER A 857 14.40 33.98 -5.60
CA SER A 857 15.46 34.66 -6.35
C SER A 857 15.07 36.13 -6.40
N ALA A 858 16.04 37.03 -6.37
CA ALA A 858 15.77 38.47 -6.39
C ALA A 858 14.72 38.89 -7.42
N ALA A 859 14.63 38.14 -8.50
CA ALA A 859 13.68 38.45 -9.55
C ALA A 859 12.21 38.23 -9.17
N GLU A 860 11.97 37.51 -8.08
CA GLU A 860 10.61 37.22 -7.66
C GLU A 860 9.81 38.49 -7.38
N LEU A 861 10.49 39.63 -7.29
CA LEU A 861 9.82 40.91 -7.03
C LEU A 861 9.60 41.63 -8.36
N ALA A 862 8.97 40.93 -9.31
CA ALA A 862 8.70 41.47 -10.63
C ALA A 862 7.60 42.52 -10.63
N GLN A 863 6.35 42.10 -10.80
CA GLN A 863 5.21 43.02 -10.85
C GLN A 863 4.51 43.21 -9.49
N PRO A 864 4.93 44.25 -8.75
CA PRO A 864 4.39 44.56 -7.42
C PRO A 864 2.96 45.07 -7.25
N LEU A 865 2.46 45.89 -8.19
CA LEU A 865 1.12 46.46 -8.03
C LEU A 865 -0.02 45.94 -8.89
N ASP A 866 0.28 45.49 -10.11
CA ASP A 866 -0.78 44.96 -10.96
C ASP A 866 -0.25 43.97 -11.99
N VAL A 867 -1.02 43.74 -13.04
CA VAL A 867 -0.64 42.81 -14.09
C VAL A 867 -0.55 43.48 -15.48
N LYS A 868 0.63 43.44 -16.07
CA LYS A 868 0.85 44.04 -17.39
C LYS A 868 1.34 43.06 -18.47
N ASP A 869 0.50 42.88 -19.48
CA ASP A 869 0.77 41.99 -20.61
C ASP A 869 1.57 42.76 -21.66
N TRP A 870 2.86 42.46 -21.79
CA TRP A 870 3.64 43.18 -22.78
C TRP A 870 3.09 42.99 -24.20
N LYS A 871 2.46 41.85 -24.47
CA LYS A 871 1.90 41.61 -25.81
C LYS A 871 0.68 42.50 -26.05
N LYS A 872 0.17 43.09 -24.98
CA LYS A 872 -0.98 43.98 -25.07
C LYS A 872 -0.48 45.43 -24.98
N GLY A 873 0.84 45.59 -25.12
CA GLY A 873 1.45 46.90 -25.06
C GLY A 873 1.38 47.57 -23.69
N GLU A 874 0.79 46.88 -22.70
CA GLU A 874 0.64 47.43 -21.35
C GLU A 874 1.98 47.70 -20.65
N CYS A 875 3.07 47.34 -21.30
CA CYS A 875 4.41 47.55 -20.75
C CYS A 875 5.44 47.01 -21.73
N ASP A 876 6.72 47.19 -21.38
CA ASP A 876 7.79 46.71 -22.23
C ASP A 876 8.17 45.27 -21.88
N LEU A 877 8.54 44.49 -22.90
CA LEU A 877 8.95 43.11 -22.67
C LEU A 877 10.34 43.17 -22.03
N ILE A 878 10.38 42.92 -20.72
CA ILE A 878 11.63 42.94 -19.95
C ILE A 878 11.92 41.56 -19.36
N PRO A 879 12.76 40.76 -20.04
CA PRO A 879 13.07 39.42 -19.51
C PRO A 879 13.45 39.52 -18.04
N GLY A 880 12.92 38.59 -17.24
CA GLY A 880 13.21 38.62 -15.82
C GLY A 880 12.21 39.45 -15.03
N LYS A 881 11.41 40.27 -15.71
CA LYS A 881 10.42 41.08 -15.00
C LYS A 881 8.99 40.95 -15.54
N THR A 882 8.78 41.26 -16.81
CA THR A 882 7.44 41.15 -17.39
C THR A 882 7.42 40.10 -18.46
N ALA A 883 8.41 39.22 -18.40
CA ALA A 883 8.59 38.10 -19.32
C ALA A 883 9.67 37.20 -18.72
N PRO A 884 9.82 35.98 -19.24
CA PRO A 884 10.84 35.10 -18.69
C PRO A 884 12.24 35.57 -19.10
N HIS A 885 13.26 35.11 -18.37
CA HIS A 885 14.62 35.45 -18.72
C HIS A 885 14.93 34.80 -20.05
N ILE A 886 15.90 35.33 -20.77
CA ILE A 886 16.32 34.73 -22.03
C ILE A 886 17.77 34.41 -21.72
N MET A 887 18.07 33.13 -21.59
CA MET A 887 19.41 32.67 -21.24
C MET A 887 20.19 32.09 -22.40
N VAL A 888 21.51 32.04 -22.23
CA VAL A 888 22.41 31.47 -23.22
C VAL A 888 23.11 30.29 -22.61
N VAL A 889 22.90 29.13 -23.22
CA VAL A 889 23.50 27.90 -22.71
C VAL A 889 24.31 27.25 -23.82
N GLU A 890 25.58 27.04 -23.56
CA GLU A 890 26.42 26.37 -24.56
C GLU A 890 26.38 24.86 -24.33
N ARG A 891 26.14 24.09 -25.38
CA ARG A 891 26.09 22.63 -25.26
C ARG A 891 27.14 21.93 -26.13
N ASP A 892 27.96 21.08 -25.51
CA ASP A 892 28.98 20.32 -26.23
C ASP A 892 28.35 18.95 -26.48
N TYR A 893 27.54 18.84 -27.52
CA TYR A 893 26.87 17.58 -27.79
C TYR A 893 27.78 16.34 -27.88
N PRO A 894 28.93 16.48 -28.52
CA PRO A 894 29.74 15.26 -28.56
C PRO A 894 30.36 14.94 -27.20
N ALA A 895 30.40 15.93 -26.32
CA ALA A 895 30.98 15.76 -24.99
C ALA A 895 30.01 15.29 -23.91
N THR A 896 28.78 15.02 -24.32
CA THR A 896 27.71 14.57 -23.43
C THR A 896 28.05 13.40 -22.50
N TYR A 897 28.38 12.25 -23.07
CA TYR A 897 28.70 11.11 -22.24
C TYR A 897 29.80 11.48 -21.22
N GLU A 898 30.78 12.25 -21.65
CA GLU A 898 31.87 12.62 -20.75
C GLU A 898 31.35 13.52 -19.63
N ARG A 899 30.49 14.47 -19.97
CA ARG A 899 29.93 15.36 -18.98
C ARG A 899 29.00 14.59 -18.03
N PHE A 900 28.25 13.66 -18.59
CA PHE A 900 27.33 12.86 -17.80
C PHE A 900 28.06 12.13 -16.70
N THR A 901 29.20 11.53 -17.06
CA THR A 901 30.00 10.74 -16.13
C THR A 901 31.08 11.46 -15.34
N SER A 902 30.87 12.75 -15.07
CA SER A 902 31.84 13.53 -14.31
C SER A 902 31.17 14.74 -13.65
N ILE A 903 31.71 15.19 -12.52
CA ILE A 903 31.12 16.34 -11.83
C ILE A 903 31.61 17.65 -12.43
N GLY A 904 30.69 18.39 -13.05
CA GLY A 904 31.02 19.65 -13.68
C GLY A 904 31.86 20.64 -12.91
N PRO A 905 32.45 21.62 -13.63
CA PRO A 905 33.29 22.64 -13.01
C PRO A 905 32.52 23.76 -12.32
N LEU A 906 31.30 24.03 -12.78
CA LEU A 906 30.47 25.10 -12.23
C LEU A 906 30.35 25.10 -10.70
N MET A 907 30.50 23.93 -10.09
CA MET A 907 30.39 23.86 -8.64
C MET A 907 31.56 24.60 -8.03
N GLU A 908 32.73 24.48 -8.66
CA GLU A 908 33.96 25.13 -8.21
C GLU A 908 33.98 26.61 -8.61
N LYS A 909 33.53 26.88 -9.82
CA LYS A 909 33.51 28.23 -10.35
C LYS A 909 32.44 29.10 -9.72
N ILE A 910 31.19 28.71 -9.91
CA ILE A 910 30.03 29.44 -9.40
C ILE A 910 29.52 29.05 -7.99
N GLY A 911 29.99 27.92 -7.47
CA GLY A 911 29.51 27.50 -6.16
C GLY A 911 28.23 26.67 -6.22
N ASN A 912 27.51 26.60 -5.11
CA ASN A 912 26.28 25.82 -5.04
C ASN A 912 25.28 26.38 -4.03
N GLY A 913 23.99 26.15 -4.25
CA GLY A 913 22.98 26.66 -3.32
C GLY A 913 21.52 26.45 -3.68
N GLY A 914 20.63 26.90 -2.78
CA GLY A 914 19.21 26.78 -3.02
C GLY A 914 18.37 27.55 -2.00
N LYS A 915 17.07 27.66 -2.25
CA LYS A 915 16.14 28.36 -1.36
C LYS A 915 16.58 29.78 -1.03
N GLY A 916 17.23 30.41 -2.01
CA GLY A 916 17.68 31.78 -1.82
C GLY A 916 19.09 31.99 -1.34
N ILE A 917 19.68 31.02 -0.65
CA ILE A 917 21.05 31.20 -0.19
C ILE A 917 22.03 30.51 -1.12
N ALA A 918 23.31 30.83 -0.95
CA ALA A 918 24.35 30.22 -1.77
C ALA A 918 25.68 30.25 -1.01
N TRP A 919 26.46 29.20 -1.16
CA TRP A 919 27.73 29.11 -0.48
C TRP A 919 28.81 28.60 -1.40
N ASN A 920 30.00 28.38 -0.83
CA ASN A 920 31.15 27.88 -1.56
C ASN A 920 31.35 26.40 -1.18
N THR A 921 31.51 25.53 -2.18
CA THR A 921 31.66 24.12 -1.88
C THR A 921 32.90 23.50 -2.52
N GLN A 922 33.97 24.29 -2.58
CA GLN A 922 35.23 23.85 -3.15
C GLN A 922 35.80 22.68 -2.36
N SER A 923 35.74 22.78 -1.03
CA SER A 923 36.27 21.70 -0.21
C SER A 923 35.57 20.38 -0.52
N GLU A 924 34.26 20.44 -0.71
CA GLU A 924 33.49 19.24 -1.01
C GLU A 924 34.02 18.55 -2.27
N MET A 925 34.25 19.34 -3.31
CA MET A 925 34.78 18.81 -4.57
C MET A 925 36.12 18.10 -4.36
N ASP A 926 37.03 18.72 -3.63
CA ASP A 926 38.33 18.11 -3.38
C ASP A 926 38.15 16.77 -2.69
N LEU A 927 37.11 16.66 -1.86
CA LEU A 927 36.86 15.42 -1.15
C LEU A 927 36.33 14.39 -2.16
N LEU A 928 35.44 14.83 -3.05
CA LEU A 928 34.87 13.93 -4.05
C LEU A 928 35.96 13.38 -4.97
N ARG A 929 36.84 14.26 -5.45
CA ARG A 929 37.94 13.84 -6.30
C ARG A 929 38.67 12.65 -5.66
N LYS A 930 38.72 12.64 -4.33
CA LYS A 930 39.38 11.58 -3.57
C LYS A 930 38.58 10.30 -3.41
N LEU A 931 37.25 10.41 -3.34
CA LEU A 931 36.43 9.22 -3.15
C LEU A 931 36.00 8.62 -4.48
N ASN A 932 35.83 9.48 -5.48
CA ASN A 932 35.38 9.01 -6.79
C ASN A 932 36.50 8.94 -7.81
N TYR A 933 37.71 9.38 -7.44
CA TYR A 933 38.85 9.38 -8.38
C TYR A 933 38.51 10.42 -9.45
N THR A 934 39.43 10.66 -10.39
CA THR A 934 39.16 11.68 -11.42
C THR A 934 39.46 11.25 -12.86
N LYS A 935 39.02 12.08 -13.81
CA LYS A 935 39.23 11.78 -15.22
C LYS A 935 40.69 11.79 -15.65
N ALA A 936 41.17 10.67 -16.20
CA ALA A 936 42.55 10.55 -16.68
C ALA A 936 42.87 11.63 -17.72
N GLU A 937 41.88 11.96 -18.55
CA GLU A 937 42.02 12.99 -19.57
C GLU A 937 40.67 13.25 -20.21
N GLY A 938 40.68 13.80 -21.43
CA GLY A 938 39.45 14.09 -22.14
C GLY A 938 38.90 15.44 -21.74
N PRO A 939 37.70 15.81 -22.24
CA PRO A 939 37.02 17.08 -21.96
C PRO A 939 36.79 17.44 -20.49
N ALA A 940 36.74 16.42 -19.62
CA ALA A 940 36.52 16.65 -18.18
C ALA A 940 37.68 16.12 -17.34
N LYS A 941 38.89 16.26 -17.86
CA LYS A 941 40.09 15.81 -17.19
C LYS A 941 40.22 16.43 -15.80
N GLY A 942 40.65 15.59 -14.85
CA GLY A 942 40.85 16.03 -13.48
C GLY A 942 39.61 16.22 -12.63
N GLN A 943 38.43 16.16 -13.26
CA GLN A 943 37.18 16.33 -12.53
C GLN A 943 36.79 15.08 -11.77
N PRO A 944 36.02 15.23 -10.68
CA PRO A 944 35.66 13.99 -10.00
C PRO A 944 34.79 13.18 -10.96
N MET A 945 34.79 11.86 -10.78
CA MET A 945 34.01 10.96 -11.63
C MET A 945 32.59 10.66 -11.13
N LEU A 946 31.79 10.18 -12.09
CA LEU A 946 30.41 9.77 -11.87
C LEU A 946 30.19 8.57 -12.79
N ASN A 947 30.87 7.47 -12.51
CA ASN A 947 30.75 6.26 -13.32
C ASN A 947 29.62 5.38 -12.82
N THR A 948 29.58 5.17 -11.53
CA THR A 948 28.58 4.33 -10.93
C THR A 948 27.60 5.12 -10.08
N ALA A 949 26.53 4.45 -9.67
CA ALA A 949 25.50 5.07 -8.86
C ALA A 949 26.08 5.52 -7.52
N ILE A 950 27.02 4.74 -6.99
CA ILE A 950 27.67 5.07 -5.72
C ILE A 950 28.32 6.45 -5.85
N ASP A 951 29.07 6.66 -6.93
CA ASP A 951 29.74 7.95 -7.14
C ASP A 951 28.71 9.05 -7.01
N ALA A 952 27.66 8.92 -7.82
CA ALA A 952 26.55 9.87 -7.85
C ALA A 952 25.94 10.06 -6.47
N ALA A 953 25.76 8.97 -5.73
CA ALA A 953 25.18 9.09 -4.40
C ALA A 953 26.13 9.86 -3.49
N GLU A 954 27.43 9.57 -3.59
CA GLU A 954 28.43 10.24 -2.77
C GLU A 954 28.46 11.70 -3.15
N MET A 955 28.11 12.02 -4.39
CA MET A 955 28.10 13.41 -4.81
C MET A 955 26.99 14.12 -4.05
N ILE A 956 25.83 13.48 -4.02
CA ILE A 956 24.67 14.04 -3.34
C ILE A 956 24.94 14.17 -1.85
N LEU A 957 25.54 13.14 -1.26
CA LEU A 957 25.84 13.15 0.17
C LEU A 957 26.87 14.20 0.58
N THR A 958 27.97 14.28 -0.17
CA THR A 958 29.04 15.22 0.13
C THR A 958 28.67 16.67 -0.15
N LEU A 959 27.72 16.89 -1.07
CA LEU A 959 27.32 18.24 -1.42
C LEU A 959 26.20 18.82 -0.58
N ALA A 960 25.31 17.97 -0.11
CA ALA A 960 24.17 18.46 0.64
C ALA A 960 24.42 18.84 2.09
N PRO A 961 23.80 19.93 2.55
CA PRO A 961 23.96 20.39 3.93
C PRO A 961 23.33 19.38 4.88
N GLU A 962 22.22 18.79 4.44
CA GLU A 962 21.51 17.79 5.24
C GLU A 962 22.38 16.57 5.54
N THR A 963 23.41 16.33 4.74
CA THR A 963 24.28 15.18 4.97
C THR A 963 25.76 15.50 5.20
N ASN A 964 26.10 16.79 5.21
CA ASN A 964 27.47 17.20 5.42
C ASN A 964 27.49 18.40 6.36
N GLY A 965 27.85 18.15 7.62
CA GLY A 965 27.91 19.22 8.62
C GLY A 965 28.75 20.43 8.26
N GLN A 966 29.65 20.26 7.30
CA GLN A 966 30.50 21.34 6.87
C GLN A 966 29.78 22.23 5.88
N VAL A 967 28.96 21.64 5.00
CA VAL A 967 28.20 22.44 4.06
C VAL A 967 27.00 22.96 4.81
N ALA A 968 26.67 22.30 5.92
CA ALA A 968 25.55 22.69 6.73
C ALA A 968 25.82 24.03 7.41
N VAL A 969 27.03 24.21 7.92
CA VAL A 969 27.39 25.47 8.59
C VAL A 969 27.56 26.59 7.57
N LYS A 970 28.21 26.30 6.45
CA LYS A 970 28.40 27.30 5.40
C LYS A 970 27.05 27.83 4.95
N ALA A 971 26.03 26.96 5.03
CA ALA A 971 24.69 27.30 4.61
C ALA A 971 24.04 28.28 5.57
N TRP A 972 24.03 27.94 6.86
CA TRP A 972 23.44 28.82 7.87
C TRP A 972 24.18 30.16 7.88
N ALA A 973 25.45 30.13 7.53
CA ALA A 973 26.22 31.36 7.51
C ALA A 973 25.61 32.27 6.44
N ALA A 974 25.40 31.69 5.26
CA ALA A 974 24.84 32.40 4.13
C ALA A 974 23.48 33.02 4.45
N LEU A 975 22.63 32.26 5.12
CA LEU A 975 21.31 32.75 5.47
C LEU A 975 21.42 33.84 6.53
N SER A 976 22.33 33.64 7.48
CA SER A 976 22.53 34.61 8.56
C SER A 976 22.70 36.03 8.04
N GLU A 977 23.28 36.19 6.87
CA GLU A 977 23.45 37.52 6.31
C GLU A 977 22.07 38.14 6.17
N PHE A 978 21.21 37.44 5.44
CA PHE A 978 19.84 37.89 5.20
C PHE A 978 19.04 38.27 6.44
N THR A 979 19.17 37.48 7.50
CA THR A 979 18.39 37.74 8.71
C THR A 979 19.06 38.65 9.74
N GLY A 980 20.37 38.58 9.84
CA GLY A 980 21.07 39.41 10.82
C GLY A 980 21.06 38.66 12.15
N ARG A 981 20.63 37.41 12.09
CA ARG A 981 20.56 36.56 13.27
C ARG A 981 21.48 35.36 13.06
N ASP A 982 22.25 34.98 14.07
CA ASP A 982 23.12 33.83 13.91
C ASP A 982 22.31 32.55 13.91
N HIS A 983 22.49 31.74 12.87
CA HIS A 983 21.77 30.48 12.74
C HIS A 983 22.69 29.28 12.69
N THR A 984 23.98 29.56 12.71
CA THR A 984 24.98 28.50 12.64
C THR A 984 24.96 27.53 13.82
N HIS A 985 24.42 27.97 14.97
CA HIS A 985 24.34 27.10 16.15
C HIS A 985 23.49 25.88 15.86
N LEU A 986 22.62 26.01 14.87
CA LEU A 986 21.75 24.91 14.48
C LEU A 986 22.54 23.72 13.93
N ALA A 987 23.73 23.97 13.39
CA ALA A 987 24.56 22.92 12.83
C ALA A 987 25.95 22.72 13.46
N LEU A 988 26.45 23.72 14.18
CA LEU A 988 27.78 23.64 14.77
C LEU A 988 28.17 22.37 15.53
N ASN A 989 27.25 21.81 16.32
CA ASN A 989 27.59 20.62 17.09
C ASN A 989 27.47 19.30 16.31
N LYS A 990 27.46 19.41 14.98
CA LYS A 990 27.41 18.26 14.09
C LYS A 990 28.27 18.52 12.87
N GLU A 991 29.07 19.58 12.93
CA GLU A 991 29.94 19.98 11.82
C GLU A 991 30.98 18.96 11.33
N ASP A 992 31.42 18.08 12.23
CA ASP A 992 32.40 17.05 11.89
C ASP A 992 31.72 15.85 11.18
N GLU A 993 30.39 15.83 11.23
CA GLU A 993 29.56 14.79 10.65
C GLU A 993 29.57 14.71 9.12
N LYS A 994 29.74 13.50 8.60
CA LYS A 994 29.74 13.28 7.17
C LYS A 994 29.16 11.91 6.85
N ILE A 995 28.01 11.90 6.20
CA ILE A 995 27.35 10.67 5.85
C ILE A 995 27.90 10.08 4.55
N ARG A 996 28.33 8.84 4.66
CA ARG A 996 28.91 8.10 3.54
C ARG A 996 27.95 7.01 3.13
N PHE A 997 27.88 6.76 1.82
CA PHE A 997 26.96 5.75 1.34
C PHE A 997 27.17 4.44 2.09
N ARG A 998 28.43 4.07 2.31
CA ARG A 998 28.71 2.80 2.99
C ARG A 998 28.32 2.81 4.45
N ASP A 999 28.14 4.01 5.00
CA ASP A 999 27.74 4.16 6.41
C ASP A 999 26.26 3.90 6.53
N ILE A 1000 25.47 4.51 5.65
CA ILE A 1000 24.04 4.30 5.74
C ILE A 1000 23.69 2.86 5.39
N GLN A 1001 24.66 2.14 4.81
CA GLN A 1001 24.41 0.74 4.47
C GLN A 1001 24.39 -0.11 5.74
N ALA A 1002 25.20 0.26 6.72
CA ALA A 1002 25.28 -0.47 7.99
C ALA A 1002 24.20 -0.03 8.96
N GLN A 1003 23.73 1.20 8.82
CA GLN A 1003 22.68 1.73 9.67
C GLN A 1003 22.19 3.07 9.15
N PRO A 1004 20.87 3.23 9.01
CA PRO A 1004 20.25 4.48 8.54
C PRO A 1004 20.72 5.63 9.39
N ARG A 1005 21.11 6.72 8.76
CA ARG A 1005 21.61 7.91 9.47
C ARG A 1005 20.64 9.12 9.44
N LYS A 1006 20.41 9.69 10.61
CA LYS A 1006 19.55 10.87 10.76
C LYS A 1006 20.28 12.03 10.05
N ILE A 1007 19.56 12.96 9.44
CA ILE A 1007 20.23 14.07 8.75
C ILE A 1007 20.50 15.29 9.62
N ILE A 1008 21.25 16.25 9.06
CA ILE A 1008 21.65 17.49 9.73
C ILE A 1008 20.64 18.62 9.44
N SER A 1009 20.31 19.41 10.47
CA SER A 1009 19.36 20.53 10.29
C SER A 1009 19.87 21.46 9.21
N SER A 1010 19.02 21.83 8.27
CA SER A 1010 19.44 22.71 7.20
C SER A 1010 18.41 23.82 6.93
N PRO A 1011 18.86 24.99 6.44
CA PRO A 1011 18.00 26.14 6.14
C PRO A 1011 17.08 25.82 4.97
N THR A 1012 17.34 24.69 4.32
CA THR A 1012 16.54 24.25 3.20
C THR A 1012 15.17 23.85 3.72
N TRP A 1013 15.11 23.53 5.02
CA TRP A 1013 13.88 23.12 5.68
C TRP A 1013 13.64 23.92 6.95
N SER A 1014 12.42 23.87 7.49
CA SER A 1014 12.07 24.64 8.66
C SER A 1014 11.90 23.84 9.94
N GLY A 1015 11.99 22.51 9.85
CA GLY A 1015 11.89 21.69 11.04
C GLY A 1015 13.29 21.41 11.53
N LEU A 1016 13.45 20.84 12.72
CA LEU A 1016 14.80 20.57 13.20
C LEU A 1016 15.17 19.13 13.53
N GLU A 1017 16.45 18.82 13.33
CA GLU A 1017 17.03 17.51 13.65
C GLU A 1017 17.66 17.78 14.99
N ASP A 1018 16.98 17.40 16.05
CA ASP A 1018 17.46 17.70 17.40
C ASP A 1018 17.13 16.57 18.37
N GLU A 1019 17.76 16.54 19.53
CA GLU A 1019 17.45 15.44 20.45
C GLU A 1019 16.42 15.74 21.52
N HIS A 1020 16.03 17.00 21.62
CA HIS A 1020 15.03 17.41 22.60
C HIS A 1020 13.73 17.84 21.94
N VAL A 1021 13.78 18.21 20.67
CA VAL A 1021 12.57 18.61 19.95
C VAL A 1021 12.47 17.84 18.63
N SER A 1022 11.24 17.48 18.25
CA SER A 1022 11.01 16.74 17.00
C SER A 1022 11.10 17.67 15.82
N TYR A 1023 11.08 17.09 14.62
CA TYR A 1023 11.14 17.89 13.39
C TYR A 1023 9.73 18.39 13.13
N ASN A 1024 9.50 19.68 13.35
CA ASN A 1024 8.18 20.28 13.14
C ASN A 1024 8.26 21.45 12.16
N ALA A 1025 7.50 21.38 11.08
CA ALA A 1025 7.52 22.43 10.07
C ALA A 1025 7.18 23.82 10.61
N GLY A 1026 7.97 24.80 10.20
CA GLY A 1026 7.75 26.17 10.62
C GLY A 1026 8.39 26.52 11.95
N TYR A 1027 9.07 25.55 12.55
CA TYR A 1027 9.71 25.75 13.84
C TYR A 1027 10.84 26.77 13.75
N THR A 1028 11.60 26.76 12.67
CA THR A 1028 12.68 27.73 12.53
C THR A 1028 12.07 29.12 12.35
N ASN A 1029 10.89 29.20 11.74
CA ASN A 1029 10.26 30.50 11.56
C ASN A 1029 9.82 31.07 12.90
N VAL A 1030 9.11 30.27 13.69
CA VAL A 1030 8.61 30.70 14.99
C VAL A 1030 9.70 30.80 16.06
N HIS A 1031 10.72 29.98 16.00
CA HIS A 1031 11.74 30.03 17.03
C HIS A 1031 13.06 30.73 16.71
N GLU A 1032 13.34 30.96 15.42
CA GLU A 1032 14.58 31.63 15.02
C GLU A 1032 14.20 32.89 14.27
N LEU A 1033 12.91 33.22 14.32
CA LEU A 1033 12.39 34.40 13.67
C LEU A 1033 12.79 34.55 12.22
N ILE A 1034 12.89 33.43 11.51
CA ILE A 1034 13.22 33.46 10.08
C ILE A 1034 11.88 33.64 9.36
N PRO A 1035 11.81 34.56 8.40
CA PRO A 1035 10.60 34.85 7.64
C PRO A 1035 10.09 33.73 6.74
N TRP A 1036 8.78 33.75 6.50
CA TRP A 1036 8.15 32.81 5.58
C TRP A 1036 8.33 33.54 4.24
N ARG A 1037 8.95 32.89 3.27
CA ARG A 1037 9.18 33.48 1.96
C ARG A 1037 7.88 33.94 1.28
N THR A 1038 7.29 34.99 1.84
CA THR A 1038 6.03 35.57 1.36
C THR A 1038 6.08 37.10 1.32
N LEU A 1039 5.15 37.71 0.60
CA LEU A 1039 5.09 39.16 0.50
C LEU A 1039 5.33 39.84 1.84
N SER A 1040 4.48 39.55 2.82
CA SER A 1040 4.61 40.17 4.14
C SER A 1040 5.68 39.51 5.04
N GLY A 1041 6.18 38.35 4.59
CA GLY A 1041 7.18 37.62 5.35
C GLY A 1041 6.54 36.80 6.47
N ARG A 1042 5.24 36.96 6.65
CA ARG A 1042 4.50 36.24 7.68
C ARG A 1042 3.53 35.26 7.04
N GLN A 1043 2.80 34.50 7.86
CA GLN A 1043 1.84 33.56 7.30
C GLN A 1043 0.77 34.43 6.62
N GLN A 1044 0.67 34.31 5.31
CA GLN A 1044 -0.26 35.10 4.51
C GLN A 1044 -1.73 34.67 4.45
N LEU A 1045 -2.58 35.36 5.18
CA LEU A 1045 -4.01 35.08 5.16
C LEU A 1045 -4.63 35.84 3.99
N TYR A 1046 -4.02 36.97 3.65
CA TYR A 1046 -4.52 37.79 2.56
C TYR A 1046 -3.73 37.74 1.27
N GLN A 1047 -4.39 37.28 0.20
CA GLN A 1047 -3.79 37.19 -1.13
C GLN A 1047 -4.16 38.45 -1.92
N ASP A 1048 -3.24 39.41 -2.01
CA ASP A 1048 -3.51 40.66 -2.71
C ASP A 1048 -3.04 40.78 -4.16
N HIS A 1049 -2.85 39.65 -4.84
CA HIS A 1049 -2.43 39.67 -6.24
C HIS A 1049 -3.69 39.76 -7.09
N GLN A 1050 -3.67 40.70 -8.04
CA GLN A 1050 -4.78 40.94 -8.95
C GLN A 1050 -5.64 39.69 -9.15
N TRP A 1051 -5.09 38.72 -9.88
CA TRP A 1051 -5.78 37.47 -10.16
C TRP A 1051 -6.46 36.80 -8.95
N MET A 1052 -5.82 36.86 -7.78
CA MET A 1052 -6.40 36.25 -6.59
C MET A 1052 -7.62 37.01 -6.12
N ARG A 1053 -7.53 38.34 -6.08
CA ARG A 1053 -8.65 39.17 -5.63
C ARG A 1053 -9.82 39.06 -6.59
N ASP A 1054 -9.52 38.97 -7.89
CA ASP A 1054 -10.59 38.90 -8.88
C ASP A 1054 -11.20 37.54 -9.08
N PHE A 1055 -10.54 36.49 -8.59
CA PHE A 1055 -11.10 35.17 -8.73
C PHE A 1055 -11.78 34.81 -7.43
N GLY A 1056 -11.99 35.81 -6.58
CA GLY A 1056 -12.66 35.62 -5.30
C GLY A 1056 -11.90 34.94 -4.18
N GLU A 1057 -10.60 34.79 -4.37
CA GLU A 1057 -9.80 34.13 -3.35
C GLU A 1057 -8.82 35.01 -2.55
N SER A 1058 -9.18 36.26 -2.32
CA SER A 1058 -8.33 37.15 -1.53
C SER A 1058 -8.29 36.57 -0.12
N LEU A 1059 -9.45 36.14 0.36
CA LEU A 1059 -9.60 35.50 1.66
C LEU A 1059 -10.36 34.23 1.31
N LEU A 1060 -10.18 33.17 2.07
CA LEU A 1060 -10.85 31.91 1.78
C LEU A 1060 -12.36 32.06 1.89
N VAL A 1061 -13.09 31.39 1.02
CA VAL A 1061 -14.53 31.43 1.04
C VAL A 1061 -14.99 30.09 0.55
N TYR A 1062 -16.14 29.63 1.02
CA TYR A 1062 -16.62 28.33 0.60
C TYR A 1062 -16.88 28.31 -0.92
N ARG A 1063 -16.52 27.21 -1.56
CA ARG A 1063 -16.70 27.02 -3.00
C ARG A 1063 -17.22 25.64 -3.31
N PRO A 1064 -18.50 25.54 -3.70
CA PRO A 1064 -19.07 24.22 -4.02
C PRO A 1064 -18.30 23.47 -5.10
N PRO A 1065 -18.36 22.13 -5.09
CA PRO A 1065 -17.65 21.37 -6.12
C PRO A 1065 -18.14 21.85 -7.49
N ILE A 1066 -17.24 21.95 -8.46
CA ILE A 1066 -17.61 22.39 -9.81
C ILE A 1066 -18.33 21.34 -10.65
N ASP A 1067 -18.96 21.81 -11.73
CA ASP A 1067 -19.69 20.95 -12.65
C ASP A 1067 -18.78 20.75 -13.87
N THR A 1068 -18.54 19.50 -14.26
CA THR A 1068 -17.67 19.24 -15.40
C THR A 1068 -18.48 18.92 -16.64
N ARG A 1069 -19.79 19.01 -16.50
CA ARG A 1069 -20.70 18.76 -17.62
C ARG A 1069 -20.16 17.63 -18.47
N SER A 1070 -19.97 16.46 -17.88
CA SER A 1070 -19.44 15.33 -18.63
C SER A 1070 -20.40 14.16 -18.63
N VAL A 1071 -21.60 14.40 -18.12
CA VAL A 1071 -22.57 13.31 -18.04
C VAL A 1071 -23.86 13.47 -18.83
N LYS A 1072 -24.49 14.63 -18.75
CA LYS A 1072 -25.76 14.81 -19.47
C LYS A 1072 -25.73 14.63 -21.01
N GLU A 1073 -24.59 14.86 -21.65
CA GLU A 1073 -24.49 14.69 -23.11
C GLU A 1073 -24.34 13.24 -23.56
N VAL A 1074 -23.95 12.36 -22.64
CA VAL A 1074 -23.73 10.96 -22.99
C VAL A 1074 -24.67 9.97 -22.29
N ILE A 1075 -25.23 10.38 -21.16
CA ILE A 1075 -26.15 9.54 -20.40
C ILE A 1075 -27.29 9.07 -21.33
N GLY A 1076 -27.54 7.77 -21.36
CA GLY A 1076 -28.62 7.23 -22.18
C GLY A 1076 -28.35 7.09 -23.67
N GLN A 1077 -27.29 7.71 -24.15
CA GLN A 1077 -26.94 7.67 -25.57
C GLN A 1077 -26.66 6.29 -26.16
N LYS A 1078 -26.20 5.33 -25.36
CA LYS A 1078 -25.92 3.99 -25.88
C LYS A 1078 -26.45 2.91 -24.94
N SER A 1079 -27.73 3.01 -24.62
CA SER A 1079 -28.37 2.06 -23.71
C SER A 1079 -28.13 0.59 -24.01
N ASN A 1080 -27.87 -0.18 -22.97
CA ASN A 1080 -27.67 -1.62 -23.14
C ASN A 1080 -28.89 -2.31 -22.54
N GLY A 1081 -29.76 -1.53 -21.92
CA GLY A 1081 -30.96 -2.08 -21.33
C GLY A 1081 -31.04 -2.04 -19.80
N ASN A 1082 -29.93 -1.68 -19.15
CA ASN A 1082 -29.87 -1.59 -17.70
C ASN A 1082 -29.92 -0.15 -17.26
N GLN A 1083 -30.53 0.10 -16.10
CA GLN A 1083 -30.65 1.46 -15.61
C GLN A 1083 -29.29 2.11 -15.49
N GLU A 1084 -29.24 3.40 -15.77
CA GLU A 1084 -27.99 4.17 -15.66
C GLU A 1084 -28.18 5.26 -14.62
N LYS A 1085 -27.10 5.75 -14.05
CA LYS A 1085 -27.25 6.77 -13.02
C LYS A 1085 -25.93 7.51 -12.78
N ALA A 1086 -26.05 8.82 -12.51
CA ALA A 1086 -24.87 9.64 -12.27
C ALA A 1086 -24.41 9.59 -10.81
N LEU A 1087 -23.11 9.36 -10.62
CA LEU A 1087 -22.51 9.29 -9.29
C LEU A 1087 -21.18 10.03 -9.25
N ASN A 1088 -20.88 10.62 -8.10
CA ASN A 1088 -19.62 11.34 -7.88
C ASN A 1088 -18.49 10.31 -7.89
N PHE A 1089 -17.56 10.48 -8.82
CA PHE A 1089 -16.46 9.54 -9.00
C PHE A 1089 -15.16 9.90 -8.26
N LEU A 1090 -15.02 9.39 -7.05
CA LEU A 1090 -13.83 9.61 -6.21
C LEU A 1090 -12.82 8.46 -6.33
N THR A 1091 -11.54 8.79 -6.42
CA THR A 1091 -10.50 7.78 -6.55
C THR A 1091 -9.38 7.94 -5.53
N PRO A 1092 -9.68 7.66 -4.26
CA PRO A 1092 -8.63 7.79 -3.25
C PRO A 1092 -7.56 6.71 -3.44
N HIS A 1093 -6.36 6.95 -2.93
CA HIS A 1093 -5.27 6.00 -3.05
C HIS A 1093 -5.71 4.66 -2.47
N GLN A 1094 -5.43 3.59 -3.21
CA GLN A 1094 -5.84 2.24 -2.83
C GLN A 1094 -5.10 1.52 -1.70
N LYS A 1095 -5.58 0.32 -1.40
CA LYS A 1095 -5.00 -0.52 -0.34
C LYS A 1095 -4.18 -1.72 -0.85
N TRP A 1096 -4.16 -1.95 -2.15
CA TRP A 1096 -3.42 -3.10 -2.69
C TRP A 1096 -2.37 -2.69 -3.72
N GLY A 1097 -1.77 -1.54 -3.47
CA GLY A 1097 -0.74 -1.02 -4.35
C GLY A 1097 -0.41 0.38 -3.92
N ILE A 1098 0.61 0.95 -4.55
CA ILE A 1098 1.04 2.31 -4.29
C ILE A 1098 0.89 2.88 -5.68
N HIS A 1099 -0.13 3.71 -5.89
CA HIS A 1099 -0.37 4.21 -7.24
C HIS A 1099 -0.58 2.95 -8.06
N SER A 1100 0.14 2.82 -9.17
CA SER A 1100 -0.05 1.65 -10.02
C SER A 1100 0.86 0.48 -9.66
N THR A 1101 1.98 0.75 -8.99
CA THR A 1101 2.89 -0.34 -8.65
C THR A 1101 2.12 -1.35 -7.80
N TYR A 1102 2.44 -2.63 -7.96
CA TYR A 1102 1.78 -3.74 -7.26
C TYR A 1102 0.41 -4.12 -7.84
N SER A 1103 -0.19 -3.23 -8.63
CA SER A 1103 -1.49 -3.51 -9.22
C SER A 1103 -1.47 -4.69 -10.21
N ASP A 1104 -0.34 -5.38 -10.30
CA ASP A 1104 -0.24 -6.55 -11.16
C ASP A 1104 0.38 -7.67 -10.36
N ASN A 1105 0.72 -7.37 -9.10
CA ASN A 1105 1.33 -8.31 -8.17
C ASN A 1105 0.29 -9.29 -7.63
N LEU A 1106 0.50 -10.58 -7.89
CA LEU A 1106 -0.44 -11.62 -7.47
C LEU A 1106 -0.82 -11.67 -5.99
N LEU A 1107 0.12 -11.27 -5.13
CA LEU A 1107 -0.14 -11.28 -3.70
C LEU A 1107 -1.18 -10.23 -3.41
N MET A 1108 -0.98 -9.04 -3.96
CA MET A 1108 -1.92 -7.95 -3.77
C MET A 1108 -3.26 -8.29 -4.41
N LEU A 1109 -3.23 -8.82 -5.63
CA LEU A 1109 -4.45 -9.18 -6.31
C LEU A 1109 -5.25 -10.25 -5.58
N THR A 1110 -4.57 -11.18 -4.92
CA THR A 1110 -5.28 -12.21 -4.19
C THR A 1110 -5.86 -11.69 -2.88
N LEU A 1111 -5.27 -10.63 -2.33
CA LEU A 1111 -5.76 -10.06 -1.07
C LEU A 1111 -6.82 -9.00 -1.33
N GLY A 1112 -6.95 -8.59 -2.58
CA GLY A 1112 -7.96 -7.61 -2.94
C GLY A 1112 -9.09 -8.39 -3.57
N ARG A 1113 -9.66 -7.89 -4.66
CA ARG A 1113 -10.75 -8.61 -5.30
C ARG A 1113 -10.38 -9.32 -6.59
N GLY A 1114 -9.10 -9.38 -6.92
CA GLY A 1114 -8.68 -10.08 -8.13
C GLY A 1114 -8.60 -9.26 -9.41
N GLY A 1115 -8.48 -7.94 -9.29
CA GLY A 1115 -8.40 -7.10 -10.45
C GLY A 1115 -9.22 -5.84 -10.25
N PRO A 1116 -9.25 -4.93 -11.23
CA PRO A 1116 -10.00 -3.67 -11.16
C PRO A 1116 -11.41 -3.79 -10.55
N VAL A 1117 -11.69 -3.03 -9.50
CA VAL A 1117 -13.00 -3.05 -8.85
C VAL A 1117 -13.40 -1.64 -8.46
N VAL A 1118 -14.70 -1.41 -8.33
CA VAL A 1118 -15.20 -0.10 -7.93
C VAL A 1118 -16.21 -0.29 -6.82
N TRP A 1119 -16.16 0.58 -5.82
CA TRP A 1119 -17.07 0.53 -4.68
C TRP A 1119 -18.34 1.38 -4.84
N LEU A 1120 -19.50 0.77 -4.59
CA LEU A 1120 -20.79 1.45 -4.67
C LEU A 1120 -21.56 1.27 -3.39
N SER A 1121 -22.30 2.28 -2.96
CA SER A 1121 -23.08 2.12 -1.75
C SER A 1121 -24.19 1.10 -2.01
N GLU A 1122 -24.71 0.48 -0.95
CA GLU A 1122 -25.78 -0.52 -1.05
C GLU A 1122 -27.04 -0.05 -1.78
N ALA A 1123 -27.48 1.18 -1.49
CA ALA A 1123 -28.66 1.71 -2.14
C ALA A 1123 -28.37 1.92 -3.62
N ASP A 1124 -27.30 2.64 -3.93
CA ASP A 1124 -26.97 2.90 -5.32
C ASP A 1124 -26.86 1.59 -6.08
N ALA A 1125 -26.28 0.58 -5.44
CA ALA A 1125 -26.12 -0.72 -6.08
C ALA A 1125 -27.45 -1.42 -6.36
N LYS A 1126 -28.37 -1.36 -5.41
CA LYS A 1126 -29.66 -2.02 -5.57
C LYS A 1126 -30.56 -1.30 -6.57
N ASP A 1127 -30.48 0.03 -6.57
CA ASP A 1127 -31.26 0.84 -7.48
C ASP A 1127 -30.88 0.48 -8.91
N LEU A 1128 -29.61 0.18 -9.14
CA LEU A 1128 -29.13 -0.17 -10.47
C LEU A 1128 -29.19 -1.65 -10.81
N GLY A 1129 -29.63 -2.46 -9.86
CA GLY A 1129 -29.70 -3.89 -10.09
C GLY A 1129 -28.33 -4.54 -10.05
N ILE A 1130 -27.41 -3.94 -9.31
CA ILE A 1130 -26.04 -4.45 -9.21
C ILE A 1130 -25.75 -5.26 -7.95
N ALA A 1131 -25.31 -6.51 -8.15
CA ALA A 1131 -24.98 -7.40 -7.03
C ALA A 1131 -23.48 -7.37 -6.85
N ASP A 1132 -23.03 -7.72 -5.66
CA ASP A 1132 -21.61 -7.73 -5.36
C ASP A 1132 -20.83 -8.55 -6.38
N ASN A 1133 -19.77 -7.95 -6.91
CA ASN A 1133 -18.89 -8.58 -7.91
C ASN A 1133 -19.48 -8.66 -9.31
N ASP A 1134 -20.54 -7.91 -9.58
CA ASP A 1134 -21.12 -7.89 -10.92
C ASP A 1134 -20.20 -7.02 -11.78
N TRP A 1135 -20.21 -7.26 -13.09
CA TRP A 1135 -19.41 -6.47 -14.01
C TRP A 1135 -20.20 -5.19 -14.24
N ILE A 1136 -19.56 -4.04 -14.09
CA ILE A 1136 -20.27 -2.80 -14.29
C ILE A 1136 -19.45 -1.86 -15.18
N GLU A 1137 -20.09 -0.81 -15.67
CA GLU A 1137 -19.38 0.11 -16.51
C GLU A 1137 -19.58 1.53 -16.02
N VAL A 1138 -18.48 2.27 -15.95
CA VAL A 1138 -18.48 3.64 -15.49
C VAL A 1138 -17.96 4.42 -16.68
N PHE A 1139 -18.71 5.45 -17.09
CA PHE A 1139 -18.33 6.21 -18.27
C PHE A 1139 -18.95 7.61 -18.35
N ASN A 1140 -18.31 8.47 -19.13
CA ASN A 1140 -18.81 9.80 -19.33
C ASN A 1140 -18.20 10.35 -20.62
N SER A 1141 -18.20 11.68 -20.75
CA SER A 1141 -17.66 12.35 -21.94
C SER A 1141 -16.25 11.93 -22.27
N ASN A 1142 -15.40 11.89 -21.24
CA ASN A 1142 -14.00 11.55 -21.41
C ASN A 1142 -13.69 10.11 -21.82
N GLY A 1143 -14.53 9.16 -21.45
CA GLY A 1143 -14.27 7.79 -21.84
C GLY A 1143 -15.00 6.79 -20.97
N ALA A 1144 -14.61 5.53 -21.04
CA ALA A 1144 -15.26 4.52 -20.20
C ALA A 1144 -14.27 3.53 -19.58
N LEU A 1145 -14.71 2.86 -18.51
CA LEU A 1145 -13.89 1.85 -17.84
C LEU A 1145 -14.79 0.67 -17.47
N THR A 1146 -14.22 -0.52 -17.38
CA THR A 1146 -15.00 -1.71 -17.00
C THR A 1146 -14.38 -2.22 -15.71
N ALA A 1147 -15.19 -2.76 -14.83
CA ALA A 1147 -14.67 -3.26 -13.57
C ALA A 1147 -15.72 -4.07 -12.87
N ARG A 1148 -15.43 -4.50 -11.66
CA ARG A 1148 -16.42 -5.24 -10.89
C ARG A 1148 -16.77 -4.42 -9.68
N ALA A 1149 -17.99 -4.60 -9.24
CA ALA A 1149 -18.51 -3.88 -8.09
C ALA A 1149 -18.24 -4.46 -6.74
N VAL A 1150 -18.01 -3.58 -5.79
CA VAL A 1150 -17.85 -3.98 -4.42
C VAL A 1150 -18.99 -3.18 -3.78
N VAL A 1151 -20.07 -3.87 -3.40
CA VAL A 1151 -21.22 -3.21 -2.79
C VAL A 1151 -20.96 -3.19 -1.31
N SER A 1152 -21.11 -2.05 -0.67
CA SER A 1152 -20.86 -1.95 0.75
C SER A 1152 -21.67 -0.86 1.38
N GLN A 1153 -21.88 -0.99 2.69
CA GLN A 1153 -22.63 -0.03 3.47
C GLN A 1153 -21.80 1.19 3.86
N ARG A 1154 -20.49 1.03 3.98
CA ARG A 1154 -19.66 2.14 4.42
C ARG A 1154 -19.48 3.25 3.39
N VAL A 1155 -20.00 3.00 2.19
CA VAL A 1155 -19.93 3.99 1.13
C VAL A 1155 -21.24 4.75 1.15
N PRO A 1156 -21.18 6.07 1.40
CA PRO A 1156 -22.39 6.91 1.44
C PRO A 1156 -23.07 6.99 0.09
N ALA A 1157 -24.39 6.91 0.10
CA ALA A 1157 -25.15 6.98 -1.13
C ALA A 1157 -24.76 8.25 -1.85
N GLY A 1158 -24.67 8.18 -3.17
CA GLY A 1158 -24.29 9.35 -3.93
C GLY A 1158 -22.88 9.32 -4.49
N MET A 1159 -21.95 8.71 -3.76
CA MET A 1159 -20.59 8.65 -4.23
C MET A 1159 -20.17 7.24 -4.61
N THR A 1160 -19.04 7.15 -5.29
CA THR A 1160 -18.48 5.88 -5.72
C THR A 1160 -16.97 6.02 -5.65
N MET A 1161 -16.28 4.94 -5.27
CA MET A 1161 -14.83 5.00 -5.18
C MET A 1161 -14.16 3.88 -5.93
N MET A 1162 -13.28 4.23 -6.85
CA MET A 1162 -12.50 3.23 -7.58
C MET A 1162 -11.09 3.58 -7.13
N TYR A 1163 -10.64 2.89 -6.09
CA TYR A 1163 -9.33 3.17 -5.53
C TYR A 1163 -8.22 3.31 -6.57
N HIS A 1164 -7.48 4.40 -6.39
CA HIS A 1164 -6.42 4.81 -7.28
C HIS A 1164 -5.33 3.84 -7.76
N ALA A 1165 -5.29 3.74 -9.09
CA ALA A 1165 -4.35 2.95 -9.88
C ALA A 1165 -4.46 1.43 -9.86
N GLN A 1166 -5.39 0.91 -10.66
CA GLN A 1166 -5.61 -0.53 -10.77
C GLN A 1166 -5.27 -0.95 -12.20
N GLU A 1167 -4.92 0.05 -13.00
CA GLU A 1167 -4.52 -0.03 -14.40
C GLU A 1167 -5.18 -0.99 -15.41
N ARG A 1168 -4.67 -0.94 -16.63
CA ARG A 1168 -5.21 -1.67 -17.80
C ARG A 1168 -4.66 -3.02 -18.26
N ILE A 1169 -3.88 -3.72 -17.46
CA ILE A 1169 -3.32 -5.00 -17.92
C ILE A 1169 -3.90 -6.29 -17.34
N VAL A 1170 -4.63 -6.20 -16.23
CA VAL A 1170 -5.19 -7.39 -15.60
C VAL A 1170 -6.72 -7.41 -15.49
N ASN A 1171 -7.32 -8.53 -15.87
CA ASN A 1171 -8.77 -8.72 -15.74
C ASN A 1171 -9.69 -7.58 -16.21
N LEU A 1172 -9.63 -7.23 -17.49
CA LEU A 1172 -10.48 -6.18 -18.06
C LEU A 1172 -11.11 -6.69 -19.32
N PRO A 1173 -12.44 -6.74 -19.37
CA PRO A 1173 -13.15 -7.23 -20.56
C PRO A 1173 -13.49 -6.05 -21.48
N GLY A 1174 -13.93 -6.38 -22.69
CA GLY A 1174 -14.30 -5.34 -23.64
C GLY A 1174 -15.48 -4.51 -23.14
N SER A 1175 -15.40 -3.19 -23.35
CA SER A 1175 -16.44 -2.25 -22.96
C SER A 1175 -17.59 -2.27 -23.97
N GLU A 1176 -18.81 -2.06 -23.48
CA GLU A 1176 -19.98 -2.05 -24.37
C GLU A 1176 -20.23 -0.66 -24.93
N ILE A 1177 -19.47 0.33 -24.46
CA ILE A 1177 -19.63 1.70 -24.91
C ILE A 1177 -18.62 2.13 -25.97
N THR A 1178 -17.45 1.49 -25.99
CA THR A 1178 -16.42 1.86 -26.97
C THR A 1178 -16.02 0.70 -27.87
N GLN A 1179 -16.54 -0.49 -27.59
CA GLN A 1179 -16.23 -1.66 -28.40
C GLN A 1179 -14.72 -1.96 -28.38
N GLN A 1180 -14.05 -1.42 -27.38
CA GLN A 1180 -12.61 -1.61 -27.18
C GLN A 1180 -12.39 -2.28 -25.83
N ARG A 1181 -11.13 -2.43 -25.45
CA ARG A 1181 -10.77 -2.98 -24.14
C ARG A 1181 -11.26 -1.94 -23.15
N GLY A 1182 -11.90 -2.36 -22.06
CA GLY A 1182 -12.38 -1.42 -21.07
C GLY A 1182 -11.26 -0.47 -20.63
N GLY A 1183 -11.62 0.71 -20.15
CA GLY A 1183 -10.62 1.67 -19.73
C GLY A 1183 -10.25 1.64 -18.25
N ILE A 1184 -9.43 2.63 -17.85
CA ILE A 1184 -8.99 2.75 -16.47
C ILE A 1184 -9.63 3.93 -15.78
N HIS A 1185 -9.32 4.15 -14.51
CA HIS A 1185 -9.96 5.24 -13.81
C HIS A 1185 -9.75 6.58 -14.50
N ASN A 1186 -8.61 6.75 -15.16
CA ASN A 1186 -8.41 8.03 -15.81
C ASN A 1186 -9.00 8.12 -17.21
N SER A 1187 -9.78 7.12 -17.60
CA SER A 1187 -10.44 7.15 -18.89
C SER A 1187 -11.66 8.03 -18.73
N VAL A 1188 -11.96 8.44 -17.51
CA VAL A 1188 -13.14 9.27 -17.28
C VAL A 1188 -12.84 10.64 -16.71
N THR A 1189 -11.56 10.97 -16.55
CA THR A 1189 -11.17 12.27 -16.03
C THR A 1189 -10.60 13.11 -17.15
N ARG A 1190 -10.36 14.38 -16.87
CA ARG A 1190 -9.80 15.26 -17.90
C ARG A 1190 -9.22 16.47 -17.19
N ILE A 1191 -8.05 16.92 -17.64
CA ILE A 1191 -7.40 18.11 -17.05
C ILE A 1191 -8.29 19.35 -17.22
N THR A 1192 -8.41 20.12 -16.16
CA THR A 1192 -9.19 21.34 -16.17
C THR A 1192 -8.45 22.23 -15.20
N PRO A 1193 -7.53 23.06 -15.71
CA PRO A 1193 -6.68 23.99 -14.96
C PRO A 1193 -7.43 25.12 -14.27
N LYS A 1194 -6.82 25.68 -13.24
CA LYS A 1194 -7.43 26.78 -12.51
C LYS A 1194 -6.47 27.98 -12.60
N PRO A 1195 -6.98 29.17 -12.99
CA PRO A 1195 -6.14 30.37 -13.12
C PRO A 1195 -5.26 30.69 -11.92
N THR A 1196 -5.84 30.81 -10.74
CA THR A 1196 -5.07 31.16 -9.53
C THR A 1196 -3.77 30.35 -9.35
N HIS A 1197 -3.67 29.23 -10.06
CA HIS A 1197 -2.51 28.36 -9.99
C HIS A 1197 -1.47 28.67 -11.06
N MET A 1198 -1.70 29.73 -11.84
CA MET A 1198 -0.78 30.15 -12.91
C MET A 1198 -0.04 31.43 -12.57
N ILE A 1199 -0.41 32.06 -11.46
CA ILE A 1199 0.20 33.31 -11.02
C ILE A 1199 1.71 33.22 -10.84
N GLY A 1200 2.43 34.20 -11.38
CA GLY A 1200 3.87 34.20 -11.25
C GLY A 1200 4.46 35.60 -11.06
N GLY A 1201 5.77 35.65 -10.90
CA GLY A 1201 6.45 36.92 -10.71
C GLY A 1201 5.91 37.71 -9.55
N TYR A 1202 5.48 37.03 -8.49
CA TYR A 1202 4.91 37.74 -7.35
C TYR A 1202 5.27 37.14 -6.00
N ALA A 1203 6.51 37.37 -5.55
CA ALA A 1203 6.95 36.86 -4.25
C ALA A 1203 6.68 35.37 -4.07
N HIS A 1204 5.83 35.02 -3.10
CA HIS A 1204 5.51 33.62 -2.83
C HIS A 1204 4.82 32.99 -4.04
N LEU A 1205 4.30 33.82 -4.93
CA LEU A 1205 3.63 33.33 -6.12
C LEU A 1205 4.49 33.43 -7.37
N ALA A 1206 5.76 33.06 -7.26
CA ALA A 1206 6.68 33.07 -8.39
C ALA A 1206 6.94 31.59 -8.67
N TYR A 1207 7.39 31.25 -9.87
CA TYR A 1207 7.60 29.85 -10.22
C TYR A 1207 8.68 29.05 -9.48
N GLY A 1208 8.59 27.74 -9.64
CA GLY A 1208 9.52 26.80 -9.05
C GLY A 1208 9.14 25.37 -9.44
N PHE A 1209 10.08 24.61 -10.01
CA PHE A 1209 9.83 23.22 -10.39
C PHE A 1209 9.19 22.50 -9.19
N ASN A 1210 7.94 22.06 -9.37
CA ASN A 1210 7.19 21.36 -8.33
C ASN A 1210 6.75 22.27 -7.19
N TYR A 1211 7.07 23.56 -7.29
CA TYR A 1211 6.70 24.52 -6.25
C TYR A 1211 5.34 25.16 -6.53
N TYR A 1212 5.07 25.50 -7.78
CA TYR A 1212 3.80 26.10 -8.17
C TYR A 1212 3.38 25.74 -9.61
N GLY A 1213 2.11 25.94 -9.93
CA GLY A 1213 1.63 25.60 -11.27
C GLY A 1213 0.33 24.80 -11.23
N THR A 1214 -0.37 24.75 -12.35
CA THR A 1214 -1.63 24.04 -12.46
C THR A 1214 -1.59 22.59 -11.91
N VAL A 1215 -2.67 22.18 -11.23
CA VAL A 1215 -2.74 20.86 -10.61
C VAL A 1215 -3.74 19.90 -11.26
N GLY A 1216 -3.51 18.60 -11.11
CA GLY A 1216 -4.40 17.64 -11.71
C GLY A 1216 -5.59 17.23 -10.85
N SER A 1217 -6.36 18.18 -10.35
CA SER A 1217 -7.53 17.87 -9.52
C SER A 1217 -8.61 17.12 -10.31
N ASN A 1218 -9.33 16.21 -9.65
CA ASN A 1218 -10.35 15.41 -10.36
C ASN A 1218 -11.51 14.87 -9.50
N ARG A 1219 -11.52 15.15 -8.20
CA ARG A 1219 -12.59 14.62 -7.38
C ARG A 1219 -13.99 15.13 -7.75
N ASP A 1220 -14.06 16.35 -8.28
CA ASP A 1220 -15.34 16.98 -8.68
C ASP A 1220 -16.07 16.20 -9.77
N GLU A 1221 -15.35 15.29 -10.43
CA GLU A 1221 -15.89 14.49 -11.52
C GLU A 1221 -17.09 13.61 -11.18
N PHE A 1222 -17.96 13.45 -12.17
CA PHE A 1222 -19.15 12.62 -12.08
C PHE A 1222 -19.17 11.65 -13.25
N VAL A 1223 -19.63 10.44 -13.01
CA VAL A 1223 -19.67 9.44 -14.09
C VAL A 1223 -21.03 8.79 -14.12
N VAL A 1224 -21.27 8.01 -15.17
CA VAL A 1224 -22.51 7.27 -15.32
C VAL A 1224 -22.14 5.85 -14.98
N VAL A 1225 -22.97 5.22 -14.16
CA VAL A 1225 -22.72 3.86 -13.72
C VAL A 1225 -23.88 3.00 -14.15
N ARG A 1226 -23.59 1.75 -14.51
CA ARG A 1226 -24.64 0.83 -14.93
C ARG A 1226 -24.08 -0.59 -14.99
N LYS A 1227 -24.92 -1.57 -14.71
CA LYS A 1227 -24.50 -2.96 -14.76
C LYS A 1227 -24.24 -3.37 -16.20
N MET A 1228 -23.29 -4.26 -16.42
CA MET A 1228 -23.01 -4.68 -17.79
C MET A 1228 -23.91 -5.81 -18.26
N LYS A 1229 -23.98 -5.98 -19.58
CA LYS A 1229 -24.78 -7.04 -20.16
C LYS A 1229 -23.88 -8.09 -20.80
N ASN A 1230 -23.30 -7.75 -21.94
CA ASN A 1230 -22.42 -8.68 -22.63
C ASN A 1230 -20.99 -8.51 -22.12
N ILE A 1231 -20.36 -9.60 -21.71
CA ILE A 1231 -18.99 -9.52 -21.27
C ILE A 1231 -18.14 -10.25 -22.31
N ASP A 1232 -17.63 -9.51 -23.28
CA ASP A 1232 -16.82 -10.08 -24.34
C ASP A 1232 -15.38 -9.67 -24.12
N TRP A 1233 -14.47 -10.63 -24.11
CA TRP A 1233 -13.08 -10.31 -23.86
C TRP A 1233 -12.28 -9.83 -25.07
N LEU A 1234 -12.85 -9.97 -26.26
CA LEU A 1234 -12.19 -9.50 -27.48
C LEU A 1234 -10.89 -10.22 -27.80
N ASP A 1235 -10.69 -11.42 -27.27
CA ASP A 1235 -9.44 -12.14 -27.49
C ASP A 1235 -9.55 -13.37 -28.37
N GLY A 1236 -10.69 -13.57 -28.99
CA GLY A 1236 -10.86 -14.73 -29.85
C GLY A 1236 -10.78 -16.07 -29.16
N GLU A 1237 -10.90 -16.04 -27.83
CA GLU A 1237 -10.85 -17.28 -27.06
C GLU A 1237 -12.19 -18.00 -27.05
N GLY A 1238 -13.26 -17.26 -27.34
CA GLY A 1238 -14.58 -17.85 -27.35
C GLY A 1238 -15.10 -18.09 -25.95
N ASN A 1239 -14.50 -17.41 -24.98
CA ASN A 1239 -14.88 -17.55 -23.57
C ASN A 1239 -15.60 -16.30 -23.04
N ASP A 1240 -16.72 -15.95 -23.67
CA ASP A 1240 -17.46 -14.77 -23.27
C ASP A 1240 -18.72 -15.07 -22.45
N GLN A 1241 -19.29 -14.04 -21.82
CA GLN A 1241 -20.46 -14.22 -20.98
C GLN A 1241 -21.52 -13.17 -21.17
N VAL A 1242 -22.66 -13.38 -20.52
CA VAL A 1242 -23.77 -12.45 -20.59
C VAL A 1242 -24.41 -12.37 -19.21
N GLN A 1243 -24.44 -11.18 -18.62
CA GLN A 1243 -25.08 -11.02 -17.31
C GLN A 1243 -26.56 -10.79 -17.59
N GLU A 1244 -27.45 -11.45 -16.84
CA GLU A 1244 -28.87 -11.28 -17.08
C GLU A 1244 -29.53 -10.12 -16.34
N SER A 1245 -30.71 -9.72 -16.79
CA SER A 1245 -31.47 -8.61 -16.18
C SER A 1245 -30.69 -7.31 -16.25
N MET B 1 0.85 -31.96 39.12
CA MET B 1 1.46 -30.63 38.88
C MET B 1 2.70 -30.77 38.00
N LYS B 2 2.52 -30.66 36.70
CA LYS B 2 3.63 -30.73 35.74
C LYS B 2 3.72 -29.40 35.05
N ILE B 3 4.69 -28.58 35.44
CA ILE B 3 4.84 -27.28 34.81
C ILE B 3 5.53 -27.37 33.46
N ARG B 4 4.98 -26.69 32.46
CA ARG B 4 5.57 -26.65 31.12
C ARG B 4 5.52 -25.21 30.63
N SER B 5 6.46 -24.83 29.78
CA SER B 5 6.47 -23.47 29.27
C SER B 5 6.07 -23.39 27.80
N GLN B 6 5.68 -22.20 27.38
CA GLN B 6 5.28 -21.92 26.02
C GLN B 6 5.37 -20.42 25.82
N VAL B 7 5.68 -20.00 24.61
CA VAL B 7 5.73 -18.58 24.31
C VAL B 7 4.36 -18.26 23.70
N GLY B 8 3.53 -17.57 24.45
CA GLY B 8 2.22 -17.23 23.94
C GLY B 8 2.26 -15.91 23.19
N MET B 9 1.16 -15.57 22.53
CA MET B 9 1.09 -14.33 21.78
C MET B 9 -0.17 -13.55 22.11
N VAL B 10 -0.01 -12.25 22.29
CA VAL B 10 -1.13 -11.36 22.54
C VAL B 10 -1.15 -10.31 21.44
N LEU B 11 -2.30 -10.15 20.78
CA LEU B 11 -2.42 -9.16 19.74
C LEU B 11 -3.32 -8.04 20.24
N ASN B 12 -2.85 -6.79 20.18
CA ASN B 12 -3.65 -5.65 20.63
C ASN B 12 -4.54 -5.17 19.47
N LEU B 13 -5.79 -5.61 19.45
CA LEU B 13 -6.71 -5.21 18.38
C LEU B 13 -6.96 -3.71 18.29
N ASP B 14 -6.80 -3.01 19.40
CA ASP B 14 -7.01 -1.58 19.39
C ASP B 14 -6.04 -0.87 18.43
N LYS B 15 -4.85 -1.44 18.29
CA LYS B 15 -3.84 -0.85 17.41
C LYS B 15 -3.77 -1.44 16.01
N CYS B 16 -4.48 -2.53 15.75
CA CYS B 16 -4.41 -3.16 14.44
C CYS B 16 -4.98 -2.27 13.36
N ILE B 17 -4.16 -1.98 12.35
CA ILE B 17 -4.56 -1.13 11.24
C ILE B 17 -5.14 -1.87 10.06
N GLY B 18 -5.24 -3.19 10.16
CA GLY B 18 -5.81 -4.00 9.09
C GLY B 18 -5.03 -3.98 7.80
N CYS B 19 -3.70 -3.90 7.88
CA CYS B 19 -2.85 -3.83 6.71
C CYS B 19 -2.47 -5.14 6.01
N HIS B 20 -2.52 -6.25 6.74
CA HIS B 20 -2.21 -7.56 6.18
C HIS B 20 -0.73 -7.88 5.97
N THR B 21 0.15 -6.94 6.33
CA THR B 21 1.58 -7.17 6.16
C THR B 21 1.95 -8.55 6.69
N CYS B 22 1.46 -8.85 7.90
CA CYS B 22 1.66 -10.13 8.58
C CYS B 22 1.33 -11.32 7.70
N SER B 23 0.19 -11.27 7.02
CA SER B 23 -0.25 -12.34 6.14
C SER B 23 0.70 -12.58 4.98
N VAL B 24 1.21 -11.50 4.40
CA VAL B 24 2.10 -11.59 3.26
C VAL B 24 3.45 -12.20 3.66
N THR B 25 4.12 -11.60 4.63
CA THR B 25 5.40 -12.13 5.07
C THR B 25 5.34 -13.63 5.36
N CYS B 26 4.26 -14.09 5.99
CA CYS B 26 4.14 -15.51 6.28
C CYS B 26 4.02 -16.28 4.94
N LYS B 27 3.14 -15.82 4.08
CA LYS B 27 2.93 -16.46 2.79
C LYS B 27 4.24 -16.60 1.99
N ASN B 28 5.05 -15.55 1.96
CA ASN B 28 6.31 -15.62 1.24
C ASN B 28 7.25 -16.70 1.76
N VAL B 29 7.36 -16.79 3.07
CA VAL B 29 8.26 -17.76 3.66
C VAL B 29 7.74 -19.19 3.67
N TRP B 30 6.58 -19.38 4.28
CA TRP B 30 6.02 -20.71 4.45
C TRP B 30 5.05 -21.33 3.45
N THR B 31 4.21 -20.54 2.82
CA THR B 31 3.20 -21.14 1.95
C THR B 31 3.11 -20.75 0.49
N SER B 32 4.23 -20.46 -0.16
CA SER B 32 4.18 -20.08 -1.56
C SER B 32 4.24 -21.26 -2.50
N ARG B 33 4.27 -22.46 -1.96
CA ARG B 33 4.32 -23.69 -2.76
C ARG B 33 2.98 -24.11 -3.36
N GLU B 34 3.05 -24.91 -4.42
CA GLU B 34 1.82 -25.40 -5.02
C GLU B 34 1.23 -26.46 -4.06
N GLY B 35 -0.04 -26.29 -3.70
CA GLY B 35 -0.68 -27.23 -2.80
C GLY B 35 -1.14 -26.52 -1.54
N VAL B 36 -0.41 -25.47 -1.17
CA VAL B 36 -0.76 -24.68 0.00
C VAL B 36 -0.78 -23.21 -0.36
N GLU B 37 -0.86 -22.90 -1.67
CA GLU B 37 -0.90 -21.53 -2.15
C GLU B 37 -2.18 -20.78 -1.78
N TYR B 38 -3.21 -21.54 -1.43
CA TYR B 38 -4.47 -20.93 -1.04
C TYR B 38 -4.53 -20.81 0.48
N ALA B 39 -3.59 -21.45 1.16
CA ALA B 39 -3.55 -21.44 2.61
C ALA B 39 -2.86 -20.19 3.18
N TRP B 40 -3.46 -19.59 4.19
CA TRP B 40 -2.85 -18.43 4.81
C TRP B 40 -2.75 -18.68 6.30
N PHE B 41 -1.63 -19.25 6.73
CA PHE B 41 -1.41 -19.55 8.15
C PHE B 41 -1.85 -18.35 8.99
N ASN B 42 -1.47 -17.16 8.55
CA ASN B 42 -1.86 -15.93 9.22
C ASN B 42 -2.74 -15.21 8.21
N ASN B 43 -3.97 -14.93 8.59
CA ASN B 43 -4.87 -14.22 7.69
C ASN B 43 -5.62 -13.24 8.54
N VAL B 44 -5.93 -12.08 7.99
CA VAL B 44 -6.65 -11.06 8.73
C VAL B 44 -8.06 -11.01 8.15
N GLU B 45 -9.05 -10.80 9.01
CA GLU B 45 -10.45 -10.75 8.57
C GLU B 45 -11.14 -9.48 9.04
N THR B 46 -11.95 -8.87 8.19
CA THR B 46 -12.69 -7.70 8.64
C THR B 46 -14.03 -8.18 9.24
N LYS B 47 -14.39 -7.61 10.39
CA LYS B 47 -15.63 -7.96 11.06
C LYS B 47 -16.55 -6.74 11.09
N PRO B 48 -17.86 -6.94 10.97
CA PRO B 48 -18.61 -8.19 10.81
C PRO B 48 -18.29 -8.89 9.50
N GLY B 49 -18.37 -10.22 9.51
CA GLY B 49 -18.09 -11.00 8.32
C GLY B 49 -18.06 -12.47 8.65
N GLN B 50 -18.02 -13.33 7.66
CA GLN B 50 -18.00 -14.76 7.92
C GLN B 50 -16.60 -15.38 7.91
N GLY B 51 -15.58 -14.55 7.70
CA GLY B 51 -14.22 -15.05 7.71
C GLY B 51 -13.75 -15.97 6.61
N PHE B 52 -12.59 -16.59 6.83
CA PHE B 52 -11.91 -17.50 5.90
C PHE B 52 -11.36 -18.71 6.66
N PRO B 53 -11.85 -19.92 6.36
CA PRO B 53 -12.89 -20.27 5.40
C PRO B 53 -14.22 -19.65 5.79
N THR B 54 -15.18 -19.68 4.88
CA THR B 54 -16.45 -19.06 5.15
C THR B 54 -17.19 -19.67 6.32
N ASP B 55 -17.54 -18.81 7.27
CA ASP B 55 -18.27 -19.18 8.47
C ASP B 55 -17.54 -20.17 9.38
N TRP B 56 -16.21 -20.17 9.33
CA TRP B 56 -15.45 -21.08 10.17
C TRP B 56 -15.91 -21.11 11.62
N GLU B 57 -16.46 -19.99 12.09
CA GLU B 57 -16.91 -19.88 13.47
C GLU B 57 -18.19 -20.63 13.77
N ASN B 58 -18.81 -21.16 12.72
CA ASN B 58 -20.06 -21.89 12.86
C ASN B 58 -19.77 -23.38 13.17
N GLN B 59 -19.60 -23.70 14.45
CA GLN B 59 -19.29 -25.07 14.84
C GLN B 59 -20.41 -26.07 14.61
N GLU B 60 -21.65 -25.59 14.43
CA GLU B 60 -22.75 -26.51 14.20
C GLU B 60 -22.65 -27.06 12.78
N LYS B 61 -22.04 -26.28 11.89
CA LYS B 61 -21.86 -26.70 10.51
C LYS B 61 -20.51 -27.38 10.26
N TYR B 62 -19.46 -26.86 10.90
CA TYR B 62 -18.12 -27.39 10.69
C TYR B 62 -17.62 -28.42 11.71
N LYS B 63 -18.34 -28.56 12.83
CA LYS B 63 -18.02 -29.53 13.90
C LYS B 63 -16.68 -29.42 14.59
N GLY B 64 -16.16 -28.20 14.73
CA GLY B 64 -14.86 -28.04 15.35
C GLY B 64 -14.88 -28.00 16.87
N GLY B 65 -13.70 -28.09 17.47
CA GLY B 65 -13.57 -28.04 18.92
C GLY B 65 -14.11 -29.19 19.74
N TRP B 66 -14.27 -28.93 21.03
CA TRP B 66 -14.77 -29.93 21.96
C TRP B 66 -16.21 -29.71 22.43
N ILE B 67 -16.76 -30.72 23.08
CA ILE B 67 -18.08 -30.60 23.68
C ILE B 67 -17.91 -31.31 25.01
N ARG B 68 -18.76 -30.98 25.98
CA ARG B 68 -18.68 -31.61 27.29
C ARG B 68 -19.93 -32.45 27.45
N LYS B 69 -19.77 -33.76 27.53
CA LYS B 69 -20.91 -34.65 27.69
C LYS B 69 -21.64 -34.38 29.01
N ILE B 70 -22.71 -35.12 29.26
CA ILE B 70 -23.46 -34.93 30.49
C ILE B 70 -22.72 -35.55 31.67
N ASN B 71 -21.90 -36.55 31.40
CA ASN B 71 -21.13 -37.20 32.44
C ASN B 71 -19.92 -36.36 32.83
N GLY B 72 -19.77 -35.20 32.19
CA GLY B 72 -18.66 -34.30 32.49
C GLY B 72 -17.38 -34.50 31.67
N LYS B 73 -17.31 -35.62 30.95
CA LYS B 73 -16.14 -35.94 30.13
C LYS B 73 -16.03 -35.09 28.86
N LEU B 74 -14.82 -34.98 28.32
CA LEU B 74 -14.59 -34.21 27.11
C LEU B 74 -14.63 -35.08 25.88
N GLN B 75 -15.23 -34.58 24.80
CA GLN B 75 -15.30 -35.33 23.55
C GLN B 75 -15.27 -34.41 22.34
N PRO B 76 -14.49 -34.76 21.31
CA PRO B 76 -14.45 -33.89 20.13
C PRO B 76 -15.84 -33.81 19.54
N ARG B 77 -16.28 -32.61 19.21
CA ARG B 77 -17.60 -32.41 18.62
C ARG B 77 -17.76 -33.22 17.34
N MET B 78 -16.64 -33.72 16.80
CA MET B 78 -16.64 -34.52 15.58
C MET B 78 -17.22 -35.89 15.88
N GLY B 79 -17.02 -36.34 17.11
CA GLY B 79 -17.50 -37.64 17.52
C GLY B 79 -16.40 -38.34 18.26
N ASN B 80 -16.73 -39.40 18.98
CA ASN B 80 -15.71 -40.13 19.72
C ASN B 80 -14.81 -40.85 18.73
N ARG B 81 -13.81 -41.57 19.23
CA ARG B 81 -12.87 -42.27 18.36
C ARG B 81 -13.52 -43.12 17.28
N ALA B 82 -14.54 -43.92 17.64
CA ALA B 82 -15.21 -44.75 16.64
C ALA B 82 -16.05 -43.89 15.68
N MET B 83 -16.85 -42.98 16.22
CA MET B 83 -17.66 -42.09 15.38
C MET B 83 -16.76 -41.42 14.33
N LEU B 84 -15.61 -40.95 14.78
CA LEU B 84 -14.66 -40.27 13.92
C LEU B 84 -14.04 -41.24 12.90
N LEU B 85 -13.67 -42.42 13.39
CA LEU B 85 -13.09 -43.44 12.54
C LEU B 85 -14.08 -43.79 11.43
N GLY B 86 -15.35 -43.79 11.78
CA GLY B 86 -16.39 -44.13 10.82
C GLY B 86 -16.60 -43.09 9.74
N LYS B 87 -16.05 -41.89 9.91
CA LYS B 87 -16.25 -40.85 8.90
C LYS B 87 -15.03 -40.70 8.01
N ILE B 88 -14.11 -41.65 8.12
CA ILE B 88 -12.86 -41.59 7.40
C ILE B 88 -12.85 -41.73 5.88
N PHE B 89 -13.71 -42.59 5.33
CA PHE B 89 -13.69 -42.75 3.88
C PHE B 89 -14.19 -41.48 3.20
N ALA B 90 -14.82 -40.61 3.97
CA ALA B 90 -15.33 -39.34 3.46
C ALA B 90 -15.82 -38.45 4.59
N ASN B 91 -14.93 -37.59 5.07
CA ASN B 91 -15.22 -36.63 6.13
C ASN B 91 -16.43 -35.81 5.67
N PRO B 92 -17.61 -36.08 6.24
CA PRO B 92 -18.83 -35.35 5.86
C PRO B 92 -18.85 -33.88 6.21
N HIS B 93 -17.88 -33.41 6.99
CA HIS B 93 -17.85 -32.02 7.39
C HIS B 93 -16.75 -31.20 6.73
N LEU B 94 -15.77 -31.89 6.16
CA LEU B 94 -14.64 -31.26 5.50
C LEU B 94 -15.04 -30.05 4.67
N PRO B 95 -14.32 -28.92 4.84
CA PRO B 95 -14.61 -27.69 4.08
C PRO B 95 -13.96 -27.87 2.70
N GLY B 96 -14.68 -27.48 1.66
CA GLY B 96 -14.18 -27.65 0.31
C GLY B 96 -13.42 -26.46 -0.23
N ILE B 97 -12.61 -26.71 -1.27
CA ILE B 97 -11.79 -25.65 -1.84
C ILE B 97 -12.56 -24.36 -2.04
N ASP B 98 -13.79 -24.46 -2.53
CA ASP B 98 -14.58 -23.27 -2.75
C ASP B 98 -14.87 -22.51 -1.48
N ASP B 99 -14.85 -23.21 -0.36
CA ASP B 99 -15.10 -22.57 0.93
C ASP B 99 -14.03 -21.55 1.27
N TYR B 100 -12.84 -21.76 0.71
CA TYR B 100 -11.72 -20.84 0.88
C TYR B 100 -11.84 -19.90 -0.31
N TYR B 101 -11.40 -20.38 -1.47
CA TYR B 101 -11.47 -19.63 -2.73
C TYR B 101 -10.66 -20.43 -3.71
N GLU B 102 -11.01 -20.37 -4.99
CA GLU B 102 -10.23 -21.09 -5.98
C GLU B 102 -9.01 -20.22 -6.24
N PRO B 103 -7.81 -20.73 -5.89
CA PRO B 103 -6.57 -20.00 -6.08
C PRO B 103 -6.32 -19.76 -7.57
N PHE B 104 -6.13 -18.50 -7.91
CA PHE B 104 -5.94 -18.08 -9.29
C PHE B 104 -4.62 -17.39 -9.59
N ASP B 105 -4.38 -17.20 -10.88
CA ASP B 105 -3.18 -16.52 -11.40
C ASP B 105 -3.65 -15.83 -12.69
N PHE B 106 -2.80 -14.99 -13.27
CA PHE B 106 -3.18 -14.29 -14.50
C PHE B 106 -2.19 -14.62 -15.60
N ASP B 107 -2.65 -14.50 -16.84
CA ASP B 107 -1.81 -14.80 -18.01
C ASP B 107 -1.02 -13.57 -18.45
N TYR B 108 -0.01 -13.22 -17.65
CA TYR B 108 0.81 -12.05 -17.92
C TYR B 108 1.59 -12.15 -19.22
N GLN B 109 1.98 -13.37 -19.58
CA GLN B 109 2.76 -13.54 -20.79
C GLN B 109 2.03 -13.13 -22.05
N ASN B 110 0.72 -12.97 -21.96
CA ASN B 110 -0.05 -12.53 -23.11
C ASN B 110 0.32 -11.07 -23.39
N LEU B 111 0.58 -10.31 -22.34
CA LEU B 111 0.96 -8.91 -22.47
C LEU B 111 2.25 -8.82 -23.27
N HIS B 112 3.12 -9.83 -23.11
CA HIS B 112 4.41 -9.87 -23.81
C HIS B 112 4.37 -10.49 -25.20
N THR B 113 3.67 -11.62 -25.35
CA THR B 113 3.66 -12.30 -26.65
C THR B 113 2.52 -11.95 -27.59
N ALA B 114 1.58 -11.11 -27.15
CA ALA B 114 0.46 -10.72 -28.02
C ALA B 114 1.06 -10.42 -29.38
N PRO B 115 0.57 -11.10 -30.43
CA PRO B 115 1.04 -10.94 -31.82
C PRO B 115 0.64 -9.64 -32.49
N GLU B 116 1.47 -9.22 -33.44
CA GLU B 116 1.26 -8.00 -34.21
C GLU B 116 -0.14 -7.93 -34.81
N GLY B 117 -0.75 -6.76 -34.71
CA GLY B 117 -2.07 -6.57 -35.31
C GLY B 117 -3.26 -7.15 -34.56
N SER B 118 -3.22 -7.13 -33.24
CA SER B 118 -4.33 -7.62 -32.44
C SER B 118 -5.50 -6.65 -32.61
N LYS B 119 -6.71 -7.20 -32.70
CA LYS B 119 -7.88 -6.37 -32.87
C LYS B 119 -8.08 -5.42 -31.69
N SER B 120 -7.76 -5.89 -30.49
CA SER B 120 -7.90 -5.09 -29.27
C SER B 120 -6.62 -5.14 -28.43
N GLN B 121 -6.49 -4.23 -27.47
CA GLN B 121 -5.32 -4.17 -26.60
C GLN B 121 -5.22 -5.48 -25.83
N PRO B 122 -4.06 -6.14 -25.85
CA PRO B 122 -3.98 -7.41 -25.11
C PRO B 122 -4.21 -7.23 -23.61
N ILE B 123 -4.57 -8.33 -22.96
CA ILE B 123 -4.90 -8.34 -21.54
C ILE B 123 -4.47 -9.65 -20.88
N ALA B 124 -4.41 -9.66 -19.54
CA ALA B 124 -4.05 -10.87 -18.80
C ALA B 124 -5.27 -11.29 -18.03
N ARG B 125 -5.85 -12.44 -18.40
CA ARG B 125 -7.05 -12.95 -17.74
C ARG B 125 -6.72 -13.96 -16.64
N PRO B 126 -7.67 -14.16 -15.70
CA PRO B 126 -7.48 -15.11 -14.60
C PRO B 126 -7.41 -16.56 -15.07
N ARG B 127 -6.77 -17.40 -14.27
CA ARG B 127 -6.59 -18.82 -14.56
C ARG B 127 -6.48 -19.66 -13.30
N SER B 128 -7.22 -20.76 -13.25
CA SER B 128 -7.21 -21.62 -12.10
C SER B 128 -5.84 -22.23 -11.88
N LEU B 129 -5.39 -22.19 -10.64
CA LEU B 129 -4.11 -22.77 -10.25
C LEU B 129 -4.35 -24.23 -9.92
N ILE B 130 -5.61 -24.65 -9.93
CA ILE B 130 -5.95 -26.04 -9.63
C ILE B 130 -6.15 -26.84 -10.92
N THR B 131 -6.75 -26.21 -11.90
CA THR B 131 -7.05 -26.88 -13.15
C THR B 131 -6.19 -26.37 -14.30
N GLY B 132 -5.73 -25.13 -14.21
CA GLY B 132 -4.90 -24.60 -15.27
C GLY B 132 -5.76 -24.03 -16.38
N GLU B 133 -7.08 -24.11 -16.19
CA GLU B 133 -8.05 -23.62 -17.17
C GLU B 133 -8.32 -22.14 -16.99
N ARG B 134 -8.90 -21.52 -18.02
CA ARG B 134 -9.25 -20.12 -17.98
C ARG B 134 -10.41 -19.98 -17.00
N MET B 135 -10.38 -18.92 -16.20
CA MET B 135 -11.46 -18.66 -15.25
C MET B 135 -12.26 -17.54 -15.86
N ALA B 136 -13.56 -17.75 -15.98
CA ALA B 136 -14.42 -16.76 -16.57
C ALA B 136 -14.52 -15.52 -15.69
N LYS B 137 -14.29 -15.71 -14.39
CA LYS B 137 -14.40 -14.59 -13.45
C LYS B 137 -13.97 -14.96 -12.03
N ILE B 138 -13.13 -14.13 -11.42
CA ILE B 138 -12.70 -14.38 -10.05
C ILE B 138 -13.91 -14.09 -9.16
N GLU B 139 -14.46 -15.11 -8.50
CA GLU B 139 -15.63 -14.89 -7.66
C GLU B 139 -15.40 -14.92 -6.17
N LYS B 140 -14.14 -15.04 -5.77
CA LYS B 140 -13.79 -15.10 -4.35
C LYS B 140 -12.30 -15.02 -4.08
N GLY B 141 -11.95 -14.58 -2.88
CA GLY B 141 -10.56 -14.47 -2.49
C GLY B 141 -10.49 -14.78 -1.02
N PRO B 142 -9.29 -14.86 -0.43
CA PRO B 142 -9.14 -15.15 0.99
C PRO B 142 -9.44 -13.99 1.92
N ASN B 143 -9.49 -12.78 1.37
CA ASN B 143 -9.77 -11.60 2.18
C ASN B 143 -10.85 -10.79 1.48
N TRP B 144 -11.77 -11.53 0.84
CA TRP B 144 -12.85 -10.97 0.06
C TRP B 144 -13.79 -9.96 0.73
N GLU B 145 -14.02 -10.10 2.03
CA GLU B 145 -14.92 -9.19 2.74
C GLU B 145 -14.17 -8.00 3.32
N ASP B 146 -12.90 -7.89 2.97
CA ASP B 146 -12.06 -6.81 3.48
C ASP B 146 -12.80 -5.49 3.49
N ASP B 147 -12.70 -4.77 4.60
CA ASP B 147 -13.34 -3.47 4.77
C ASP B 147 -14.82 -3.38 4.43
N LEU B 148 -15.60 -4.26 5.03
CA LEU B 148 -17.03 -4.27 4.81
C LEU B 148 -17.40 -4.34 3.33
N GLY B 149 -16.73 -5.25 2.63
CA GLY B 149 -17.01 -5.42 1.22
C GLY B 149 -18.09 -6.48 1.08
N GLY B 150 -19.33 -6.05 0.84
CA GLY B 150 -20.42 -6.98 0.70
C GLY B 150 -21.64 -6.49 1.48
N GLU B 151 -22.83 -6.81 0.98
CA GLU B 151 -24.07 -6.38 1.62
C GLU B 151 -24.08 -6.74 3.09
N PHE B 152 -24.67 -5.87 3.92
CA PHE B 152 -24.76 -6.11 5.34
C PHE B 152 -25.45 -7.45 5.71
N ASP B 153 -26.55 -7.78 5.03
CA ASP B 153 -27.27 -9.02 5.29
C ASP B 153 -26.34 -10.22 5.16
N LYS B 154 -25.36 -10.10 4.26
CA LYS B 154 -24.40 -11.16 4.01
C LYS B 154 -23.38 -11.17 5.13
N LEU B 155 -22.85 -9.99 5.44
CA LEU B 155 -21.84 -9.85 6.47
C LEU B 155 -22.35 -10.18 7.87
N ALA B 156 -23.56 -9.70 8.17
CA ALA B 156 -24.17 -9.90 9.48
C ALA B 156 -24.43 -11.36 9.76
N LYS B 157 -24.23 -12.20 8.74
CA LYS B 157 -24.41 -13.63 8.94
C LYS B 157 -23.38 -14.06 9.97
N ASP B 158 -22.39 -13.19 10.17
CA ASP B 158 -21.30 -13.38 11.15
C ASP B 158 -21.86 -14.03 12.41
N LYS B 159 -21.30 -15.18 12.78
CA LYS B 159 -21.74 -15.91 13.95
C LYS B 159 -21.76 -15.08 15.25
N ASN B 160 -20.83 -14.14 15.38
CA ASN B 160 -20.78 -13.34 16.59
C ASN B 160 -21.96 -12.40 16.77
N PHE B 161 -22.86 -12.37 15.79
CA PHE B 161 -24.03 -11.52 15.88
C PHE B 161 -25.21 -12.25 16.57
N ASP B 162 -25.05 -13.54 16.81
CA ASP B 162 -26.09 -14.32 17.50
C ASP B 162 -26.47 -13.65 18.83
N ASN B 163 -27.77 -13.54 19.08
CA ASN B 163 -28.27 -12.96 20.32
C ASN B 163 -28.16 -11.43 20.40
N ILE B 164 -27.95 -10.80 19.25
CA ILE B 164 -27.86 -9.34 19.20
C ILE B 164 -28.84 -8.90 18.14
N GLN B 165 -29.53 -7.80 18.38
CA GLN B 165 -30.46 -7.29 17.39
C GLN B 165 -29.57 -6.49 16.47
N LYS B 166 -29.26 -7.08 15.32
CA LYS B 166 -28.36 -6.46 14.35
C LYS B 166 -28.99 -5.48 13.38
N ALA B 167 -30.29 -5.26 13.49
CA ALA B 167 -30.95 -4.34 12.56
C ALA B 167 -30.35 -2.94 12.59
N MET B 168 -30.10 -2.42 13.79
CA MET B 168 -29.59 -1.07 13.91
C MET B 168 -28.24 -0.83 13.28
N TYR B 169 -27.44 -1.88 13.15
CA TYR B 169 -26.12 -1.73 12.59
C TYR B 169 -26.02 -1.66 11.08
N SER B 170 -27.15 -1.82 10.40
CA SER B 170 -27.15 -1.73 8.94
C SER B 170 -27.32 -0.27 8.53
N GLN B 171 -27.57 0.59 9.52
CA GLN B 171 -27.73 2.00 9.28
C GLN B 171 -26.39 2.71 9.13
N PHE B 172 -26.27 3.60 8.15
CA PHE B 172 -25.01 4.30 7.93
C PHE B 172 -24.37 4.89 9.19
N GLU B 173 -25.10 5.73 9.90
CA GLU B 173 -24.56 6.36 11.10
C GLU B 173 -24.10 5.36 12.17
N ASN B 174 -24.53 4.11 12.10
CA ASN B 174 -24.10 3.13 13.11
C ASN B 174 -23.03 2.17 12.63
N THR B 175 -22.53 2.39 11.43
CA THR B 175 -21.49 1.56 10.84
C THR B 175 -20.32 1.33 11.80
N PHE B 176 -19.73 0.14 11.74
CA PHE B 176 -18.58 -0.17 12.57
C PHE B 176 -17.83 -1.33 11.94
N MET B 177 -16.52 -1.35 12.12
CA MET B 177 -15.71 -2.44 11.59
C MET B 177 -14.44 -2.51 12.40
N MET B 178 -13.89 -3.70 12.48
CA MET B 178 -12.66 -3.96 13.22
C MET B 178 -11.95 -5.09 12.49
N TYR B 179 -10.69 -5.31 12.82
CA TYR B 179 -9.93 -6.36 12.16
C TYR B 179 -9.54 -7.48 13.11
N LEU B 180 -9.62 -8.69 12.59
CA LEU B 180 -9.30 -9.87 13.36
C LEU B 180 -8.17 -10.67 12.71
N PRO B 181 -6.90 -10.28 12.97
CA PRO B 181 -5.82 -11.05 12.36
C PRO B 181 -5.72 -12.37 13.15
N ARG B 182 -5.55 -13.48 12.46
CA ARG B 182 -5.45 -14.74 13.17
C ARG B 182 -4.50 -15.79 12.60
N LEU B 183 -3.91 -16.55 13.51
CA LEU B 183 -2.99 -17.61 13.17
C LEU B 183 -3.45 -18.80 13.98
N CYS B 184 -2.62 -19.82 14.08
CA CYS B 184 -2.98 -20.98 14.85
C CYS B 184 -2.84 -20.61 16.35
N GLU B 185 -3.77 -21.12 17.16
CA GLU B 185 -3.81 -20.83 18.60
C GLU B 185 -2.78 -21.58 19.44
N HIS B 186 -2.28 -22.70 18.95
CA HIS B 186 -1.30 -23.50 19.69
C HIS B 186 -1.81 -23.75 21.10
N CYS B 187 -3.04 -24.28 21.12
CA CYS B 187 -3.82 -24.60 22.31
C CYS B 187 -3.16 -25.52 23.36
N LEU B 188 -3.71 -25.55 24.57
CA LEU B 188 -3.20 -26.44 25.62
C LEU B 188 -3.98 -27.75 25.50
N ASN B 189 -5.24 -27.62 25.11
CA ASN B 189 -6.07 -28.79 24.90
C ASN B 189 -6.55 -28.76 23.45
N PRO B 190 -5.61 -28.74 22.49
CA PRO B 190 -5.93 -28.71 21.06
C PRO B 190 -6.84 -29.83 20.58
N ALA B 191 -7.80 -29.48 19.72
CA ALA B 191 -8.73 -30.46 19.19
C ALA B 191 -8.11 -31.26 18.04
N CYS B 192 -7.28 -30.61 17.22
CA CYS B 192 -6.63 -31.27 16.09
C CYS B 192 -5.93 -32.55 16.55
N VAL B 193 -5.11 -32.42 17.59
CA VAL B 193 -4.39 -33.56 18.12
C VAL B 193 -5.28 -34.73 18.47
N ALA B 194 -6.40 -34.44 19.11
CA ALA B 194 -7.32 -35.49 19.50
C ALA B 194 -8.05 -36.05 18.29
N THR B 195 -8.12 -35.29 17.20
CA THR B 195 -8.83 -35.80 16.05
C THR B 195 -8.00 -36.40 14.91
N CYS B 196 -6.70 -36.53 15.10
CA CYS B 196 -5.85 -37.12 14.06
C CYS B 196 -5.66 -38.61 14.34
N PRO B 197 -6.26 -39.46 13.49
CA PRO B 197 -6.19 -40.91 13.64
C PRO B 197 -4.80 -41.52 13.73
N SER B 198 -3.86 -41.01 12.94
CA SER B 198 -2.51 -41.57 12.94
C SER B 198 -1.58 -41.09 14.05
N GLY B 199 -2.00 -40.07 14.79
CA GLY B 199 -1.16 -39.57 15.87
C GLY B 199 0.01 -38.75 15.36
N ALA B 200 -0.16 -38.14 14.20
CA ALA B 200 0.89 -37.34 13.60
C ALA B 200 0.96 -35.93 14.14
N ILE B 201 -0.07 -35.47 14.82
CA ILE B 201 -0.02 -34.11 15.37
C ILE B 201 0.35 -34.17 16.83
N TYR B 202 1.25 -33.28 17.24
CA TYR B 202 1.68 -33.26 18.62
C TYR B 202 2.06 -31.87 19.08
N LYS B 203 2.15 -31.72 20.39
CA LYS B 203 2.54 -30.46 21.01
C LYS B 203 3.96 -30.71 21.54
N ARG B 204 4.86 -29.79 21.28
CA ARG B 204 6.23 -29.91 21.74
C ARG B 204 6.27 -29.64 23.22
N GLU B 205 7.01 -30.45 23.98
CA GLU B 205 7.05 -30.25 25.43
C GLU B 205 7.78 -28.99 25.87
N GLU B 206 8.89 -28.65 25.22
CA GLU B 206 9.66 -27.48 25.63
C GLU B 206 9.11 -26.09 25.32
N ASP B 207 8.37 -25.91 24.23
CA ASP B 207 7.86 -24.59 23.95
C ASP B 207 6.38 -24.55 23.59
N GLY B 208 5.72 -25.69 23.75
CA GLY B 208 4.30 -25.77 23.48
C GLY B 208 3.81 -25.49 22.07
N ILE B 209 4.68 -25.51 21.07
CA ILE B 209 4.27 -25.27 19.70
C ILE B 209 3.68 -26.57 19.14
N VAL B 210 2.51 -26.49 18.51
CA VAL B 210 1.84 -27.68 17.96
C VAL B 210 2.15 -27.89 16.47
N LEU B 211 2.70 -29.06 16.11
CA LEU B 211 3.06 -29.33 14.73
C LEU B 211 2.51 -30.62 14.12
N ILE B 212 2.31 -30.60 12.81
CA ILE B 212 1.84 -31.78 12.08
C ILE B 212 3.10 -32.39 11.48
N ASP B 213 3.51 -33.53 12.01
CA ASP B 213 4.69 -34.24 11.54
C ASP B 213 4.51 -34.64 10.07
N GLN B 214 5.30 -34.04 9.18
CA GLN B 214 5.19 -34.33 7.75
C GLN B 214 5.57 -35.74 7.32
N ASP B 215 6.25 -36.48 8.19
CA ASP B 215 6.63 -37.86 7.89
C ASP B 215 5.47 -38.79 8.27
N LYS B 216 4.97 -38.61 9.49
CA LYS B 216 3.90 -39.45 10.01
C LYS B 216 2.46 -39.12 9.62
N CYS B 217 2.20 -37.92 9.14
CA CYS B 217 0.83 -37.58 8.74
C CYS B 217 0.47 -38.49 7.59
N ARG B 218 -0.76 -39.02 7.58
CA ARG B 218 -1.20 -39.94 6.53
C ARG B 218 -2.26 -39.32 5.62
N GLY B 219 -2.54 -38.04 5.82
CA GLY B 219 -3.55 -37.40 5.01
C GLY B 219 -4.98 -37.89 5.25
N TRP B 220 -5.28 -38.32 6.48
CA TRP B 220 -6.60 -38.81 6.85
C TRP B 220 -7.58 -37.65 6.89
N ARG B 221 -7.04 -36.45 6.76
CA ARG B 221 -7.82 -35.20 6.77
C ARG B 221 -9.01 -35.10 7.73
N MET B 222 -8.84 -35.52 8.98
CA MET B 222 -9.93 -35.40 9.95
C MET B 222 -9.62 -34.17 10.80
N CYS B 223 -8.34 -34.01 11.16
CA CYS B 223 -7.86 -32.88 11.95
C CYS B 223 -8.46 -31.52 11.50
N ILE B 224 -8.55 -31.32 10.19
CA ILE B 224 -9.10 -30.10 9.59
C ILE B 224 -10.46 -29.74 10.17
N THR B 225 -11.30 -30.77 10.35
CA THR B 225 -12.62 -30.58 10.90
C THR B 225 -12.48 -30.39 12.42
N GLY B 226 -11.53 -31.08 13.01
CA GLY B 226 -11.33 -30.96 14.44
C GLY B 226 -10.92 -29.58 14.89
N CYS B 227 -10.13 -28.87 14.08
CA CYS B 227 -9.72 -27.54 14.48
C CYS B 227 -10.88 -26.56 14.34
N PRO B 228 -11.35 -25.97 15.45
CA PRO B 228 -12.47 -25.02 15.42
C PRO B 228 -12.11 -23.66 14.86
N TYR B 229 -10.83 -23.42 14.67
CA TYR B 229 -10.40 -22.14 14.15
C TYR B 229 -10.10 -22.34 12.68
N LYS B 230 -10.21 -23.59 12.25
CA LYS B 230 -9.95 -23.95 10.86
C LYS B 230 -8.60 -23.35 10.43
N LYS B 231 -7.60 -23.57 11.26
CA LYS B 231 -6.27 -23.09 10.99
C LYS B 231 -5.30 -24.13 10.45
N ILE B 232 -5.82 -25.32 10.14
CA ILE B 232 -5.02 -26.39 9.53
C ILE B 232 -5.47 -26.46 8.09
N TYR B 233 -4.52 -26.40 7.17
CA TYR B 233 -4.82 -26.41 5.75
C TYR B 233 -4.35 -27.66 5.02
N PHE B 234 -5.25 -28.32 4.33
CA PHE B 234 -4.89 -29.51 3.58
C PHE B 234 -4.06 -29.04 2.40
N ASN B 235 -2.94 -29.70 2.18
CA ASN B 235 -2.06 -29.37 1.06
C ASN B 235 -2.54 -30.31 -0.02
N TRP B 236 -3.39 -29.80 -0.92
CA TRP B 236 -3.95 -30.62 -1.98
C TRP B 236 -2.96 -31.37 -2.85
N LYS B 237 -1.70 -30.95 -2.87
CA LYS B 237 -0.72 -31.64 -3.71
C LYS B 237 0.05 -32.78 -2.99
N SER B 238 0.56 -32.53 -1.79
CA SER B 238 1.30 -33.55 -1.06
C SER B 238 0.38 -34.61 -0.42
N GLY B 239 -0.88 -34.20 -0.16
CA GLY B 239 -1.82 -35.11 0.45
C GLY B 239 -1.80 -35.06 1.96
N LYS B 240 -0.92 -34.21 2.51
CA LYS B 240 -0.81 -34.06 3.95
C LYS B 240 -1.26 -32.65 4.35
N SER B 241 -1.57 -32.44 5.62
CA SER B 241 -2.02 -31.14 6.09
C SER B 241 -0.88 -30.34 6.70
N GLU B 242 -0.91 -29.03 6.49
CA GLU B 242 0.11 -28.16 7.05
C GLU B 242 -0.60 -27.06 7.82
N LYS B 243 0.12 -26.45 8.75
CA LYS B 243 -0.46 -25.39 9.57
C LYS B 243 0.64 -24.45 10.03
N CYS B 244 0.25 -23.35 10.64
CA CYS B 244 1.19 -22.39 11.17
C CYS B 244 2.11 -23.18 12.11
N ILE B 245 3.42 -22.99 11.98
CA ILE B 245 4.36 -23.73 12.79
C ILE B 245 4.99 -22.83 13.83
N PHE B 246 4.32 -21.72 14.10
CA PHE B 246 4.78 -20.69 15.02
C PHE B 246 6.23 -20.30 14.78
N CYS B 247 6.68 -20.43 13.55
CA CYS B 247 8.04 -20.06 13.23
C CYS B 247 9.04 -20.64 14.18
N TYR B 248 8.82 -21.88 14.59
CA TYR B 248 9.72 -22.52 15.54
C TYR B 248 11.19 -22.42 15.18
N PRO B 249 11.54 -22.41 13.88
CA PRO B 249 12.96 -22.30 13.59
C PRO B 249 13.60 -21.05 14.20
N ARG B 250 12.86 -19.94 14.22
CA ARG B 250 13.40 -18.71 14.80
C ARG B 250 13.17 -18.72 16.32
N ILE B 251 11.95 -19.07 16.74
CA ILE B 251 11.61 -19.11 18.16
C ILE B 251 12.65 -19.93 18.95
N GLU B 252 13.09 -21.04 18.35
CA GLU B 252 14.07 -21.90 18.97
C GLU B 252 15.35 -21.17 19.36
N ALA B 253 15.69 -20.12 18.62
CA ALA B 253 16.87 -19.36 18.94
C ALA B 253 16.54 -18.10 19.74
N GLY B 254 15.27 -17.88 20.04
CA GLY B 254 14.92 -16.71 20.82
C GLY B 254 14.51 -15.53 20.00
N GLN B 255 14.08 -15.77 18.76
CA GLN B 255 13.62 -14.70 17.88
C GLN B 255 12.11 -14.68 17.87
N PRO B 256 11.51 -13.61 17.34
CA PRO B 256 10.06 -13.45 17.24
C PRO B 256 9.61 -14.23 16.02
N THR B 257 8.30 -14.41 15.84
CA THR B 257 7.81 -15.09 14.64
C THR B 257 7.84 -14.04 13.53
N VAL B 258 7.84 -14.44 12.27
CA VAL B 258 7.86 -13.48 11.18
C VAL B 258 6.67 -12.51 11.23
N CYS B 259 5.48 -13.03 11.49
CA CYS B 259 4.30 -12.16 11.55
C CYS B 259 4.28 -11.27 12.80
N SER B 260 5.21 -11.50 13.73
CA SER B 260 5.30 -10.68 14.92
C SER B 260 6.32 -9.58 14.68
N GLU B 261 7.48 -9.96 14.15
CA GLU B 261 8.53 -9.00 13.89
C GLU B 261 8.11 -8.02 12.81
N THR B 262 7.32 -8.51 11.86
CA THR B 262 6.89 -7.65 10.76
C THR B 262 5.54 -6.93 10.95
N CYS B 263 4.95 -7.03 12.14
CA CYS B 263 3.71 -6.32 12.36
C CYS B 263 4.03 -4.83 12.34
N VAL B 264 3.45 -4.12 11.37
CA VAL B 264 3.68 -2.69 11.19
C VAL B 264 3.01 -1.91 12.29
N GLY B 265 1.82 -2.37 12.69
CA GLY B 265 1.07 -1.69 13.73
C GLY B 265 1.67 -1.87 15.11
N ARG B 266 2.74 -2.64 15.22
CA ARG B 266 3.39 -2.89 16.52
C ARG B 266 2.35 -3.34 17.55
N ILE B 267 1.53 -4.33 17.17
CA ILE B 267 0.45 -4.84 18.01
C ILE B 267 0.65 -6.23 18.63
N ARG B 268 1.66 -6.95 18.17
CA ARG B 268 1.92 -8.30 18.66
C ARG B 268 2.95 -8.43 19.78
N TYR B 269 2.57 -9.16 20.82
CA TYR B 269 3.42 -9.38 21.98
C TYR B 269 3.75 -10.85 22.19
N LEU B 270 5.04 -11.16 22.34
CA LEU B 270 5.47 -12.53 22.55
C LEU B 270 6.10 -12.74 23.91
N GLY B 271 5.46 -13.55 24.75
CA GLY B 271 6.00 -13.80 26.06
C GLY B 271 5.75 -15.21 26.57
N VAL B 272 6.61 -15.67 27.47
CA VAL B 272 6.46 -17.01 28.04
C VAL B 272 5.34 -17.10 29.07
N LEU B 273 4.67 -18.25 29.09
CA LEU B 273 3.61 -18.54 30.04
C LEU B 273 3.93 -19.90 30.59
N LEU B 274 3.79 -20.06 31.90
CA LEU B 274 4.06 -21.34 32.54
C LEU B 274 2.73 -21.91 32.97
N TYR B 275 2.41 -23.10 32.49
CA TYR B 275 1.14 -23.70 32.85
C TYR B 275 1.31 -25.06 33.50
N ASP B 276 0.30 -25.46 34.28
CA ASP B 276 0.31 -26.76 34.90
C ASP B 276 -0.33 -27.67 33.87
N ALA B 277 0.45 -28.55 33.26
CA ALA B 277 -0.11 -29.41 32.24
C ALA B 277 -1.10 -30.39 32.84
N ASP B 278 -0.99 -30.60 34.15
CA ASP B 278 -1.89 -31.54 34.82
C ASP B 278 -3.31 -31.04 35.04
N ALA B 279 -3.54 -29.75 34.84
CA ALA B 279 -4.88 -29.19 35.03
C ALA B 279 -5.66 -28.92 33.73
N ILE B 280 -5.07 -29.25 32.57
CA ILE B 280 -5.68 -29.06 31.26
C ILE B 280 -7.13 -29.57 31.13
N GLU B 281 -7.34 -30.86 31.40
CA GLU B 281 -8.65 -31.51 31.30
C GLU B 281 -9.66 -30.92 32.28
N ARG B 282 -9.20 -30.71 33.51
CA ARG B 282 -10.04 -30.17 34.55
C ARG B 282 -10.55 -28.77 34.20
N ALA B 283 -9.68 -27.93 33.67
CA ALA B 283 -10.12 -26.58 33.33
C ALA B 283 -10.99 -26.60 32.09
N ALA B 284 -10.56 -27.35 31.08
CA ALA B 284 -11.28 -27.43 29.81
C ALA B 284 -12.60 -28.14 29.89
N SER B 285 -12.81 -28.91 30.97
CA SER B 285 -14.07 -29.65 31.14
C SER B 285 -15.06 -28.97 32.08
N THR B 286 -14.76 -27.76 32.50
CA THR B 286 -15.63 -26.99 33.39
C THR B 286 -17.03 -26.92 32.79
N GLU B 287 -18.03 -27.12 33.63
CA GLU B 287 -19.42 -27.14 33.17
C GLU B 287 -19.98 -25.92 32.45
N ASN B 288 -19.63 -24.72 32.91
CA ASN B 288 -20.16 -23.52 32.27
C ASN B 288 -19.11 -22.88 31.38
N GLU B 289 -19.38 -22.79 30.08
CA GLU B 289 -18.39 -22.20 29.19
C GLU B 289 -17.93 -20.80 29.59
N LYS B 290 -18.78 -20.08 30.31
CA LYS B 290 -18.39 -18.75 30.74
C LYS B 290 -17.34 -18.81 31.83
N ASP B 291 -16.89 -20.02 32.14
CA ASP B 291 -15.88 -20.21 33.18
C ASP B 291 -14.55 -20.67 32.60
N LEU B 292 -14.56 -21.05 31.32
CA LEU B 292 -13.34 -21.51 30.66
C LEU B 292 -12.24 -20.46 30.68
N TYR B 293 -12.60 -19.20 30.45
CA TYR B 293 -11.61 -18.13 30.45
C TYR B 293 -10.92 -18.05 31.80
N GLN B 294 -11.71 -17.99 32.85
CA GLN B 294 -11.13 -17.89 34.17
C GLN B 294 -10.37 -19.17 34.55
N ARG B 295 -10.99 -20.31 34.28
CA ARG B 295 -10.38 -21.56 34.60
C ARG B 295 -9.04 -21.68 33.90
N GLN B 296 -8.89 -21.08 32.72
CA GLN B 296 -7.62 -21.15 32.01
C GLN B 296 -6.61 -20.28 32.70
N LEU B 297 -7.02 -19.08 33.09
CA LEU B 297 -6.14 -18.18 33.81
C LEU B 297 -5.56 -18.90 35.02
N ASP B 298 -6.39 -19.71 35.68
CA ASP B 298 -5.97 -20.43 36.87
C ASP B 298 -4.93 -21.50 36.56
N VAL B 299 -4.86 -21.88 35.30
CA VAL B 299 -3.91 -22.89 34.87
C VAL B 299 -2.54 -22.29 34.65
N PHE B 300 -2.49 -20.97 34.51
CA PHE B 300 -1.22 -20.27 34.32
C PHE B 300 -0.53 -20.12 35.68
N LEU B 301 0.80 -20.08 35.69
CA LEU B 301 1.55 -19.98 36.95
C LEU B 301 2.41 -18.73 37.10
N ASP B 302 2.37 -18.16 38.30
CA ASP B 302 3.12 -16.96 38.67
C ASP B 302 4.63 -17.19 38.58
N PRO B 303 5.27 -16.68 37.52
CA PRO B 303 6.72 -16.87 37.34
C PRO B 303 7.62 -16.28 38.43
N ASN B 304 7.04 -15.52 39.36
CA ASN B 304 7.83 -14.91 40.43
C ASN B 304 7.68 -15.63 41.76
N ASP B 305 6.74 -16.56 41.82
CA ASP B 305 6.50 -17.35 43.00
C ASP B 305 7.60 -18.40 43.07
N PRO B 306 8.42 -18.40 44.14
CA PRO B 306 9.50 -19.37 44.31
C PRO B 306 9.04 -20.83 44.32
N LYS B 307 7.79 -21.04 44.72
CA LYS B 307 7.21 -22.38 44.76
C LYS B 307 7.10 -22.92 43.33
N VAL B 308 6.83 -22.01 42.39
CA VAL B 308 6.70 -22.32 41.00
C VAL B 308 8.08 -22.44 40.35
N ILE B 309 9.01 -21.57 40.77
CA ILE B 309 10.38 -21.58 40.25
C ILE B 309 11.00 -22.97 40.49
N GLU B 310 10.93 -23.42 41.74
CA GLU B 310 11.47 -24.71 42.16
C GLU B 310 10.82 -25.90 41.48
N GLN B 311 9.52 -25.81 41.22
CA GLN B 311 8.82 -26.89 40.56
C GLN B 311 9.22 -26.84 39.09
N ALA B 312 9.33 -25.63 38.57
CA ALA B 312 9.73 -25.46 37.18
C ALA B 312 11.09 -26.13 37.01
N ILE B 313 12.07 -25.69 37.81
CA ILE B 313 13.41 -26.25 37.74
C ILE B 313 13.30 -27.77 37.78
N LYS B 314 12.71 -28.24 38.87
CA LYS B 314 12.51 -29.65 39.12
C LYS B 314 11.93 -30.32 37.90
N ASP B 315 11.06 -29.61 37.19
CA ASP B 315 10.41 -30.19 36.01
C ASP B 315 11.11 -29.98 34.66
N GLY B 316 12.34 -29.50 34.70
CA GLY B 316 13.08 -29.32 33.46
C GLY B 316 12.95 -28.00 32.72
N ILE B 317 12.44 -26.95 33.35
CA ILE B 317 12.36 -25.70 32.63
C ILE B 317 13.72 -25.00 32.76
N PRO B 318 14.31 -24.59 31.62
CA PRO B 318 15.60 -23.91 31.64
C PRO B 318 15.52 -22.63 32.45
N LEU B 319 16.63 -22.28 33.10
CA LEU B 319 16.67 -21.08 33.90
C LEU B 319 16.18 -19.87 33.09
N SER B 320 16.82 -19.62 31.95
CA SER B 320 16.46 -18.49 31.08
C SER B 320 14.99 -18.48 30.66
N VAL B 321 14.38 -19.64 30.48
CA VAL B 321 12.97 -19.66 30.11
C VAL B 321 12.20 -19.13 31.31
N ILE B 322 12.65 -19.51 32.51
CA ILE B 322 12.01 -19.05 33.73
C ILE B 322 12.23 -17.57 33.86
N GLU B 323 13.45 -17.11 33.59
CA GLU B 323 13.76 -15.68 33.67
C GLU B 323 12.83 -14.86 32.78
N ALA B 324 12.83 -15.16 31.49
CA ALA B 324 11.99 -14.45 30.55
C ALA B 324 10.53 -14.58 30.95
N ALA B 325 10.16 -15.69 31.57
CA ALA B 325 8.78 -15.87 31.96
C ALA B 325 8.36 -14.80 32.94
N GLN B 326 9.33 -14.28 33.68
CA GLN B 326 9.08 -13.24 34.69
C GLN B 326 9.07 -11.81 34.15
N GLN B 327 9.41 -11.65 32.87
CA GLN B 327 9.43 -10.33 32.23
C GLN B 327 8.49 -10.36 31.04
N SER B 328 7.64 -11.38 31.01
CA SER B 328 6.67 -11.63 29.95
C SER B 328 5.55 -10.60 29.82
N PRO B 329 5.48 -9.95 28.66
CA PRO B 329 4.43 -8.95 28.44
C PRO B 329 3.08 -9.66 28.34
N VAL B 330 3.10 -10.88 27.82
CA VAL B 330 1.90 -11.67 27.68
C VAL B 330 1.31 -11.96 29.06
N TYR B 331 2.18 -12.16 30.04
CA TYR B 331 1.71 -12.44 31.38
C TYR B 331 1.07 -11.19 31.97
N LYS B 332 1.74 -10.05 31.80
CA LYS B 332 1.24 -8.78 32.32
C LYS B 332 -0.14 -8.43 31.78
N MET B 333 -0.38 -8.75 30.52
CA MET B 333 -1.67 -8.46 29.91
C MET B 333 -2.77 -9.47 30.18
N ALA B 334 -2.44 -10.75 30.23
CA ALA B 334 -3.48 -11.72 30.48
C ALA B 334 -3.73 -11.89 31.97
N MET B 335 -2.67 -11.86 32.76
CA MET B 335 -2.76 -12.05 34.21
C MET B 335 -2.94 -10.85 35.13
N GLU B 336 -2.04 -9.87 35.04
CA GLU B 336 -2.11 -8.71 35.91
C GLU B 336 -3.13 -7.65 35.54
N TRP B 337 -3.05 -7.17 34.31
CA TRP B 337 -3.93 -6.12 33.84
C TRP B 337 -5.28 -6.57 33.32
N LYS B 338 -5.41 -7.85 32.98
CA LYS B 338 -6.66 -8.37 32.45
C LYS B 338 -7.12 -7.64 31.17
N LEU B 339 -6.17 -7.34 30.27
CA LEU B 339 -6.47 -6.65 29.03
C LEU B 339 -6.57 -7.64 27.89
N ALA B 340 -5.84 -8.74 28.01
CA ALA B 340 -5.87 -9.77 26.98
C ALA B 340 -6.88 -10.85 27.32
N LEU B 341 -7.62 -11.27 26.32
CA LEU B 341 -8.64 -12.29 26.47
C LEU B 341 -8.44 -13.35 25.39
N PRO B 342 -8.96 -14.56 25.62
CA PRO B 342 -8.79 -15.61 24.61
C PRO B 342 -9.76 -15.49 23.45
N LEU B 343 -9.44 -16.16 22.36
CA LEU B 343 -10.33 -16.13 21.22
C LEU B 343 -11.18 -17.38 21.29
N HIS B 344 -12.49 -17.20 21.44
CA HIS B 344 -13.42 -18.32 21.51
C HIS B 344 -13.09 -19.39 22.54
N PRO B 345 -12.96 -18.98 23.81
CA PRO B 345 -12.65 -19.95 24.86
C PRO B 345 -13.68 -21.05 24.97
N GLU B 346 -14.85 -20.85 24.37
CA GLU B 346 -15.91 -21.85 24.44
C GLU B 346 -15.68 -23.11 23.60
N TYR B 347 -14.61 -23.15 22.81
CA TYR B 347 -14.32 -24.33 22.00
C TYR B 347 -13.58 -25.33 22.88
N ARG B 348 -13.33 -24.91 24.12
CA ARG B 348 -12.67 -25.75 25.10
C ARG B 348 -11.27 -26.24 24.74
N THR B 349 -10.53 -25.46 23.96
CA THR B 349 -9.18 -25.87 23.58
C THR B 349 -8.07 -25.25 24.42
N LEU B 350 -8.41 -24.24 25.21
CA LEU B 350 -7.43 -23.54 26.05
C LEU B 350 -6.38 -22.94 25.12
N PRO B 351 -6.81 -21.97 24.28
CA PRO B 351 -6.03 -21.23 23.29
C PRO B 351 -4.87 -20.42 23.89
N MET B 352 -3.78 -20.31 23.15
CA MET B 352 -2.63 -19.58 23.65
C MET B 352 -2.30 -18.30 22.92
N VAL B 353 -3.21 -17.86 22.05
CA VAL B 353 -3.03 -16.62 21.32
C VAL B 353 -4.22 -15.76 21.74
N TRP B 354 -3.95 -14.73 22.53
CA TRP B 354 -5.00 -13.88 23.06
C TRP B 354 -5.08 -12.50 22.44
N TYR B 355 -6.19 -11.82 22.71
CA TYR B 355 -6.42 -10.51 22.14
C TYR B 355 -6.88 -9.47 23.12
N VAL B 356 -6.48 -8.22 22.85
CA VAL B 356 -6.91 -7.07 23.62
C VAL B 356 -8.03 -6.49 22.73
N PRO B 357 -9.24 -6.32 23.27
CA PRO B 357 -10.27 -5.79 22.39
C PRO B 357 -10.00 -4.37 21.93
N PRO B 358 -10.61 -3.96 20.81
CA PRO B 358 -10.40 -2.61 20.29
C PRO B 358 -11.37 -1.56 20.81
N LEU B 359 -10.94 -0.32 20.75
CA LEU B 359 -11.80 0.79 21.14
C LEU B 359 -12.47 1.21 19.84
N SER B 360 -13.34 2.19 19.89
CA SER B 360 -14.01 2.62 18.68
C SER B 360 -14.57 4.01 18.85
N PRO B 361 -14.98 4.64 17.73
CA PRO B 361 -15.55 5.99 17.85
C PRO B 361 -16.80 5.86 18.71
N ILE B 362 -17.12 6.88 19.50
CA ILE B 362 -18.33 6.79 20.30
C ILE B 362 -19.50 6.69 19.32
N GLN B 363 -20.59 6.05 19.75
CA GLN B 363 -21.78 5.88 18.93
C GLN B 363 -22.43 7.20 18.55
N SER B 364 -23.25 7.16 17.50
CA SER B 364 -23.94 8.37 17.05
C SER B 364 -25.05 8.65 18.02
N ALA B 365 -25.11 9.88 18.50
CA ALA B 365 -26.15 10.27 19.44
C ALA B 365 -26.73 11.60 19.02
N ALA B 366 -27.90 11.95 19.58
CA ALA B 366 -28.59 13.20 19.24
C ALA B 366 -27.73 14.47 19.28
N ASP B 367 -27.24 14.86 20.44
CA ASP B 367 -26.41 16.07 20.50
C ASP B 367 -24.93 15.69 20.47
N ALA B 368 -24.07 16.71 20.36
CA ALA B 368 -22.62 16.54 20.29
C ALA B 368 -22.03 15.94 21.55
N GLY B 369 -22.88 15.66 22.53
CA GLY B 369 -22.43 15.06 23.76
C GLY B 369 -22.10 15.94 24.94
N GLU B 370 -21.79 15.27 26.06
CA GLU B 370 -21.43 15.91 27.31
C GLU B 370 -20.25 15.16 27.89
N LEU B 371 -19.36 15.88 28.55
CA LEU B 371 -18.19 15.27 29.20
C LEU B 371 -18.62 14.08 30.07
N GLY B 372 -17.98 12.94 29.85
CA GLY B 372 -18.31 11.78 30.65
C GLY B 372 -17.37 11.71 31.84
N SER B 373 -17.30 10.57 32.50
CA SER B 373 -16.40 10.47 33.63
C SER B 373 -14.97 10.59 33.14
N ASN B 374 -14.78 10.51 31.83
CA ASN B 374 -13.43 10.63 31.29
C ASN B 374 -13.14 11.94 30.57
N GLY B 375 -13.98 12.95 30.79
CA GLY B 375 -13.79 14.26 30.20
C GLY B 375 -14.10 14.34 28.73
N ILE B 376 -13.13 14.74 27.92
CA ILE B 376 -13.37 14.81 26.48
C ILE B 376 -13.17 13.42 25.85
N LEU B 377 -12.49 12.54 26.58
CA LEU B 377 -12.26 11.18 26.10
C LEU B 377 -13.52 10.38 26.36
N PRO B 378 -13.70 9.27 25.64
CA PRO B 378 -14.90 8.42 25.79
C PRO B 378 -15.06 7.58 27.06
N ASP B 379 -16.32 7.28 27.39
CA ASP B 379 -16.64 6.41 28.52
C ASP B 379 -16.90 5.11 27.80
N VAL B 380 -16.61 4.01 28.48
CA VAL B 380 -16.80 2.71 27.90
C VAL B 380 -18.23 2.51 27.37
N GLU B 381 -19.22 3.16 27.97
CA GLU B 381 -20.61 2.99 27.54
C GLU B 381 -20.93 3.63 26.19
N SER B 382 -20.11 4.58 25.77
CA SER B 382 -20.37 5.27 24.51
C SER B 382 -19.73 4.66 23.29
N LEU B 383 -18.90 3.64 23.46
CA LEU B 383 -18.24 3.04 22.33
C LEU B 383 -19.23 2.41 21.36
N ARG B 384 -18.98 2.56 20.06
CA ARG B 384 -19.92 2.04 19.05
C ARG B 384 -19.89 0.56 18.75
N ILE B 385 -18.72 -0.09 18.85
CA ILE B 385 -18.71 -1.52 18.60
C ILE B 385 -19.47 -2.15 19.77
N PRO B 386 -20.56 -2.86 19.48
CA PRO B 386 -21.35 -3.50 20.53
C PRO B 386 -20.54 -4.46 21.36
N VAL B 387 -20.45 -4.15 22.65
CA VAL B 387 -19.72 -4.98 23.58
C VAL B 387 -20.17 -6.45 23.54
N GLN B 388 -21.46 -6.70 23.30
CA GLN B 388 -21.91 -8.09 23.25
C GLN B 388 -21.28 -8.81 22.09
N TYR B 389 -20.97 -8.06 21.04
CA TYR B 389 -20.34 -8.64 19.87
C TYR B 389 -18.95 -9.13 20.28
N LEU B 390 -18.19 -8.25 20.93
CA LEU B 390 -16.87 -8.59 21.37
C LEU B 390 -16.93 -9.77 22.32
N ALA B 391 -17.86 -9.72 23.26
CA ALA B 391 -18.00 -10.82 24.19
C ALA B 391 -18.25 -12.15 23.48
N ASN B 392 -19.06 -12.18 22.42
CA ASN B 392 -19.30 -13.42 21.70
C ASN B 392 -18.00 -13.97 21.10
N LEU B 393 -17.09 -13.07 20.76
CA LEU B 393 -15.84 -13.41 20.13
C LEU B 393 -14.75 -13.87 21.09
N LEU B 394 -14.69 -13.23 22.26
CA LEU B 394 -13.65 -13.49 23.25
C LEU B 394 -14.00 -14.04 24.61
N THR B 395 -15.25 -13.95 25.03
CA THR B 395 -15.55 -14.42 26.37
C THR B 395 -16.79 -15.30 26.52
N ALA B 396 -17.12 -16.04 25.47
CA ALA B 396 -18.27 -16.94 25.50
C ALA B 396 -19.62 -16.23 25.81
N GLY B 397 -19.69 -14.94 25.52
CA GLY B 397 -20.92 -14.20 25.75
C GLY B 397 -20.92 -13.32 26.99
N ASP B 398 -19.84 -13.38 27.78
CA ASP B 398 -19.77 -12.60 29.00
C ASP B 398 -19.19 -11.21 28.76
N THR B 399 -20.01 -10.18 28.86
CA THR B 399 -19.51 -8.83 28.61
C THR B 399 -18.63 -8.26 29.72
N LYS B 400 -18.62 -8.88 30.89
CA LYS B 400 -17.85 -8.36 32.02
C LYS B 400 -16.34 -8.20 31.81
N PRO B 401 -15.62 -9.27 31.47
CA PRO B 401 -14.18 -9.11 31.25
C PRO B 401 -13.87 -8.23 30.06
N VAL B 402 -14.78 -8.16 29.09
CA VAL B 402 -14.58 -7.32 27.90
C VAL B 402 -14.64 -5.84 28.28
N LEU B 403 -15.64 -5.49 29.10
CA LEU B 403 -15.81 -4.11 29.57
C LEU B 403 -14.65 -3.71 30.45
N ARG B 404 -14.23 -4.63 31.33
CA ARG B 404 -13.11 -4.35 32.22
C ARG B 404 -11.89 -3.91 31.39
N ALA B 405 -11.53 -4.74 30.41
CA ALA B 405 -10.43 -4.40 29.53
C ALA B 405 -10.64 -3.00 28.91
N LEU B 406 -11.72 -2.83 28.17
CA LEU B 406 -11.97 -1.56 27.54
C LEU B 406 -11.94 -0.40 28.53
N LYS B 407 -12.57 -0.61 29.68
CA LYS B 407 -12.64 0.44 30.67
C LYS B 407 -11.24 0.82 31.15
N ARG B 408 -10.37 -0.17 31.37
CA ARG B 408 -9.02 0.14 31.80
C ARG B 408 -8.21 0.86 30.71
N MET B 409 -8.31 0.39 29.46
CA MET B 409 -7.64 1.03 28.33
C MET B 409 -7.98 2.52 28.38
N LEU B 410 -9.26 2.82 28.54
CA LEU B 410 -9.75 4.19 28.60
C LEU B 410 -9.27 4.90 29.86
N ALA B 411 -9.21 4.17 30.96
CA ALA B 411 -8.76 4.75 32.21
C ALA B 411 -7.35 5.28 32.03
N MET B 412 -6.49 4.46 31.42
CA MET B 412 -5.11 4.86 31.19
C MET B 412 -5.07 6.14 30.36
N ARG B 413 -5.93 6.22 29.35
CA ARG B 413 -5.97 7.40 28.50
C ARG B 413 -6.30 8.63 29.32
N HIS B 414 -7.26 8.50 30.23
CA HIS B 414 -7.68 9.60 31.09
C HIS B 414 -6.60 10.07 32.06
N TYR B 415 -5.86 9.12 32.63
CA TYR B 415 -4.80 9.42 33.58
C TYR B 415 -3.63 10.10 32.86
N LYS B 416 -3.31 9.62 31.68
CA LYS B 416 -2.21 10.19 30.92
C LYS B 416 -2.51 11.58 30.39
N ARG B 417 -3.77 11.87 30.07
CA ARG B 417 -4.07 13.20 29.55
C ARG B 417 -3.90 14.23 30.65
N ALA B 418 -4.40 13.90 31.83
CA ALA B 418 -4.29 14.77 32.99
C ALA B 418 -2.83 15.11 33.20
N GLU B 419 -1.98 14.12 33.02
CA GLU B 419 -0.56 14.28 33.19
C GLU B 419 0.16 15.09 32.12
N THR B 420 -0.17 14.87 30.85
CA THR B 420 0.53 15.55 29.78
C THR B 420 -0.08 16.84 29.24
N VAL B 421 -1.35 17.10 29.56
CA VAL B 421 -1.99 18.32 29.10
C VAL B 421 -2.20 19.24 30.28
N ASP B 422 -2.86 18.75 31.32
CA ASP B 422 -3.11 19.59 32.46
C ASP B 422 -1.94 19.61 33.43
N GLY B 423 -1.06 18.62 33.32
CA GLY B 423 0.06 18.58 34.22
C GLY B 423 -0.39 18.23 35.65
N LYS B 424 -1.54 17.59 35.78
CA LYS B 424 -2.02 17.22 37.12
C LYS B 424 -2.07 15.70 37.30
N VAL B 425 -2.03 15.26 38.55
CA VAL B 425 -2.12 13.84 38.81
C VAL B 425 -3.57 13.56 39.16
N ASP B 426 -4.29 12.90 38.25
CA ASP B 426 -5.68 12.57 38.49
C ASP B 426 -5.87 11.06 38.37
N THR B 427 -6.25 10.41 39.46
CA THR B 427 -6.41 8.97 39.44
C THR B 427 -7.86 8.53 39.57
N ARG B 428 -8.78 9.46 39.35
CA ARG B 428 -10.21 9.18 39.45
C ARG B 428 -10.55 7.99 38.56
N ALA B 429 -10.12 8.07 37.30
CA ALA B 429 -10.37 7.01 36.33
C ALA B 429 -9.74 5.69 36.78
N LEU B 430 -8.48 5.77 37.18
CA LEU B 430 -7.77 4.58 37.63
C LEU B 430 -8.43 3.92 38.83
N GLU B 431 -8.81 4.72 39.81
CA GLU B 431 -9.43 4.18 41.03
C GLU B 431 -10.73 3.48 40.71
N GLU B 432 -11.42 3.95 39.68
CA GLU B 432 -12.69 3.40 39.26
C GLU B 432 -12.61 2.00 38.66
N VAL B 433 -11.48 1.68 38.04
CA VAL B 433 -11.31 0.35 37.42
C VAL B 433 -10.41 -0.54 38.26
N GLY B 434 -9.96 -0.01 39.39
CA GLY B 434 -9.11 -0.79 40.27
C GLY B 434 -7.66 -0.94 39.81
N LEU B 435 -7.11 0.12 39.22
CA LEU B 435 -5.71 0.11 38.77
C LEU B 435 -4.92 1.11 39.60
N THR B 436 -3.62 0.90 39.74
CA THR B 436 -2.79 1.82 40.51
C THR B 436 -2.00 2.71 39.55
N GLU B 437 -1.43 3.79 40.07
CA GLU B 437 -0.67 4.69 39.20
C GLU B 437 0.44 3.93 38.51
N ALA B 438 1.11 3.06 39.25
CA ALA B 438 2.21 2.27 38.73
C ALA B 438 1.77 1.35 37.58
N GLN B 439 0.67 0.64 37.79
CA GLN B 439 0.19 -0.27 36.75
C GLN B 439 -0.18 0.45 35.46
N ALA B 440 -0.76 1.64 35.58
CA ALA B 440 -1.13 2.39 34.40
C ALA B 440 0.14 2.84 33.70
N GLN B 441 1.14 3.20 34.48
CA GLN B 441 2.41 3.63 33.88
C GLN B 441 3.05 2.48 33.13
N GLU B 442 3.02 1.28 33.71
CA GLU B 442 3.60 0.12 33.05
C GLU B 442 2.77 -0.26 31.82
N MET B 443 1.45 -0.08 31.92
CA MET B 443 0.58 -0.36 30.79
C MET B 443 1.00 0.54 29.63
N TYR B 444 1.16 1.83 29.93
CA TYR B 444 1.57 2.81 28.94
C TYR B 444 2.89 2.43 28.28
N ARG B 445 3.86 2.08 29.11
CA ARG B 445 5.18 1.68 28.65
C ARG B 445 5.10 0.60 27.58
N TYR B 446 4.41 -0.48 27.90
CA TYR B 446 4.28 -1.60 26.97
C TYR B 446 3.35 -1.35 25.77
N LEU B 447 2.20 -0.71 26.00
CA LEU B 447 1.20 -0.47 24.94
C LEU B 447 1.47 0.68 24.02
N ALA B 448 1.88 1.80 24.61
CA ALA B 448 2.14 3.00 23.83
C ALA B 448 3.55 3.05 23.24
N ILE B 449 4.57 2.98 24.09
CA ILE B 449 5.97 3.04 23.63
C ILE B 449 6.35 1.77 22.89
N ALA B 450 5.97 0.63 23.45
CA ALA B 450 6.24 -0.67 22.84
C ALA B 450 7.62 -0.85 22.20
N ASN B 451 8.66 -0.69 23.01
CA ASN B 451 10.02 -0.89 22.53
C ASN B 451 10.14 -2.34 22.12
N TYR B 452 10.86 -2.57 21.02
CA TYR B 452 11.08 -3.91 20.51
C TYR B 452 11.37 -4.91 21.62
N GLU B 453 12.31 -4.58 22.51
CA GLU B 453 12.67 -5.47 23.60
C GLU B 453 11.56 -5.68 24.63
N ASP B 454 10.49 -4.89 24.54
CA ASP B 454 9.37 -5.05 25.45
C ASP B 454 8.24 -5.83 24.80
N ARG B 455 8.15 -5.75 23.46
CA ARG B 455 7.12 -6.46 22.71
C ARG B 455 7.50 -7.93 22.57
N PHE B 456 8.79 -8.19 22.44
CA PHE B 456 9.26 -9.56 22.28
C PHE B 456 10.25 -10.02 23.34
N VAL B 457 9.85 -11.01 24.11
CA VAL B 457 10.69 -11.59 25.14
C VAL B 457 10.70 -13.10 24.90
N VAL B 458 11.42 -13.53 23.85
CA VAL B 458 11.49 -14.94 23.50
C VAL B 458 12.81 -15.58 23.89
N PRO B 459 12.76 -16.62 24.74
CA PRO B 459 13.97 -17.32 25.17
C PRO B 459 14.34 -18.38 24.15
N SER B 460 15.53 -18.95 24.30
CA SER B 460 15.99 -20.00 23.40
C SER B 460 15.27 -21.29 23.77
N SER B 461 15.05 -22.18 22.81
CA SER B 461 14.40 -23.44 23.08
C SER B 461 15.42 -24.46 23.58
N HIS B 462 16.67 -24.00 23.76
CA HIS B 462 17.76 -24.84 24.23
C HIS B 462 17.83 -26.20 23.51
N ARG B 463 18.15 -26.18 22.22
CA ARG B 463 18.24 -27.41 21.46
C ARG B 463 19.46 -28.25 21.83
N GLU B 464 20.25 -27.77 22.78
CA GLU B 464 21.42 -28.51 23.21
C GLU B 464 21.00 -29.54 24.25
N LEU B 465 19.93 -29.25 24.98
CA LEU B 465 19.46 -30.16 26.02
C LEU B 465 18.87 -31.47 25.52
N ALA B 466 19.31 -32.57 26.14
CA ALA B 466 18.83 -33.91 25.84
C ALA B 466 19.22 -34.44 24.46
N ARG B 467 20.14 -33.75 23.81
CA ARG B 467 20.59 -34.15 22.48
C ARG B 467 22.10 -33.92 22.41
N GLU B 468 22.64 -33.91 21.21
CA GLU B 468 24.07 -33.69 21.01
C GLU B 468 24.35 -32.61 20.01
N ALA B 469 24.32 -31.37 20.47
CA ALA B 469 24.57 -30.22 19.64
C ALA B 469 25.88 -30.28 18.86
N PHE B 470 26.98 -30.63 19.53
CA PHE B 470 28.28 -30.66 18.85
C PHE B 470 28.36 -31.33 17.47
N PRO B 471 28.03 -32.63 17.37
CA PRO B 471 28.11 -33.24 16.03
C PRO B 471 27.12 -32.61 15.06
N GLU B 472 26.04 -32.03 15.59
CA GLU B 472 25.04 -31.38 14.75
C GLU B 472 25.65 -30.09 14.19
N LYS B 473 26.19 -29.25 15.06
CA LYS B 473 26.83 -28.03 14.61
C LYS B 473 27.77 -28.39 13.45
N ASN B 474 28.60 -29.40 13.66
CA ASN B 474 29.57 -29.82 12.67
C ASN B 474 29.04 -30.36 11.34
N GLY B 475 28.01 -31.21 11.39
CA GLY B 475 27.51 -31.79 10.16
C GLY B 475 26.08 -31.57 9.71
N CYS B 476 25.39 -30.56 10.26
CA CYS B 476 24.02 -30.32 9.84
C CYS B 476 24.02 -29.44 8.58
N GLY B 477 23.12 -29.75 7.64
CA GLY B 477 23.03 -28.97 6.42
C GLY B 477 23.49 -29.70 5.18
N PHE B 478 24.49 -30.57 5.32
CA PHE B 478 24.98 -31.35 4.19
C PHE B 478 23.91 -32.37 3.81
N THR B 479 22.89 -31.89 3.11
CA THR B 479 21.79 -32.74 2.68
C THR B 479 22.08 -33.62 1.47
N PHE B 480 23.19 -34.36 1.52
CA PHE B 480 23.58 -35.26 0.45
C PHE B 480 22.64 -36.46 0.36
N GLY B 481 21.82 -36.64 1.39
CA GLY B 481 20.86 -37.74 1.42
C GLY B 481 21.45 -39.01 2.00
N ASP B 482 21.84 -39.00 3.27
CA ASP B 482 22.42 -40.20 3.87
C ASP B 482 21.41 -41.27 4.27
N GLY B 483 20.14 -41.03 4.00
CA GLY B 483 19.08 -41.98 4.33
C GLY B 483 18.97 -42.45 5.78
N CYS B 484 19.62 -41.75 6.71
CA CYS B 484 19.60 -42.17 8.10
C CYS B 484 18.96 -41.17 9.07
N HIS B 485 18.51 -40.03 8.54
CA HIS B 485 17.87 -39.08 9.41
C HIS B 485 16.47 -39.59 9.69
N GLY B 486 15.94 -39.22 10.86
CA GLY B 486 14.58 -39.60 11.21
C GLY B 486 14.27 -40.94 11.83
N SER B 487 15.26 -41.64 12.35
CA SER B 487 14.97 -42.91 12.99
C SER B 487 16.00 -43.14 14.08
N ASP B 488 15.57 -43.77 15.16
CA ASP B 488 16.48 -44.02 16.27
C ASP B 488 17.32 -45.26 16.09
N THR B 489 16.78 -46.28 15.43
CA THR B 489 17.55 -47.52 15.19
C THR B 489 18.61 -47.18 14.13
N LYS B 490 19.87 -47.55 14.39
CA LYS B 490 20.94 -47.24 13.42
C LYS B 490 20.90 -48.07 12.16
N PHE B 491 20.46 -49.31 12.26
CA PHE B 491 20.41 -50.16 11.08
C PHE B 491 19.58 -49.56 9.95
N ASN B 492 20.10 -49.64 8.73
CA ASN B 492 19.37 -49.15 7.56
C ASN B 492 19.67 -49.97 6.29
N LEU B 493 18.64 -50.17 5.47
CA LEU B 493 18.77 -50.97 4.26
C LEU B 493 19.79 -50.56 3.21
N PHE B 494 20.13 -49.28 3.10
CA PHE B 494 21.11 -48.88 2.11
C PHE B 494 22.55 -48.94 2.63
N ASN B 495 22.74 -49.48 3.83
CA ASN B 495 24.08 -49.63 4.41
C ASN B 495 24.81 -48.30 4.49
N SER B 496 24.22 -47.36 5.24
CA SER B 496 24.79 -46.03 5.40
C SER B 496 24.92 -45.63 6.88
N ARG B 497 25.36 -44.39 7.09
CA ARG B 497 25.56 -43.79 8.42
C ARG B 497 25.21 -42.29 8.38
N ARG B 498 24.77 -41.74 9.51
CA ARG B 498 24.41 -40.32 9.56
C ARG B 498 25.62 -39.42 9.37
N ILE B 499 25.49 -38.41 8.50
CA ILE B 499 26.56 -37.45 8.22
C ILE B 499 26.86 -36.56 9.44
N ASP B 500 25.82 -36.19 10.19
CA ASP B 500 25.95 -35.34 11.37
C ASP B 500 26.12 -36.20 12.63
N ALA B 501 26.80 -37.32 12.49
CA ALA B 501 27.03 -38.22 13.62
C ALA B 501 28.45 -38.76 13.70
N ILE B 502 28.77 -39.33 14.86
CA ILE B 502 30.07 -39.94 15.11
C ILE B 502 29.84 -41.45 15.23
N ASP B 503 30.37 -42.25 14.32
CA ASP B 503 30.15 -43.66 14.43
C ASP B 503 31.35 -44.41 15.02
N VAL B 504 32.50 -43.77 14.97
CA VAL B 504 33.67 -44.40 15.55
C VAL B 504 33.62 -44.04 17.04
N THR B 505 33.15 -44.99 17.84
CA THR B 505 33.01 -44.79 19.27
C THR B 505 34.36 -44.78 20.01
N SER B 506 34.41 -44.00 21.08
CA SER B 506 35.59 -43.88 21.91
C SER B 506 35.83 -45.19 22.65
N LYS B 507 37.09 -45.60 22.73
CA LYS B 507 37.44 -46.84 23.42
C LYS B 507 38.12 -46.52 24.75
N THR B 508 38.29 -45.22 25.01
CA THR B 508 38.92 -44.74 26.25
C THR B 508 37.81 -44.45 27.25
N GLU B 509 36.64 -45.03 26.97
CA GLU B 509 35.42 -44.90 27.77
C GLU B 509 34.55 -43.72 27.37
N FME C 1 1.04 -73.21 -23.05
CN FME C 1 2.04 -72.36 -23.25
O1 FME C 1 2.91 -72.20 -22.40
CA FME C 1 -0.03 -73.10 -22.09
CB FME C 1 -1.28 -73.79 -22.46
CG FME C 1 -2.56 -72.84 -22.18
SD FME C 1 -2.54 -71.35 -23.26
CE FME C 1 -2.62 -72.08 -24.92
C FME C 1 0.49 -73.55 -20.71
O FME C 1 0.41 -72.78 -19.75
N GLN C 2 1.06 -74.78 -20.63
CA GLN C 2 1.59 -75.28 -19.37
C GLN C 2 2.73 -74.40 -18.88
N PHE C 3 3.42 -73.74 -19.82
CA PHE C 3 4.50 -72.85 -19.43
C PHE C 3 3.87 -71.64 -18.74
N LEU C 4 2.94 -70.98 -19.43
CA LEU C 4 2.26 -69.82 -18.89
C LEU C 4 1.58 -70.20 -17.58
N ASN C 5 1.13 -71.45 -17.49
CA ASN C 5 0.47 -71.92 -16.28
C ASN C 5 1.44 -71.87 -15.08
N MET C 6 2.63 -72.44 -15.24
CA MET C 6 3.61 -72.45 -14.16
C MET C 6 4.23 -71.08 -13.87
N PHE C 7 4.28 -70.20 -14.88
CA PHE C 7 4.84 -68.89 -14.63
C PHE C 7 3.89 -68.12 -13.70
N PHE C 8 2.69 -67.88 -14.19
CA PHE C 8 1.69 -67.14 -13.45
C PHE C 8 1.28 -67.67 -12.09
N PHE C 9 1.25 -68.99 -11.93
CA PHE C 9 0.77 -69.53 -10.66
C PHE C 9 1.77 -70.22 -9.77
N ASP C 10 3.00 -70.38 -10.27
CA ASP C 10 4.06 -71.01 -9.48
C ASP C 10 5.22 -70.05 -9.24
N ILE C 11 5.44 -69.13 -10.18
CA ILE C 11 6.54 -68.17 -10.06
C ILE C 11 6.12 -66.72 -9.81
N TYR C 12 5.29 -66.20 -10.71
CA TYR C 12 4.81 -64.82 -10.62
C TYR C 12 4.31 -64.42 -9.22
N PRO C 13 3.54 -65.28 -8.54
CA PRO C 13 3.05 -64.90 -7.21
C PRO C 13 4.18 -64.62 -6.20
N TYR C 14 5.32 -65.23 -6.41
CA TYR C 14 6.46 -65.01 -5.51
C TYR C 14 7.23 -63.77 -5.90
N ILE C 15 7.13 -63.37 -7.17
CA ILE C 15 7.78 -62.16 -7.62
C ILE C 15 6.94 -61.00 -7.06
N ALA C 16 5.64 -61.04 -7.26
CA ALA C 16 4.77 -59.98 -6.76
C ALA C 16 4.79 -59.90 -5.22
N GLY C 17 4.87 -61.04 -4.56
CA GLY C 17 4.91 -61.02 -3.10
C GLY C 17 6.23 -60.48 -2.59
N ALA C 18 7.31 -60.73 -3.33
CA ALA C 18 8.63 -60.24 -2.93
C ALA C 18 8.70 -58.73 -3.14
N VAL C 19 8.20 -58.26 -4.29
CA VAL C 19 8.20 -56.85 -4.62
C VAL C 19 7.27 -56.10 -3.67
N PHE C 20 6.12 -56.70 -3.40
CA PHE C 20 5.14 -56.10 -2.51
C PHE C 20 5.72 -55.85 -1.14
N LEU C 21 6.34 -56.86 -0.54
CA LEU C 21 6.92 -56.73 0.78
C LEU C 21 8.12 -55.79 0.87
N ILE C 22 9.20 -56.13 0.17
CA ILE C 22 10.40 -55.30 0.21
C ILE C 22 10.16 -53.88 -0.32
N GLY C 23 9.23 -53.75 -1.26
CA GLY C 23 8.93 -52.45 -1.82
C GLY C 23 8.19 -51.57 -0.83
N SER C 24 7.35 -52.17 -0.01
CA SER C 24 6.61 -51.41 0.98
C SER C 24 7.58 -50.93 2.04
N TRP C 25 8.46 -51.83 2.47
CA TRP C 25 9.45 -51.50 3.47
C TRP C 25 10.35 -50.36 2.99
N LEU C 26 11.02 -50.56 1.86
CA LEU C 26 11.91 -49.54 1.32
C LEU C 26 11.27 -48.18 1.11
N ARG C 27 9.98 -48.15 0.77
CA ARG C 27 9.31 -46.87 0.55
C ARG C 27 8.84 -46.30 1.87
N TYR C 28 8.78 -47.11 2.90
CA TYR C 28 8.37 -46.61 4.19
C TYR C 28 9.60 -46.00 4.85
N ASP C 29 10.77 -46.58 4.59
CA ASP C 29 12.00 -46.08 5.18
C ASP C 29 12.61 -44.90 4.44
N TYR C 30 12.31 -44.78 3.15
CA TYR C 30 12.86 -43.71 2.32
C TYR C 30 11.81 -42.85 1.61
N GLY C 31 10.54 -43.06 1.93
CA GLY C 31 9.49 -42.28 1.28
C GLY C 31 8.36 -41.84 2.19
N GLN C 32 8.64 -41.64 3.47
CA GLN C 32 7.63 -41.21 4.43
C GLN C 32 6.75 -40.05 3.94
N TYR C 33 7.38 -39.06 3.29
CA TYR C 33 6.62 -37.90 2.81
C TYR C 33 5.66 -38.31 1.69
N THR C 34 5.87 -39.49 1.11
CA THR C 34 5.00 -39.96 0.04
C THR C 34 3.98 -40.96 0.55
N TRP C 35 4.02 -41.24 1.84
CA TRP C 35 3.07 -42.20 2.42
C TRP C 35 1.79 -41.51 2.88
N ARG C 36 0.85 -41.35 1.97
CA ARG C 36 -0.43 -40.69 2.28
C ARG C 36 -1.57 -41.27 1.42
N ALA C 37 -2.80 -40.97 1.82
CA ALA C 37 -3.98 -41.46 1.12
C ALA C 37 -4.30 -40.59 -0.08
N ALA C 38 -3.73 -39.40 -0.12
CA ALA C 38 -3.94 -38.50 -1.25
C ALA C 38 -5.39 -38.13 -1.47
N SER C 39 -6.04 -37.58 -0.45
CA SER C 39 -7.42 -37.19 -0.58
C SER C 39 -7.64 -36.12 -1.65
N SER C 40 -8.74 -36.25 -2.39
CA SER C 40 -9.05 -35.28 -3.42
C SER C 40 -10.39 -34.65 -3.05
N GLN C 41 -10.97 -35.13 -1.96
CA GLN C 41 -12.28 -34.66 -1.51
C GLN C 41 -12.48 -33.14 -1.51
N MET C 42 -11.54 -32.42 -0.93
CA MET C 42 -11.62 -30.97 -0.84
C MET C 42 -11.73 -30.29 -2.19
N LEU C 43 -11.07 -30.84 -3.19
CA LEU C 43 -11.13 -30.23 -4.50
C LEU C 43 -12.52 -30.38 -5.13
N ASP C 44 -13.25 -31.44 -4.76
CA ASP C 44 -14.60 -31.67 -5.28
C ASP C 44 -15.38 -32.62 -4.39
N ARG C 45 -16.23 -32.10 -3.52
CA ARG C 45 -17.00 -32.94 -2.62
C ARG C 45 -18.16 -33.71 -3.23
N LYS C 46 -18.53 -33.36 -4.46
CA LYS C 46 -19.66 -34.01 -5.13
C LYS C 46 -19.60 -35.54 -5.27
N GLY C 47 -20.64 -36.18 -4.74
CA GLY C 47 -20.75 -37.62 -4.80
C GLY C 47 -19.65 -38.40 -4.12
N MET C 48 -18.81 -37.71 -3.35
CA MET C 48 -17.71 -38.38 -2.64
C MET C 48 -18.17 -39.16 -1.44
N ASN C 49 -19.15 -38.62 -0.73
CA ASN C 49 -19.69 -39.26 0.44
C ASN C 49 -20.20 -40.64 0.05
N LEU C 50 -21.18 -40.65 -0.85
CA LEU C 50 -21.77 -41.88 -1.35
C LEU C 50 -20.68 -42.77 -1.94
N ALA C 51 -20.16 -42.35 -3.10
CA ALA C 51 -19.14 -43.10 -3.82
C ALA C 51 -17.98 -43.71 -3.03
N SER C 52 -17.26 -42.90 -2.25
CA SER C 52 -16.13 -43.43 -1.50
C SER C 52 -16.56 -44.45 -0.44
N ASN C 53 -17.67 -44.19 0.24
CA ASN C 53 -18.16 -45.11 1.27
C ASN C 53 -18.56 -46.44 0.68
N LEU C 54 -19.27 -46.37 -0.44
CA LEU C 54 -19.70 -47.57 -1.15
C LEU C 54 -18.43 -48.36 -1.47
N PHE C 55 -17.52 -47.74 -2.20
CA PHE C 55 -16.29 -48.40 -2.58
C PHE C 55 -15.53 -49.02 -1.40
N HIS C 56 -15.20 -48.23 -0.39
CA HIS C 56 -14.46 -48.76 0.75
C HIS C 56 -15.15 -49.81 1.58
N ILE C 57 -16.46 -49.65 1.80
CA ILE C 57 -17.18 -50.63 2.59
C ILE C 57 -17.33 -51.91 1.81
N GLY C 58 -17.41 -51.78 0.49
CA GLY C 58 -17.52 -52.96 -0.35
C GLY C 58 -16.18 -53.66 -0.37
N ILE C 59 -15.14 -52.91 -0.72
CA ILE C 59 -13.80 -53.46 -0.80
C ILE C 59 -13.38 -54.13 0.51
N LEU C 60 -13.83 -53.58 1.63
CA LEU C 60 -13.46 -54.16 2.92
C LEU C 60 -14.19 -55.48 3.18
N GLY C 61 -15.43 -55.60 2.69
CA GLY C 61 -16.17 -56.83 2.84
C GLY C 61 -15.41 -57.91 2.06
N ILE C 62 -15.05 -57.58 0.82
CA ILE C 62 -14.27 -58.48 -0.02
C ILE C 62 -13.04 -58.97 0.75
N PHE C 63 -12.18 -58.03 1.12
CA PHE C 63 -10.96 -58.38 1.85
C PHE C 63 -11.19 -59.32 3.04
N VAL C 64 -12.22 -59.04 3.83
CA VAL C 64 -12.49 -59.88 4.99
C VAL C 64 -12.84 -61.28 4.49
N GLY C 65 -13.76 -61.35 3.54
CA GLY C 65 -14.14 -62.64 2.98
C GLY C 65 -12.94 -63.33 2.35
N HIS C 66 -12.28 -62.68 1.39
CA HIS C 66 -11.10 -63.26 0.75
C HIS C 66 -10.09 -63.75 1.78
N PHE C 67 -9.90 -62.97 2.84
CA PHE C 67 -8.94 -63.34 3.87
C PHE C 67 -9.33 -64.62 4.61
N PHE C 68 -10.46 -64.61 5.30
CA PHE C 68 -10.88 -65.81 6.02
C PHE C 68 -11.28 -66.92 5.07
N GLY C 69 -11.76 -66.53 3.90
CA GLY C 69 -12.19 -67.48 2.90
C GLY C 69 -11.09 -68.41 2.45
N MET C 70 -9.96 -67.86 2.01
CA MET C 70 -8.87 -68.70 1.52
C MET C 70 -7.68 -68.95 2.42
N LEU C 71 -7.55 -68.22 3.52
CA LEU C 71 -6.40 -68.46 4.38
C LEU C 71 -6.75 -69.20 5.65
N THR C 72 -7.97 -69.70 5.74
CA THR C 72 -8.37 -70.46 6.92
C THR C 72 -8.40 -71.92 6.52
N PRO C 73 -7.59 -72.76 7.20
CA PRO C 73 -7.53 -74.21 6.93
C PRO C 73 -8.86 -74.93 7.15
N HIS C 74 -9.04 -76.06 6.47
CA HIS C 74 -10.28 -76.83 6.55
C HIS C 74 -10.63 -77.45 7.89
N TRP C 75 -9.67 -78.10 8.53
CA TRP C 75 -9.93 -78.72 9.83
C TRP C 75 -10.47 -77.74 10.87
N MET C 76 -10.41 -76.45 10.56
CA MET C 76 -10.93 -75.43 11.47
C MET C 76 -12.41 -75.20 11.21
N TYR C 77 -13.24 -75.93 11.97
CA TYR C 77 -14.70 -75.89 11.85
C TYR C 77 -15.09 -76.54 10.53
N GLU C 78 -14.43 -77.66 10.22
CA GLU C 78 -14.69 -78.41 9.00
C GLU C 78 -16.15 -78.86 8.99
N ALA C 79 -16.72 -78.94 10.20
CA ALA C 79 -18.10 -79.36 10.41
C ALA C 79 -19.10 -78.20 10.35
N TRP C 80 -18.76 -77.10 11.03
CA TRP C 80 -19.60 -75.92 11.08
C TRP C 80 -19.42 -74.98 9.89
N LEU C 81 -18.27 -75.07 9.25
CA LEU C 81 -17.98 -74.22 8.10
C LEU C 81 -17.37 -75.03 6.94
N PRO C 82 -18.13 -75.97 6.39
CA PRO C 82 -17.60 -76.76 5.27
C PRO C 82 -17.42 -75.87 4.03
N ILE C 83 -16.52 -76.28 3.14
CA ILE C 83 -16.21 -75.53 1.94
C ILE C 83 -17.42 -75.05 1.11
N GLU C 84 -18.51 -75.81 1.10
CA GLU C 84 -19.67 -75.39 0.32
C GLU C 84 -20.51 -74.31 1.01
N VAL C 85 -20.40 -74.22 2.33
CA VAL C 85 -21.12 -73.20 3.08
C VAL C 85 -20.35 -71.90 2.91
N LYS C 86 -19.04 -72.02 2.83
CA LYS C 86 -18.18 -70.87 2.63
C LYS C 86 -18.46 -70.28 1.25
N GLN C 87 -18.70 -71.16 0.28
CA GLN C 87 -19.00 -70.71 -1.06
C GLN C 87 -20.32 -69.94 -1.09
N LYS C 88 -21.31 -70.42 -0.35
CA LYS C 88 -22.60 -69.74 -0.32
C LYS C 88 -22.44 -68.36 0.33
N MET C 89 -21.64 -68.28 1.38
CA MET C 89 -21.40 -67.01 2.07
C MET C 89 -20.70 -66.02 1.14
N ALA C 90 -19.68 -66.48 0.44
CA ALA C 90 -18.94 -65.62 -0.47
C ALA C 90 -19.76 -65.22 -1.70
N MET C 91 -20.58 -66.14 -2.19
CA MET C 91 -21.40 -65.84 -3.35
C MET C 91 -22.44 -64.77 -3.03
N PHE C 92 -22.99 -64.82 -1.82
CA PHE C 92 -24.01 -63.85 -1.45
C PHE C 92 -23.47 -62.67 -0.67
N ALA C 93 -22.84 -62.94 0.47
CA ALA C 93 -22.29 -61.86 1.29
C ALA C 93 -21.20 -61.14 0.49
N GLY C 94 -20.17 -61.88 0.13
CA GLY C 94 -19.07 -61.30 -0.65
C GLY C 94 -19.52 -60.72 -1.98
N GLY C 95 -20.58 -61.29 -2.55
CA GLY C 95 -21.09 -60.81 -3.82
C GLY C 95 -21.79 -59.47 -3.67
N ALA C 96 -22.50 -59.28 -2.57
CA ALA C 96 -23.17 -58.00 -2.34
C ALA C 96 -22.11 -56.92 -2.12
N SER C 97 -21.06 -57.28 -1.38
CA SER C 97 -19.98 -56.33 -1.14
C SER C 97 -19.40 -55.97 -2.51
N GLY C 98 -19.37 -56.94 -3.41
CA GLY C 98 -18.84 -56.71 -4.74
C GLY C 98 -19.60 -55.65 -5.50
N VAL C 99 -20.93 -55.68 -5.44
CA VAL C 99 -21.75 -54.72 -6.15
C VAL C 99 -21.56 -53.31 -5.62
N LEU C 100 -21.49 -53.20 -4.31
CA LEU C 100 -21.28 -51.91 -3.65
C LEU C 100 -19.95 -51.37 -4.13
N CYS C 101 -18.91 -52.16 -3.92
CA CYS C 101 -17.57 -51.78 -4.34
C CYS C 101 -17.54 -51.31 -5.80
N LEU C 102 -18.02 -52.15 -6.69
CA LEU C 102 -18.06 -51.83 -8.12
C LEU C 102 -18.76 -50.53 -8.44
N ILE C 103 -19.86 -50.27 -7.75
CA ILE C 103 -20.58 -49.03 -8.01
C ILE C 103 -19.79 -47.83 -7.53
N GLY C 104 -19.28 -47.92 -6.30
CA GLY C 104 -18.49 -46.83 -5.73
C GLY C 104 -17.25 -46.67 -6.58
N GLY C 105 -16.61 -47.79 -6.91
CA GLY C 105 -15.43 -47.77 -7.73
C GLY C 105 -15.68 -46.99 -9.00
N VAL C 106 -16.71 -47.38 -9.74
CA VAL C 106 -17.08 -46.73 -10.99
C VAL C 106 -17.39 -45.24 -10.81
N LEU C 107 -18.16 -44.90 -9.80
CA LEU C 107 -18.50 -43.50 -9.58
C LEU C 107 -17.22 -42.71 -9.32
N LEU C 108 -16.32 -43.25 -8.50
CA LEU C 108 -15.07 -42.56 -8.23
C LEU C 108 -14.23 -42.41 -9.49
N LEU C 109 -14.24 -43.42 -10.34
CA LEU C 109 -13.46 -43.38 -11.57
C LEU C 109 -14.07 -42.37 -12.53
N LYS C 110 -15.40 -42.30 -12.59
CA LYS C 110 -16.06 -41.35 -13.46
C LYS C 110 -15.57 -39.98 -13.04
N ARG C 111 -15.57 -39.77 -11.72
CA ARG C 111 -15.14 -38.52 -11.10
C ARG C 111 -13.69 -38.16 -11.41
N ARG C 112 -12.76 -39.08 -11.12
CA ARG C 112 -11.34 -38.83 -11.37
C ARG C 112 -11.06 -38.44 -12.79
N LEU C 113 -11.81 -39.04 -13.73
CA LEU C 113 -11.61 -38.75 -15.14
C LEU C 113 -12.36 -37.54 -15.68
N PHE C 114 -13.54 -37.26 -15.15
CA PHE C 114 -14.31 -36.16 -15.70
C PHE C 114 -14.58 -34.92 -14.85
N SER C 115 -14.19 -34.93 -13.58
CA SER C 115 -14.35 -33.74 -12.74
C SER C 115 -13.04 -32.96 -12.92
N PRO C 116 -13.08 -31.88 -13.71
CA PRO C 116 -11.90 -31.06 -13.99
C PRO C 116 -10.86 -30.83 -12.88
N ARG C 117 -11.32 -30.61 -11.66
CA ARG C 117 -10.38 -30.37 -10.56
C ARG C 117 -9.60 -31.59 -10.11
N VAL C 118 -10.25 -32.74 -10.14
CA VAL C 118 -9.64 -33.98 -9.73
C VAL C 118 -8.77 -34.54 -10.83
N ARG C 119 -9.18 -34.31 -12.07
CA ARG C 119 -8.44 -34.80 -13.22
C ARG C 119 -7.16 -33.98 -13.45
N ALA C 120 -7.25 -32.68 -13.20
CA ALA C 120 -6.12 -31.78 -13.41
C ALA C 120 -4.98 -32.02 -12.44
N THR C 121 -5.33 -32.50 -11.25
CA THR C 121 -4.38 -32.73 -10.18
C THR C 121 -4.06 -34.17 -9.91
N THR C 122 -4.63 -35.08 -10.70
CA THR C 122 -4.38 -36.50 -10.49
C THR C 122 -3.06 -36.95 -11.06
N THR C 123 -2.61 -38.13 -10.62
CA THR C 123 -1.38 -38.72 -11.13
C THR C 123 -1.79 -39.93 -12.00
N GLY C 124 -0.87 -40.41 -12.82
CA GLY C 124 -1.18 -41.53 -13.67
C GLY C 124 -1.50 -42.79 -12.89
N ALA C 125 -0.72 -43.08 -11.86
CA ALA C 125 -0.94 -44.26 -11.06
C ALA C 125 -2.30 -44.25 -10.39
N ASP C 126 -2.82 -43.06 -10.06
CA ASP C 126 -4.13 -43.01 -9.42
C ASP C 126 -5.18 -43.55 -10.38
N ILE C 127 -5.00 -43.31 -11.68
CA ILE C 127 -5.93 -43.80 -12.67
C ILE C 127 -5.69 -45.28 -12.96
N LEU C 128 -4.43 -45.67 -13.13
CA LEU C 128 -4.14 -47.05 -13.41
C LEU C 128 -4.63 -47.93 -12.28
N ILE C 129 -4.34 -47.51 -11.05
CA ILE C 129 -4.74 -48.27 -9.89
C ILE C 129 -6.25 -48.38 -9.69
N LEU C 130 -6.95 -47.29 -9.88
CA LEU C 130 -8.40 -47.30 -9.69
C LEU C 130 -9.06 -48.08 -10.81
N SER C 131 -8.44 -48.08 -11.98
CA SER C 131 -9.02 -48.79 -13.10
C SER C 131 -8.85 -50.30 -12.96
N LEU C 132 -7.67 -50.74 -12.49
CA LEU C 132 -7.45 -52.17 -12.32
C LEU C 132 -8.39 -52.77 -11.26
N LEU C 133 -8.62 -52.04 -10.17
CA LEU C 133 -9.52 -52.52 -9.12
C LEU C 133 -10.96 -52.61 -9.63
N VAL C 134 -11.40 -51.64 -10.42
CA VAL C 134 -12.76 -51.68 -10.95
C VAL C 134 -12.86 -52.90 -11.86
N ILE C 135 -11.85 -53.07 -12.71
CA ILE C 135 -11.82 -54.21 -13.62
C ILE C 135 -11.74 -55.48 -12.78
N GLN C 136 -10.89 -55.49 -11.77
CA GLN C 136 -10.72 -56.66 -10.92
C GLN C 136 -12.01 -57.04 -10.16
N CYS C 137 -12.78 -56.03 -9.79
CA CYS C 137 -14.01 -56.25 -9.06
C CYS C 137 -15.06 -56.82 -10.00
N ALA C 138 -15.15 -56.27 -11.20
CA ALA C 138 -16.09 -56.75 -12.19
C ALA C 138 -15.73 -58.19 -12.53
N LEU C 139 -14.44 -58.48 -12.62
CA LEU C 139 -14.02 -59.85 -12.90
C LEU C 139 -14.54 -60.71 -11.76
N GLY C 140 -14.20 -60.32 -10.54
CA GLY C 140 -14.65 -61.04 -9.36
C GLY C 140 -16.13 -61.37 -9.39
N LEU C 141 -16.97 -60.42 -9.82
CA LEU C 141 -18.41 -60.67 -9.86
C LEU C 141 -18.80 -61.62 -11.00
N LEU C 142 -18.07 -61.56 -12.11
CA LEU C 142 -18.37 -62.45 -13.22
C LEU C 142 -17.99 -63.88 -12.90
N THR C 143 -17.22 -64.08 -11.84
CA THR C 143 -16.84 -65.44 -11.45
C THR C 143 -17.98 -66.08 -10.69
N ILE C 144 -18.90 -65.27 -10.17
CA ILE C 144 -20.00 -65.84 -9.41
C ILE C 144 -20.86 -66.80 -10.24
N PRO C 145 -21.27 -66.42 -11.46
CA PRO C 145 -22.09 -67.37 -12.22
C PRO C 145 -21.37 -68.68 -12.54
N PHE C 146 -20.03 -68.65 -12.56
CA PHE C 146 -19.29 -69.88 -12.82
C PHE C 146 -19.31 -70.77 -11.58
N SER C 147 -19.06 -70.17 -10.43
CA SER C 147 -19.08 -70.93 -9.19
C SER C 147 -20.50 -71.44 -8.92
N ALA C 148 -21.50 -70.80 -9.50
CA ALA C 148 -22.88 -71.25 -9.28
C ALA C 148 -23.12 -72.61 -9.91
N GLN C 149 -22.16 -73.06 -10.72
CA GLN C 149 -22.26 -74.35 -11.39
C GLN C 149 -21.56 -75.45 -10.63
N HIS C 150 -20.93 -75.09 -9.51
CA HIS C 150 -20.22 -76.05 -8.69
C HIS C 150 -20.51 -75.77 -7.24
N MET C 151 -21.81 -75.82 -6.91
CA MET C 151 -22.28 -75.54 -5.57
C MET C 151 -21.74 -76.51 -4.51
N ASP C 152 -21.07 -77.56 -4.96
CA ASP C 152 -20.47 -78.53 -4.05
C ASP C 152 -19.15 -77.98 -3.51
N GLY C 153 -18.70 -76.86 -4.10
CA GLY C 153 -17.47 -76.20 -3.69
C GLY C 153 -16.17 -76.68 -4.33
N SER C 154 -16.28 -77.57 -5.31
CA SER C 154 -15.10 -78.10 -5.97
C SER C 154 -14.20 -77.01 -6.53
N GLU C 155 -14.80 -75.97 -7.11
CA GLU C 155 -14.03 -74.86 -7.68
C GLU C 155 -13.30 -74.09 -6.59
N MET C 156 -14.04 -73.67 -5.57
CA MET C 156 -13.45 -72.95 -4.46
C MET C 156 -12.35 -73.79 -3.82
N MET C 157 -12.61 -75.09 -3.67
CA MET C 157 -11.62 -75.98 -3.07
C MET C 157 -10.29 -75.92 -3.81
N LYS C 158 -10.35 -75.84 -5.14
CA LYS C 158 -9.15 -75.76 -5.97
C LYS C 158 -8.39 -74.49 -5.70
N LEU C 159 -9.10 -73.36 -5.85
CA LEU C 159 -8.50 -72.06 -5.62
C LEU C 159 -7.89 -71.95 -4.23
N VAL C 160 -8.67 -72.34 -3.21
CA VAL C 160 -8.19 -72.29 -1.83
C VAL C 160 -6.93 -73.12 -1.69
N GLY C 161 -6.90 -74.27 -2.36
CA GLY C 161 -5.74 -75.14 -2.32
C GLY C 161 -4.54 -74.41 -2.88
N TRP C 162 -4.72 -73.79 -4.03
CA TRP C 162 -3.66 -73.02 -4.66
C TRP C 162 -3.13 -71.97 -3.69
N ALA C 163 -4.01 -71.07 -3.24
CA ALA C 163 -3.65 -70.01 -2.30
C ALA C 163 -2.85 -70.51 -1.11
N GLN C 164 -3.38 -71.51 -0.40
CA GLN C 164 -2.68 -72.03 0.76
C GLN C 164 -1.30 -72.65 0.44
N SER C 165 -1.12 -73.21 -0.75
CA SER C 165 0.17 -73.77 -1.12
C SER C 165 1.15 -72.60 -1.25
N VAL C 166 0.73 -71.57 -1.98
CA VAL C 166 1.55 -70.37 -2.19
C VAL C 166 2.03 -69.72 -0.89
N VAL C 167 1.09 -69.35 -0.02
CA VAL C 167 1.47 -68.71 1.24
C VAL C 167 2.27 -69.62 2.18
N THR C 168 2.30 -70.93 1.94
CA THR C 168 3.10 -71.80 2.81
C THR C 168 4.36 -72.29 2.07
N PHE C 169 4.57 -71.77 0.86
CA PHE C 169 5.74 -72.12 0.08
C PHE C 169 5.87 -73.59 -0.30
N HIS C 170 4.79 -74.15 -0.85
CA HIS C 170 4.79 -75.53 -1.32
C HIS C 170 4.78 -75.43 -2.83
N GLY C 171 5.72 -76.09 -3.50
CA GLY C 171 5.76 -76.03 -4.94
C GLY C 171 4.62 -76.80 -5.61
N GLY C 172 4.39 -76.54 -6.89
CA GLY C 172 3.34 -77.25 -7.60
C GLY C 172 1.95 -76.74 -7.27
N ALA C 173 1.91 -75.61 -6.58
CA ALA C 173 0.65 -75.01 -6.19
C ALA C 173 -0.32 -74.85 -7.35
N SER C 174 0.20 -74.69 -8.57
CA SER C 174 -0.68 -74.51 -9.74
C SER C 174 -1.46 -75.77 -10.12
N GLN C 175 -1.05 -76.92 -9.60
CA GLN C 175 -1.75 -78.15 -9.88
C GLN C 175 -3.18 -78.08 -9.33
N HIS C 176 -3.35 -77.45 -8.18
CA HIS C 176 -4.66 -77.29 -7.56
C HIS C 176 -5.64 -76.65 -8.52
N LEU C 177 -5.12 -75.92 -9.50
CA LEU C 177 -5.95 -75.23 -10.48
C LEU C 177 -6.32 -76.03 -11.71
N ASP C 178 -5.82 -77.26 -11.84
CA ASP C 178 -6.16 -78.05 -13.01
C ASP C 178 -7.67 -78.07 -13.15
N GLY C 179 -8.16 -77.69 -14.31
CA GLY C 179 -9.60 -77.71 -14.53
C GLY C 179 -10.39 -76.46 -14.24
N VAL C 180 -10.03 -75.71 -13.19
CA VAL C 180 -10.73 -74.48 -12.82
C VAL C 180 -11.04 -73.59 -14.03
N ALA C 181 -12.20 -72.95 -14.03
CA ALA C 181 -12.58 -72.09 -15.15
C ALA C 181 -11.59 -70.94 -15.37
N PHE C 182 -11.31 -70.67 -16.64
CA PHE C 182 -10.38 -69.61 -17.04
C PHE C 182 -10.63 -68.30 -16.31
N ILE C 183 -11.90 -67.89 -16.23
CA ILE C 183 -12.27 -66.66 -15.56
C ILE C 183 -11.50 -66.51 -14.24
N PHE C 184 -11.45 -67.57 -13.44
CA PHE C 184 -10.74 -67.55 -12.17
C PHE C 184 -9.24 -67.26 -12.36
N ARG C 185 -8.65 -67.83 -13.41
CA ARG C 185 -7.24 -67.64 -13.70
C ARG C 185 -6.94 -66.14 -13.87
N LEU C 186 -7.78 -65.46 -14.65
CA LEU C 186 -7.63 -64.03 -14.89
C LEU C 186 -7.74 -63.23 -13.61
N HIS C 187 -8.66 -63.61 -12.73
CA HIS C 187 -8.85 -62.90 -11.47
C HIS C 187 -7.62 -63.06 -10.60
N LEU C 188 -7.07 -64.26 -10.58
CA LEU C 188 -5.89 -64.55 -9.77
C LEU C 188 -4.65 -63.80 -10.28
N VAL C 189 -4.50 -63.72 -11.59
CA VAL C 189 -3.36 -63.03 -12.18
C VAL C 189 -3.49 -61.52 -12.00
N LEU C 190 -4.64 -60.96 -12.37
CA LEU C 190 -4.84 -59.51 -12.23
C LEU C 190 -4.82 -59.11 -10.76
N GLY C 191 -5.23 -60.01 -9.89
CA GLY C 191 -5.23 -59.72 -8.48
C GLY C 191 -3.82 -59.63 -7.92
N MET C 192 -2.98 -60.61 -8.22
CA MET C 192 -1.61 -60.62 -7.72
C MET C 192 -0.82 -59.46 -8.29
N THR C 193 -1.22 -59.00 -9.47
CA THR C 193 -0.56 -57.89 -10.13
C THR C 193 -0.77 -56.61 -9.36
N LEU C 194 -1.82 -56.58 -8.55
CA LEU C 194 -2.10 -55.41 -7.76
C LEU C 194 -1.19 -55.38 -6.54
N PHE C 195 -0.70 -56.56 -6.14
CA PHE C 195 0.21 -56.62 -5.01
C PHE C 195 1.56 -56.14 -5.50
N LEU C 196 1.82 -56.37 -6.79
CA LEU C 196 3.07 -55.98 -7.42
C LEU C 196 3.11 -54.46 -7.58
N LEU C 197 2.03 -53.90 -8.12
CA LEU C 197 1.93 -52.47 -8.34
C LEU C 197 1.58 -51.73 -7.07
N PHE C 198 1.35 -52.48 -6.01
CA PHE C 198 0.97 -51.92 -4.73
C PHE C 198 1.91 -50.86 -4.12
N PRO C 199 3.18 -51.21 -3.82
CA PRO C 199 4.11 -50.24 -3.23
C PRO C 199 4.46 -49.05 -4.08
N PHE C 200 4.01 -49.04 -5.33
CA PHE C 200 4.29 -47.93 -6.22
C PHE C 200 3.04 -47.11 -6.50
N SER C 201 2.03 -47.30 -5.65
CA SER C 201 0.77 -46.59 -5.78
C SER C 201 0.28 -46.02 -4.45
N ARG C 202 -0.93 -45.46 -4.47
CA ARG C 202 -1.53 -44.89 -3.28
C ARG C 202 -1.96 -45.98 -2.31
N LEU C 203 -2.12 -47.21 -2.81
CA LEU C 203 -2.56 -48.33 -1.97
C LEU C 203 -1.79 -48.50 -0.66
N ILE C 204 -0.63 -47.85 -0.52
CA ILE C 204 0.11 -47.97 0.73
C ILE C 204 -0.65 -47.39 1.92
N HIS C 205 -1.75 -46.68 1.68
CA HIS C 205 -2.51 -46.11 2.81
C HIS C 205 -3.11 -47.23 3.64
N ILE C 206 -3.33 -48.36 2.96
CA ILE C 206 -3.91 -49.52 3.60
C ILE C 206 -3.10 -50.01 4.79
N TRP C 207 -1.76 -49.96 4.71
CA TRP C 207 -0.94 -50.39 5.83
C TRP C 207 -1.22 -49.50 7.04
N SER C 208 -1.56 -48.25 6.74
CA SER C 208 -1.77 -47.27 7.78
C SER C 208 -3.12 -47.18 8.48
N VAL C 209 -3.99 -48.17 8.26
CA VAL C 209 -5.30 -48.20 8.92
C VAL C 209 -5.06 -47.81 10.39
N PRO C 210 -5.64 -46.69 10.82
CA PRO C 210 -5.52 -46.12 12.18
C PRO C 210 -6.18 -46.87 13.33
N VAL C 211 -5.92 -48.17 13.45
CA VAL C 211 -6.53 -48.92 14.54
C VAL C 211 -6.03 -48.53 15.94
N GLU C 212 -4.77 -48.14 16.06
CA GLU C 212 -4.24 -47.74 17.38
C GLU C 212 -5.04 -46.56 17.96
N TYR C 213 -5.71 -45.80 17.09
CA TYR C 213 -6.50 -44.65 17.53
C TYR C 213 -7.64 -44.98 18.49
N LEU C 214 -8.26 -46.14 18.34
CA LEU C 214 -9.38 -46.51 19.20
C LEU C 214 -9.05 -46.60 20.69
N THR C 215 -7.77 -46.67 21.04
CA THR C 215 -7.39 -46.79 22.45
C THR C 215 -6.33 -45.79 22.90
N ARG C 216 -6.01 -44.83 22.04
CA ARG C 216 -4.99 -43.81 22.33
C ARG C 216 -5.51 -42.68 23.23
N LYS C 217 -4.60 -42.07 23.99
CA LYS C 217 -4.98 -40.95 24.86
C LYS C 217 -5.18 -39.78 23.90
N TYR C 218 -6.14 -38.92 24.19
CA TYR C 218 -6.41 -37.78 23.31
C TYR C 218 -5.24 -36.86 23.04
N GLN C 219 -4.59 -36.36 24.09
CA GLN C 219 -3.46 -35.45 23.90
C GLN C 219 -2.10 -36.10 23.80
N LEU C 220 -1.29 -35.63 22.86
CA LEU C 220 0.05 -36.16 22.65
C LEU C 220 1.11 -35.05 22.76
N VAL C 221 2.19 -35.35 23.47
CA VAL C 221 3.27 -34.39 23.66
C VAL C 221 4.60 -35.09 23.43
N ARG C 222 5.42 -34.55 22.53
CA ARG C 222 6.72 -35.16 22.27
C ARG C 222 7.75 -34.42 23.07
N ALA C 223 8.64 -35.16 23.71
CA ALA C 223 9.67 -34.56 24.53
C ALA C 223 10.84 -34.14 23.68
N ARG C 224 11.81 -33.47 24.30
CA ARG C 224 13.01 -33.05 23.59
C ARG C 224 13.64 -34.31 23.00
N HIS C 225 13.96 -34.28 21.71
CA HIS C 225 14.57 -35.45 21.06
C HIS C 225 15.49 -34.94 19.96
PB GDP D . 3.13 7.29 -11.92
O1B GDP D . 4.36 7.92 -12.47
O2B GDP D . 1.97 7.30 -12.82
O3B GDP D . 2.78 8.00 -10.50
O3A GDP D . 3.42 5.76 -11.54
PA GDP D . 3.04 4.51 -10.67
O1A GDP D . 1.70 4.09 -11.04
O2A GDP D . 3.30 4.84 -9.24
O5' GDP D . 4.15 3.54 -11.31
C5' GDP D . 5.56 3.41 -11.22
C4' GDP D . 6.05 2.57 -12.36
O4' GDP D . 7.47 2.64 -12.34
C3' GDP D . 5.61 1.11 -12.21
O3' GDP D . 5.14 0.59 -13.45
C2' GDP D . 6.87 0.42 -11.66
O2' GDP D . 6.92 -0.96 -12.04
C1' GDP D . 8.03 1.30 -12.20
N9 GDP D . 9.17 1.50 -11.28
C8 GDP D . 9.26 1.47 -9.89
N7 GDP D . 10.46 1.70 -9.41
C5 GDP D . 11.22 1.90 -10.52
C6 GDP D . 12.63 2.21 -10.68
O6 GDP D . 13.41 2.34 -9.73
N1 GDP D . 13.08 2.35 -12.03
C2 GDP D . 12.25 2.22 -13.18
N2 GDP D . 12.82 2.39 -14.35
N3 GDP D . 10.92 1.94 -13.04
C4 GDP D . 10.45 1.78 -11.70
PB GDP E . -4.62 9.99 1.31
O1B GDP E . -4.15 11.39 1.55
O2B GDP E . -4.76 9.15 2.48
O3B GDP E . -3.59 9.32 0.25
O3A GDP E . -6.02 10.03 0.58
PA GDP E . -7.06 9.29 -0.33
O1A GDP E . -6.92 7.82 -0.11
O2A GDP E . -6.93 9.82 -1.74
O5' GDP E . -8.37 9.86 0.43
C5' GDP E . -8.63 10.36 1.71
C4' GDP E . -9.62 9.54 2.48
O4' GDP E . -10.52 10.47 3.07
C3' GDP E . -10.44 8.55 1.60
O3' GDP E . -9.94 7.19 1.64
C2' GDP E . -11.88 8.72 2.13
O2' GDP E . -12.22 7.70 3.09
C1' GDP E . -11.88 10.17 2.69
N9 GDP E . -12.34 11.23 1.73
C8 GDP E . -12.52 11.25 0.34
N7 GDP E . -12.96 12.37 -0.16
C5 GDP E . -13.09 13.19 0.94
C6 GDP E . -13.53 14.55 1.07
O6 GDP E . -13.89 15.23 0.12
N1 GDP E . -13.54 15.08 2.42
C2 GDP E . -13.15 14.36 3.58
N2 GDP E . -13.21 14.98 4.73
N3 GDP E . -12.73 13.04 3.46
C4 GDP E . -12.71 12.52 2.13
P1 AGA F . 2.07 -46.13 10.23
O3 AGA F . 3.24 -45.21 10.48
O4 AGA F . 1.18 -45.70 9.03
O5 AGA F . 1.15 -46.22 11.51
O6 AGA F . 2.57 -47.62 9.93
C4 AGA F . 1.67 -48.69 9.65
C5 AGA F . 2.44 -49.95 9.44
C6 AGA F . 1.68 -51.20 9.79
O7 AGA F . 2.52 -52.36 9.51
C7 AGA F . 3.26 -53.03 10.45
O8 AGA F . 3.85 -52.51 11.40
C8 AGA F . 3.29 -54.57 10.11
C9 AGA F . 4.46 -55.59 10.08
C10 AGA F . 4.14 -56.87 9.31
C11 AGA F . 5.36 -57.69 8.93
O9 AGA F . 2.98 -50.01 8.07
C12 AGA F . 4.27 -50.36 7.79
O10 AGA F . 5.12 -50.59 8.63
C13 AGA F . 4.54 -50.65 6.34
C14 AGA F . 5.74 -51.25 5.59
C15 AGA F . 5.86 -52.75 5.98
C16 AGA F . 7.03 -53.50 5.32
C17 AGA F . 7.12 -55.00 5.74
C18 AGA F . 8.28 -55.82 5.12
C19 AGA F . 8.31 -57.29 5.60
FE1 SF4 G . -0.09 -5.99 12.47
FE2 SF4 G . -1.22 -7.68 10.70
FE3 SF4 G . -1.06 -5.03 10.09
FE4 SF4 G . -2.82 -5.85 12.04
S1 SF4 G . -2.88 -6.35 9.81
S2 SF4 G . -1.35 -4.10 12.15
S3 SF4 G . -1.64 -7.63 12.90
S4 SF4 G . 0.67 -6.47 10.43
FE1 SF4 H . 5.07 -17.96 11.70
FE2 SF4 H . 2.60 -18.82 12.19
FE3 SF4 H . 3.12 -16.21 12.07
FE4 SF4 H . 3.11 -17.70 9.87
S1 SF4 H . 1.35 -17.26 11.19
S2 SF4 H . 4.59 -16.13 10.43
S3 SF4 H . 3.98 -19.66 10.63
S4 SF4 H . 3.92 -17.68 13.61
FE1 SF4 I . -3.90 -24.74 16.16
FE2 SF4 I . -5.61 -25.16 18.28
FE3 SF4 I . -4.86 -27.31 16.65
FE4 SF4 I . -6.47 -25.45 15.64
S1 SF4 I . -6.95 -26.84 17.44
S2 SF4 I . -4.62 -26.24 14.63
S3 SF4 I . -5.78 -23.52 16.65
S4 SF4 I . -3.52 -26.06 18.01
FE1 F3S J . -3.79 -36.65 10.89
FE3 F3S J . -4.78 -34.54 9.63
FE4 F3S J . -2.67 -35.82 8.60
S1 F3S J . -5.96 -36.24 10.50
S2 F3S J . -3.13 -37.99 9.18
S3 F3S J . -2.72 -34.68 10.56
S4 F3S J . -4.38 -34.91 7.44
CHA HEM K . -8.78 -43.54 -1.23
CHB HEM K . -8.98 -44.39 3.50
CHC HEM K . -8.71 -49.13 2.51
CHD HEM K . -8.47 -48.25 -2.21
C1A HEM K . -8.85 -43.34 0.12
C2A HEM K . -8.95 -42.06 0.82
C3A HEM K . -9.01 -42.28 2.13
C4A HEM K . -8.95 -43.73 2.30
CMA HEM K . -9.12 -41.27 3.32
CAA HEM K . -8.99 -40.69 0.11
CBA HEM K . -10.48 -40.27 -0.20
CGA HEM K . -10.68 -38.79 -0.57
O1A HEM K . -11.07 -38.02 0.35
O2A HEM K . -10.39 -38.46 -1.78
C1B HEM K . -8.92 -45.77 3.66
C2B HEM K . -8.94 -46.48 4.94
C3B HEM K . -8.87 -47.82 4.66
C4B HEM K . -8.80 -47.93 3.20
CMB HEM K . -9.04 -45.71 6.31
CAB HEM K . -8.85 -49.08 5.64
CBB HEM K . -8.90 -49.05 7.01
C1C HEM K . -8.64 -49.32 1.14
C2C HEM K . -8.54 -50.62 0.45
C3C HEM K . -8.47 -50.36 -0.86
C4C HEM K . -8.51 -48.92 -1.01
CMC HEM K . -8.54 -52.01 1.18
CAC HEM K . -8.37 -51.34 -2.08
CBC HEM K . -7.13 -51.74 -2.47
C1D HEM K . -8.53 -46.89 -2.36
C2D HEM K . -8.47 -46.20 -3.66
C3D HEM K . -8.58 -44.89 -3.37
C4D HEM K . -8.67 -44.75 -1.91
CMD HEM K . -8.34 -46.89 -5.04
CAD HEM K . -8.61 -43.62 -4.26
CBD HEM K . -10.05 -43.23 -4.76
CGD HEM K . -10.02 -42.07 -5.75
O1D HEM K . -9.94 -40.89 -5.25
O2D HEM K . -10.06 -42.42 -6.99
NA HEM K . -8.85 -44.36 1.04
NB HEM K . -8.82 -46.68 2.61
NC HEM K . -8.62 -48.29 0.22
ND HEM K . -8.64 -45.97 -1.32
FE HEM K . -8.73 -46.29 0.63
CHA HEM L . -14.06 -63.68 -5.95
CHB HEM L . -9.39 -64.74 -5.39
CHC HEM L . -8.45 -59.98 -5.19
CHD HEM L . -13.15 -58.93 -5.69
C1A HEM L . -12.89 -64.39 -5.84
C2A HEM L . -12.77 -65.85 -5.88
C3A HEM L . -11.46 -66.15 -5.70
C4A HEM L . -10.75 -64.87 -5.58
CMA HEM L . -10.76 -67.54 -5.63
CAA HEM L . -13.97 -66.81 -6.07
CBA HEM L . -14.42 -67.40 -4.67
CGA HEM L . -14.60 -68.93 -4.64
O1A HEM L . -13.58 -69.61 -4.25
O2A HEM L . -15.75 -69.41 -5.06
C1B HEM L . -8.72 -63.54 -5.27
C2B HEM L . -7.26 -63.40 -5.07
C3B HEM L . -6.99 -62.06 -5.02
C4B HEM L . -8.29 -61.35 -5.19
CMB HEM L . -6.30 -64.63 -4.96
CAB HEM L . -5.60 -61.31 -4.82
CBB HEM L . -4.40 -61.68 -5.39
C1C HEM L . -9.62 -59.26 -5.31
C2C HEM L . -9.75 -57.80 -5.29
C3C HEM L . -11.06 -57.51 -5.43
C4C HEM L . -11.78 -58.79 -5.55
CMC HEM L . -8.53 -56.81 -5.12
CAC HEM L . -11.80 -56.13 -5.47
CBC HEM L . -11.67 -55.37 -6.59
C1D HEM L . -13.82 -60.14 -5.79
C2D HEM L . -15.28 -60.30 -5.95
C3D HEM L . -15.50 -61.63 -6.00
C4D HEM L . -14.22 -62.31 -5.91
CMD HEM L . -16.32 -59.15 -6.01
CAD HEM L . -16.82 -62.48 -6.12
CBD HEM L . -17.61 -62.74 -4.77
CGD HEM L . -16.79 -63.49 -3.68
O1D HEM L . -16.42 -64.69 -3.96
O2D HEM L . -16.55 -62.81 -2.61
NA HEM L . -11.65 -63.82 -5.67
NB HEM L . -9.31 -62.28 -5.34
NC HEM L . -10.87 -59.85 -5.48
ND HEM L . -13.21 -61.40 -5.78
FE HEM L . -11.28 -61.87 -5.58
#